data_7T82
#
_entry.id   7T82
#
_cell.length_a   344.260
_cell.length_b   54.770
_cell.length_c   115.730
_cell.angle_alpha   90.000
_cell.angle_beta   102.330
_cell.angle_gamma   90.000
#
_symmetry.space_group_name_H-M   'C 1 2 1'
#
loop_
_entity.id
_entity.type
_entity.pdbx_description
1 polymer 'Leukocidin E'
2 polymer 'Antibody Fab Light Chain'
3 polymer 'Antibody Fab Heavy Chain'
4 polymer 'Centyrin S26'
#
loop_
_entity_poly.entity_id
_entity_poly.type
_entity_poly.pdbx_seq_one_letter_code
_entity_poly.pdbx_strand_id
1 'polypeptide(L)'
;NSAHHHHHHGSNTNIENIGDGAEVIKRTEDVSSKKWGVTQNVQFDFVKDKKYNKDALIVKMQGFINSRTSFSDVKGSGYE
LTKRMIWPFQYNIGLTTKDPNVSLINYLPKNKIETTDVGQTLGYNIGGNFQSAPSIGGNGSFNYSKTISYTQKSYVSEVD
KQNSKSVKWGVKANEFVTPDGKKSAHDRYLFVQSPNGPTGSAREYFAPDNQLPPLVQSGFNPSFITTLSHEKGSSDTSEF
ELSYGRNLDITYATLFPRTGIYAERKHNAFVNRNFVVRYKVNWKTHEIKVKGHN
;
A,B
2 'polypeptide(L)'
;DVLMTQTPLSLPVSLGDQASISCRSSQTIVYSDGNTYLEWYLQKPGQSPKLLIYKVSNRFSGVPDRVSGSGSGTDFTLKI
SRVEAEDLGVYYCFQGSHVPYTFGGGTKLEIKRTVAAPSVFIFPPSDEQLKSGTASVVCLLNNFYPREAKVQWKVDNALQ
SGNSQESVTEQDSKDSTYSLSSTLTLSKADYEKHKVYACEVTHQGLSSPVTKSFNRGEC
;
C,L
3 'polypeptide(L)'
;QVQLQQSGAELMNPGASVKISCKSTGYKFSSYWIEWVKQRPGHGLEWMGEILPGSGSTNHNEKFKGKAIFTADASSNTAY
MELSSLTSEDSAVYYCARTISTATDWFAYWGQGTLVTVSAASTKGPSVFPLAPSSKSTSGGTAALGCLVKDYFPEPVTVS
WNSGALTSGVHTFPAVLQSSGLYSLSSVVTVPSSSLGTQTYICNVNHKPSNTKVDKKVEPKSCHHHHHH
;
D,H
4 'polypeptide(L)'
;MLPAPKNLVVSRVTEDSARLSWTAPDAAFDSFHIEYAEPWVWGEAIVLTVPGSERSYDLTGLKPGTEYVVFIGGVKGGHN
STPLSAIFTTGGHHHHHH
;
E,F
#
# COMPACT_ATOMS: atom_id res chain seq x y z
N SER A 2 12.47 -10.84 -23.57
CA SER A 2 13.40 -11.87 -23.13
C SER A 2 13.42 -11.99 -21.61
N ALA A 3 13.61 -10.85 -20.94
CA ALA A 3 13.73 -10.79 -19.50
C ALA A 3 12.34 -10.60 -18.91
N HIS A 4 11.66 -11.72 -18.61
CA HIS A 4 10.28 -11.66 -18.15
C HIS A 4 9.99 -12.53 -16.93
N HIS A 5 10.94 -13.34 -16.47
CA HIS A 5 10.80 -14.09 -15.22
C HIS A 5 11.45 -13.26 -14.12
N HIS A 6 10.62 -12.61 -13.30
CA HIS A 6 11.13 -11.67 -12.31
C HIS A 6 11.48 -12.37 -11.00
N HIS A 7 12.45 -11.78 -10.31
CA HIS A 7 12.89 -12.21 -8.99
C HIS A 7 13.94 -11.25 -8.46
N HIS A 8 14.56 -11.56 -7.33
CA HIS A 8 15.72 -10.84 -6.85
C HIS A 8 16.93 -11.77 -6.87
N HIS A 9 18.10 -11.17 -6.70
CA HIS A 9 19.35 -11.92 -6.74
C HIS A 9 19.37 -12.97 -5.63
N GLY A 10 19.60 -14.22 -6.01
CA GLY A 10 19.65 -15.30 -5.04
C GLY A 10 18.33 -15.85 -4.60
N SER A 11 17.23 -15.48 -5.25
CA SER A 11 15.93 -15.99 -4.87
C SER A 11 15.84 -17.50 -5.05
N ASN A 12 14.99 -18.13 -4.24
CA ASN A 12 14.65 -19.54 -4.38
C ASN A 12 13.32 -19.62 -5.11
N THR A 13 13.40 -19.56 -6.43
CA THR A 13 12.23 -19.62 -7.30
C THR A 13 12.11 -21.04 -7.83
N ASN A 14 11.05 -21.75 -7.44
CA ASN A 14 10.81 -23.11 -7.91
C ASN A 14 9.59 -23.12 -8.82
N ILE A 15 9.77 -23.64 -10.04
CA ILE A 15 8.73 -23.67 -11.07
C ILE A 15 8.61 -25.09 -11.60
N GLU A 16 7.38 -25.49 -11.94
CA GLU A 16 7.13 -26.76 -12.63
C GLU A 16 6.63 -26.45 -14.02
N ASN A 17 7.39 -26.87 -15.03
CA ASN A 17 6.98 -26.71 -16.42
C ASN A 17 5.97 -27.80 -16.75
N ILE A 18 4.72 -27.39 -17.01
CA ILE A 18 3.64 -28.33 -17.28
C ILE A 18 3.41 -28.51 -18.78
N GLY A 19 4.39 -28.18 -19.60
CA GLY A 19 4.30 -28.34 -21.05
C GLY A 19 3.86 -27.06 -21.74
N ASP A 20 4.22 -26.97 -23.01
CA ASP A 20 3.89 -25.82 -23.88
C ASP A 20 4.43 -24.54 -23.23
N GLY A 21 3.80 -23.41 -23.51
CA GLY A 21 4.22 -22.16 -22.90
C GLY A 21 3.51 -21.90 -21.59
N ALA A 22 3.38 -22.94 -20.78
CA ALA A 22 2.67 -22.86 -19.51
C ALA A 22 3.51 -23.54 -18.42
N GLU A 23 3.50 -22.94 -17.24
CA GLU A 23 4.24 -23.46 -16.09
C GLU A 23 3.51 -23.08 -14.81
N VAL A 24 3.91 -23.72 -13.71
CA VAL A 24 3.29 -23.53 -12.40
C VAL A 24 4.37 -23.07 -11.43
N ILE A 25 4.17 -21.91 -10.83
CA ILE A 25 5.10 -21.33 -9.86
C ILE A 25 4.60 -21.65 -8.47
N LYS A 26 5.33 -22.47 -7.73
CA LYS A 26 4.89 -22.98 -6.44
C LYS A 26 5.49 -22.15 -5.30
N ARG A 27 4.62 -21.65 -4.42
CA ARG A 27 5.03 -20.86 -3.27
C ARG A 27 4.31 -21.37 -2.02
N THR A 28 4.97 -21.22 -0.87
CA THR A 28 4.40 -21.65 0.41
C THR A 28 4.61 -20.58 1.47
N GLU A 29 3.72 -20.60 2.47
CA GLU A 29 3.79 -19.70 3.62
C GLU A 29 3.35 -20.46 4.87
N ASP A 30 4.04 -20.21 5.98
CA ASP A 30 3.74 -20.87 7.25
C ASP A 30 3.57 -19.82 8.34
N VAL A 31 2.38 -19.76 8.92
CA VAL A 31 2.05 -18.85 10.02
C VAL A 31 1.51 -19.66 11.18
N SER A 32 2.02 -19.41 12.37
CA SER A 32 1.57 -20.05 13.59
C SER A 32 1.01 -19.00 14.54
N SER A 33 0.33 -19.46 15.58
CA SER A 33 -0.22 -18.55 16.57
C SER A 33 -0.45 -19.34 17.84
N LYS A 34 0.24 -18.95 18.92
CA LYS A 34 0.03 -19.60 20.19
C LYS A 34 -1.24 -19.12 20.87
N LYS A 35 -1.70 -17.90 20.58
CA LYS A 35 -2.92 -17.39 21.19
C LYS A 35 -4.13 -18.22 20.79
N TRP A 36 -4.25 -18.53 19.49
CA TRP A 36 -5.38 -19.27 18.96
C TRP A 36 -5.10 -20.75 18.78
N GLY A 37 -3.84 -21.19 18.91
CA GLY A 37 -3.51 -22.58 18.66
C GLY A 37 -3.83 -22.97 17.23
N VAL A 38 -3.20 -22.29 16.28
CA VAL A 38 -3.49 -22.45 14.86
C VAL A 38 -2.19 -22.35 14.07
N THR A 39 -1.98 -23.29 13.15
CA THR A 39 -0.86 -23.23 12.21
C THR A 39 -1.43 -23.33 10.79
N GLN A 40 -1.12 -22.34 9.96
CA GLN A 40 -1.60 -22.28 8.59
C GLN A 40 -0.45 -22.65 7.65
N ASN A 41 -0.54 -23.83 7.04
CA ASN A 41 0.47 -24.29 6.08
C ASN A 41 -0.17 -24.22 4.69
N VAL A 42 -0.13 -23.03 4.10
CA VAL A 42 -0.82 -22.72 2.87
C VAL A 42 0.16 -22.80 1.70
N GLN A 43 -0.25 -23.46 0.63
CA GLN A 43 0.50 -23.52 -0.61
C GLN A 43 -0.14 -22.60 -1.64
N PHE A 44 0.67 -21.85 -2.35
CA PHE A 44 0.21 -20.90 -3.36
C PHE A 44 0.81 -21.29 -4.70
N ASP A 45 0.05 -22.03 -5.50
CA ASP A 45 0.52 -22.52 -6.80
C ASP A 45 -0.06 -21.63 -7.90
N PHE A 46 0.79 -20.81 -8.51
CA PHE A 46 0.39 -19.93 -9.59
C PHE A 46 0.33 -20.69 -10.91
N VAL A 47 -0.52 -20.21 -11.81
CA VAL A 47 -0.73 -20.82 -13.12
C VAL A 47 -0.37 -19.80 -14.19
N LYS A 48 0.84 -19.91 -14.72
CA LYS A 48 1.28 -19.12 -15.87
C LYS A 48 0.93 -19.87 -17.15
N ASP A 49 0.14 -19.25 -18.02
CA ASP A 49 -0.27 -19.90 -19.25
C ASP A 49 -0.51 -18.84 -20.31
N LYS A 50 0.23 -18.93 -21.42
CA LYS A 50 0.06 -17.96 -22.50
C LYS A 50 -1.26 -18.16 -23.22
N LYS A 51 -1.78 -19.38 -23.23
CA LYS A 51 -3.07 -19.66 -23.84
C LYS A 51 -4.23 -19.32 -22.93
N TYR A 52 -3.95 -18.76 -21.75
CA TYR A 52 -4.97 -18.39 -20.77
C TYR A 52 -4.89 -16.88 -20.57
N ASN A 53 -6.01 -16.20 -20.79
CA ASN A 53 -6.06 -14.75 -20.71
C ASN A 53 -6.35 -14.24 -19.30
N LYS A 54 -6.19 -15.09 -18.28
CA LYS A 54 -6.46 -14.69 -16.91
C LYS A 54 -5.45 -15.33 -15.97
N ASP A 55 -4.90 -14.52 -15.05
CA ASP A 55 -4.02 -15.03 -14.01
C ASP A 55 -4.78 -16.00 -13.12
N ALA A 56 -4.08 -17.01 -12.62
CA ALA A 56 -4.72 -18.03 -11.79
C ALA A 56 -3.82 -18.36 -10.60
N LEU A 57 -4.45 -18.54 -9.44
CA LEU A 57 -3.74 -18.86 -8.20
C LEU A 57 -4.48 -19.98 -7.48
N ILE A 58 -3.83 -21.14 -7.36
CA ILE A 58 -4.41 -22.29 -6.69
C ILE A 58 -3.95 -22.24 -5.23
N VAL A 59 -4.91 -22.06 -4.31
CA VAL A 59 -4.62 -21.98 -2.89
C VAL A 59 -5.02 -23.30 -2.24
N LYS A 60 -4.03 -24.01 -1.69
CA LYS A 60 -4.27 -25.23 -0.91
C LYS A 60 -3.99 -24.90 0.56
N MET A 61 -5.04 -24.88 1.37
CA MET A 61 -4.96 -24.49 2.77
C MET A 61 -4.94 -25.74 3.64
N GLN A 62 -3.84 -25.93 4.37
CA GLN A 62 -3.70 -27.07 5.29
C GLN A 62 -3.22 -26.56 6.64
N GLY A 63 -2.70 -27.46 7.46
CA GLY A 63 -2.16 -27.10 8.75
C GLY A 63 -2.74 -27.87 9.91
N PHE A 64 -3.04 -27.19 11.01
CA PHE A 64 -3.62 -27.83 12.18
C PHE A 64 -4.32 -26.79 13.03
N ILE A 65 -5.51 -27.13 13.53
CA ILE A 65 -6.30 -26.26 14.40
C ILE A 65 -6.55 -27.03 15.69
N ASN A 66 -5.93 -26.58 16.78
CA ASN A 66 -6.04 -27.28 18.05
C ASN A 66 -7.48 -27.26 18.55
N SER A 67 -7.91 -28.38 19.14
CA SER A 67 -9.31 -28.54 19.52
C SER A 67 -9.73 -27.62 20.65
N ARG A 68 -8.79 -27.17 21.49
CA ARG A 68 -9.09 -26.28 22.61
C ARG A 68 -10.04 -26.93 23.61
N THR A 69 -9.89 -28.24 23.79
CA THR A 69 -10.74 -28.99 24.72
C THR A 69 -10.15 -28.96 26.12
N SER A 70 -11.02 -28.71 27.11
CA SER A 70 -10.61 -28.56 28.50
C SER A 70 -11.64 -29.14 29.45
N PHE A 71 -11.16 -29.78 30.51
CA PHE A 71 -11.99 -30.30 31.59
C PHE A 71 -11.61 -29.56 32.87
N SER A 72 -12.58 -28.88 33.48
CA SER A 72 -12.29 -28.03 34.63
C SER A 72 -13.35 -28.22 35.70
N ASP A 73 -13.00 -27.78 36.91
CA ASP A 73 -13.95 -27.68 38.01
C ASP A 73 -14.63 -26.32 37.97
N VAL A 74 -15.85 -26.27 38.48
CA VAL A 74 -16.58 -25.02 38.63
C VAL A 74 -16.30 -24.53 40.05
N LYS A 75 -15.42 -23.53 40.16
CA LYS A 75 -15.00 -23.06 41.47
C LYS A 75 -16.16 -22.36 42.18
N GLY A 76 -16.13 -22.41 43.51
CA GLY A 76 -17.20 -21.82 44.29
C GLY A 76 -17.90 -22.83 45.18
N SER A 77 -18.55 -22.33 46.23
CA SER A 77 -19.27 -23.21 47.14
C SER A 77 -20.54 -23.74 46.47
N GLY A 78 -20.82 -25.02 46.70
CA GLY A 78 -21.94 -25.71 46.10
C GLY A 78 -21.64 -26.37 44.77
N TYR A 79 -20.72 -25.79 44.00
CA TYR A 79 -20.30 -26.37 42.72
C TYR A 79 -19.15 -27.35 42.88
N GLU A 80 -19.00 -27.94 44.07
CA GLU A 80 -17.95 -28.94 44.28
C GLU A 80 -18.22 -30.22 43.52
N LEU A 81 -19.48 -30.44 43.11
CA LEU A 81 -19.88 -31.61 42.36
C LEU A 81 -20.35 -31.24 40.95
N THR A 82 -20.07 -30.02 40.50
CA THR A 82 -20.38 -29.57 39.15
C THR A 82 -19.07 -29.38 38.39
N LYS A 83 -18.91 -30.11 37.30
CA LYS A 83 -17.71 -30.07 36.48
C LYS A 83 -18.09 -29.59 35.09
N ARG A 84 -17.12 -29.04 34.38
CA ARG A 84 -17.38 -28.35 33.11
C ARG A 84 -16.43 -28.84 32.04
N MET A 85 -16.99 -29.32 30.92
CA MET A 85 -16.21 -29.69 29.76
C MET A 85 -16.50 -28.72 28.63
N ILE A 86 -15.43 -28.25 27.96
CA ILE A 86 -15.54 -27.39 26.79
C ILE A 86 -14.83 -28.07 25.65
N TRP A 87 -15.54 -28.22 24.52
CA TRP A 87 -15.05 -28.95 23.37
C TRP A 87 -15.45 -28.23 22.09
N PRO A 88 -14.73 -28.48 21.00
CA PRO A 88 -15.07 -27.81 19.73
C PRO A 88 -16.24 -28.49 19.05
N PHE A 89 -17.25 -27.69 18.68
CA PHE A 89 -18.40 -28.20 17.95
C PHE A 89 -18.26 -28.05 16.45
N GLN A 90 -17.52 -27.04 16.00
CA GLN A 90 -17.42 -26.76 14.58
C GLN A 90 -16.10 -26.05 14.29
N TYR A 91 -15.36 -26.56 13.31
CA TYR A 91 -14.15 -25.90 12.83
C TYR A 91 -14.50 -24.99 11.67
N ASN A 92 -13.78 -23.87 11.57
CA ASN A 92 -14.02 -22.87 10.55
C ASN A 92 -12.79 -22.67 9.68
N ILE A 93 -12.95 -22.81 8.36
CA ILE A 93 -11.92 -22.45 7.38
C ILE A 93 -12.59 -21.58 6.34
N GLY A 94 -11.99 -20.42 6.07
CA GLY A 94 -12.57 -19.49 5.13
C GLY A 94 -11.50 -18.69 4.40
N LEU A 95 -11.88 -18.19 3.23
CA LEU A 95 -11.00 -17.37 2.41
C LEU A 95 -11.83 -16.27 1.77
N THR A 96 -11.62 -15.04 2.20
CA THR A 96 -12.36 -13.89 1.72
C THR A 96 -11.40 -12.86 1.14
N THR A 97 -11.85 -12.15 0.11
CA THR A 97 -11.06 -11.09 -0.50
C THR A 97 -11.96 -9.91 -0.86
N LYS A 98 -11.33 -8.75 -1.07
CA LYS A 98 -12.05 -7.53 -1.39
C LYS A 98 -11.57 -6.89 -2.69
N ASP A 99 -10.76 -7.57 -3.48
CA ASP A 99 -10.32 -6.99 -4.75
C ASP A 99 -11.38 -7.23 -5.81
N PRO A 100 -11.85 -6.17 -6.49
CA PRO A 100 -12.87 -6.38 -7.53
C PRO A 100 -12.36 -7.13 -8.75
N ASN A 101 -11.05 -7.10 -9.02
CA ASN A 101 -10.50 -7.77 -10.19
C ASN A 101 -10.19 -9.24 -9.94
N VAL A 102 -10.50 -9.76 -8.76
CA VAL A 102 -10.24 -11.14 -8.39
C VAL A 102 -11.57 -11.81 -8.09
N SER A 103 -11.72 -13.05 -8.56
CA SER A 103 -12.93 -13.83 -8.32
C SER A 103 -12.58 -15.29 -8.17
N LEU A 104 -13.32 -15.99 -7.31
CA LEU A 104 -13.08 -17.39 -7.05
C LEU A 104 -13.73 -18.24 -8.14
N ILE A 105 -12.98 -19.21 -8.66
CA ILE A 105 -13.48 -20.03 -9.76
C ILE A 105 -13.79 -21.47 -9.35
N ASN A 106 -13.28 -21.94 -8.22
CA ASN A 106 -13.62 -23.27 -7.72
C ASN A 106 -13.21 -23.37 -6.26
N TYR A 107 -13.64 -24.47 -5.63
CA TYR A 107 -13.33 -24.71 -4.24
C TYR A 107 -13.67 -26.17 -3.90
N LEU A 108 -12.81 -26.80 -3.11
CA LEU A 108 -12.99 -28.21 -2.74
C LEU A 108 -12.94 -28.32 -1.22
N PRO A 109 -13.91 -29.00 -0.58
CA PRO A 109 -15.05 -29.68 -1.22
C PRO A 109 -16.12 -28.72 -1.69
N LYS A 110 -16.74 -29.05 -2.83
CA LYS A 110 -17.78 -28.20 -3.38
C LYS A 110 -19.13 -28.50 -2.74
N ASN A 111 -19.39 -29.77 -2.43
CA ASN A 111 -20.65 -30.19 -1.83
C ASN A 111 -20.40 -30.87 -0.49
N LYS A 112 -21.43 -30.83 0.36
CA LYS A 112 -21.34 -31.38 1.71
C LYS A 112 -21.01 -32.86 1.67
N ILE A 113 -19.97 -33.24 2.41
CA ILE A 113 -19.51 -34.63 2.47
C ILE A 113 -19.43 -35.05 3.94
N GLU A 114 -19.96 -36.24 4.25
CA GLU A 114 -20.11 -36.68 5.64
C GLU A 114 -19.49 -38.05 5.89
N THR A 115 -18.38 -38.36 5.23
CA THR A 115 -17.67 -39.60 5.48
C THR A 115 -16.49 -39.33 6.41
N THR A 116 -15.94 -40.41 6.97
CA THR A 116 -14.81 -40.26 7.88
C THR A 116 -13.59 -39.69 7.17
N ASP A 117 -13.24 -40.26 6.01
CA ASP A 117 -12.12 -39.78 5.23
C ASP A 117 -12.60 -38.91 4.07
N VAL A 118 -11.75 -37.97 3.65
CA VAL A 118 -12.04 -37.09 2.54
C VAL A 118 -10.81 -37.02 1.65
N GLY A 119 -10.98 -37.34 0.36
CA GLY A 119 -9.93 -37.26 -0.63
C GLY A 119 -10.49 -36.81 -1.96
N GLN A 120 -10.11 -35.61 -2.41
CA GLN A 120 -10.60 -35.04 -3.66
C GLN A 120 -9.43 -34.45 -4.42
N THR A 121 -9.61 -34.27 -5.73
CA THR A 121 -8.54 -33.80 -6.61
C THR A 121 -9.05 -32.65 -7.49
N LEU A 122 -8.14 -31.74 -7.81
CA LEU A 122 -8.37 -30.64 -8.73
C LEU A 122 -7.38 -30.76 -9.88
N GLY A 123 -7.88 -30.69 -11.11
CA GLY A 123 -6.99 -30.80 -12.26
C GLY A 123 -6.96 -29.59 -13.15
N TYR A 124 -5.90 -29.45 -13.95
CA TYR A 124 -5.75 -28.32 -14.87
C TYR A 124 -5.21 -28.80 -16.21
N ASN A 125 -5.95 -28.48 -17.27
CA ASN A 125 -5.51 -28.67 -18.65
C ASN A 125 -5.20 -27.32 -19.27
N ILE A 126 -4.25 -27.32 -20.21
CA ILE A 126 -3.80 -26.06 -20.80
C ILE A 126 -4.99 -25.39 -21.46
N GLY A 127 -5.13 -24.09 -21.21
CA GLY A 127 -6.22 -23.31 -21.78
C GLY A 127 -7.22 -22.75 -20.78
N GLY A 128 -6.97 -22.88 -19.49
CA GLY A 128 -7.90 -22.37 -18.49
C GLY A 128 -9.04 -23.30 -18.17
N ASN A 129 -8.79 -24.61 -18.12
CA ASN A 129 -9.81 -25.61 -17.87
C ASN A 129 -9.59 -26.25 -16.51
N PHE A 130 -10.50 -25.98 -15.59
CA PHE A 130 -10.47 -26.55 -14.25
C PHE A 130 -11.65 -27.50 -14.08
N GLN A 131 -11.39 -28.69 -13.53
CA GLN A 131 -12.45 -29.60 -13.15
C GLN A 131 -11.98 -30.42 -11.96
N SER A 132 -12.92 -30.76 -11.09
CA SER A 132 -12.61 -31.41 -9.81
C SER A 132 -13.34 -32.75 -9.72
N ALA A 133 -12.59 -33.78 -9.31
CA ALA A 133 -13.11 -35.14 -9.17
C ALA A 133 -13.13 -35.54 -7.71
N PRO A 134 -14.23 -36.13 -7.22
CA PRO A 134 -14.34 -36.43 -5.79
C PRO A 134 -13.56 -37.65 -5.34
N SER A 135 -12.35 -37.83 -5.88
CA SER A 135 -11.51 -38.96 -5.52
C SER A 135 -10.07 -38.59 -5.87
N ILE A 136 -9.15 -39.44 -5.46
CA ILE A 136 -7.77 -39.28 -5.87
C ILE A 136 -7.47 -40.40 -6.86
N GLY A 137 -8.51 -40.77 -7.62
CA GLY A 137 -8.38 -41.78 -8.65
C GLY A 137 -8.33 -41.14 -10.03
N GLY A 138 -7.69 -41.84 -10.94
CA GLY A 138 -7.37 -41.31 -12.25
C GLY A 138 -5.87 -41.14 -12.37
N ASN A 139 -5.36 -41.31 -13.58
CA ASN A 139 -3.91 -41.31 -13.80
C ASN A 139 -3.55 -40.42 -14.99
N GLY A 140 -3.06 -39.22 -14.69
CA GLY A 140 -2.45 -38.33 -15.67
C GLY A 140 -3.37 -37.78 -16.73
N SER A 141 -4.56 -37.33 -16.36
CA SER A 141 -5.43 -36.68 -17.32
C SER A 141 -5.14 -35.20 -17.44
N PHE A 142 -4.48 -34.60 -16.44
CA PHE A 142 -4.22 -33.17 -16.37
C PHE A 142 -2.72 -32.91 -16.38
N ASN A 143 -2.36 -31.68 -16.77
CA ASN A 143 -0.96 -31.28 -16.75
C ASN A 143 -0.45 -31.11 -15.31
N TYR A 144 -1.31 -30.59 -14.43
CA TYR A 144 -0.97 -30.43 -13.03
C TYR A 144 -2.21 -30.75 -12.20
N SER A 145 -2.01 -31.48 -11.11
CA SER A 145 -3.11 -31.88 -10.25
C SER A 145 -2.71 -31.64 -8.79
N LYS A 146 -3.69 -31.26 -7.98
CA LYS A 146 -3.50 -31.04 -6.55
C LYS A 146 -4.65 -31.73 -5.81
N THR A 147 -4.32 -32.42 -4.73
CA THR A 147 -5.32 -33.17 -3.98
C THR A 147 -5.48 -32.58 -2.58
N ILE A 148 -6.62 -32.91 -1.95
CA ILE A 148 -6.90 -32.61 -0.56
C ILE A 148 -7.12 -33.92 0.18
N SER A 149 -6.78 -33.93 1.47
CA SER A 149 -6.88 -35.16 2.25
C SER A 149 -6.99 -34.81 3.72
N TYR A 150 -8.10 -35.22 4.36
CA TYR A 150 -8.28 -35.01 5.78
C TYR A 150 -9.36 -35.94 6.29
N THR A 151 -9.18 -36.41 7.51
CA THR A 151 -10.16 -37.27 8.17
C THR A 151 -10.99 -36.45 9.15
N GLN A 152 -12.31 -36.69 9.16
CA GLN A 152 -13.25 -35.95 9.99
C GLN A 152 -14.19 -36.91 10.72
N LYS A 153 -13.61 -37.81 11.52
CA LYS A 153 -14.38 -38.80 12.26
C LYS A 153 -15.44 -38.12 13.11
N SER A 154 -16.67 -38.64 13.02
CA SER A 154 -17.85 -38.18 13.76
C SER A 154 -18.28 -36.77 13.42
N TYR A 155 -17.69 -36.15 12.40
CA TYR A 155 -18.01 -34.79 11.99
C TYR A 155 -18.45 -34.77 10.53
N VAL A 156 -18.88 -33.60 10.06
CA VAL A 156 -19.42 -33.43 8.71
C VAL A 156 -18.89 -32.13 8.13
N SER A 157 -18.32 -32.21 6.93
CA SER A 157 -17.80 -31.04 6.24
C SER A 157 -18.85 -30.51 5.28
N GLU A 158 -19.15 -29.22 5.36
CA GLU A 158 -20.13 -28.64 4.47
C GLU A 158 -19.80 -27.17 4.26
N VAL A 159 -20.14 -26.66 3.08
CA VAL A 159 -19.90 -25.26 2.76
C VAL A 159 -20.98 -24.41 3.41
N ASP A 160 -20.58 -23.32 4.05
CA ASP A 160 -21.49 -22.39 4.70
C ASP A 160 -21.75 -21.14 3.88
N LYS A 161 -20.71 -20.52 3.34
CA LYS A 161 -20.85 -19.34 2.49
C LYS A 161 -19.94 -19.50 1.29
N GLN A 162 -20.39 -19.04 0.13
CA GLN A 162 -19.57 -19.06 -1.07
C GLN A 162 -20.16 -18.11 -2.10
N ASN A 163 -19.27 -17.36 -2.78
CA ASN A 163 -19.68 -16.50 -3.88
C ASN A 163 -18.42 -16.14 -4.68
N SER A 164 -18.42 -14.97 -5.32
CA SER A 164 -17.31 -14.60 -6.18
C SER A 164 -16.12 -14.04 -5.42
N LYS A 165 -16.27 -13.72 -4.13
CA LYS A 165 -15.20 -13.09 -3.37
C LYS A 165 -14.90 -13.80 -2.05
N SER A 166 -15.61 -14.89 -1.73
CA SER A 166 -15.41 -15.55 -0.44
C SER A 166 -15.88 -16.99 -0.51
N VAL A 167 -15.37 -17.80 0.42
CA VAL A 167 -15.78 -19.19 0.59
C VAL A 167 -15.46 -19.61 2.02
N LYS A 168 -16.44 -20.19 2.70
CA LYS A 168 -16.28 -20.54 4.11
C LYS A 168 -16.84 -21.92 4.36
N TRP A 169 -16.04 -22.78 4.98
CA TRP A 169 -16.42 -24.13 5.32
C TRP A 169 -16.80 -24.22 6.80
N GLY A 170 -17.32 -25.38 7.18
CA GLY A 170 -17.65 -25.66 8.56
C GLY A 170 -17.67 -27.15 8.81
N VAL A 171 -16.86 -27.63 9.74
CA VAL A 171 -16.81 -29.06 10.07
C VAL A 171 -17.57 -29.27 11.38
N LYS A 172 -18.89 -29.38 11.27
CA LYS A 172 -19.78 -29.47 12.42
C LYS A 172 -19.80 -30.87 13.00
N ALA A 173 -20.19 -30.97 14.26
CA ALA A 173 -20.29 -32.25 14.93
C ALA A 173 -21.54 -32.99 14.50
N ASN A 174 -21.43 -34.32 14.42
CA ASN A 174 -22.50 -35.12 13.85
C ASN A 174 -22.98 -36.23 14.78
N GLU A 175 -22.36 -37.40 14.66
CA GLU A 175 -22.75 -38.58 15.42
C GLU A 175 -21.53 -39.20 16.06
N PHE A 176 -21.68 -39.66 17.29
CA PHE A 176 -20.61 -40.25 18.05
C PHE A 176 -21.01 -41.66 18.47
N VAL A 177 -20.00 -42.48 18.76
CA VAL A 177 -20.21 -43.85 19.23
C VAL A 177 -19.92 -43.88 20.73
N THR A 178 -20.96 -44.06 21.51
CA THR A 178 -20.87 -44.21 22.95
C THR A 178 -21.06 -45.67 23.34
N PRO A 179 -20.61 -46.07 24.53
CA PRO A 179 -20.79 -47.46 24.94
C PRO A 179 -22.24 -47.90 24.98
N ASP A 180 -23.19 -46.97 25.02
CA ASP A 180 -24.60 -47.32 24.99
C ASP A 180 -25.26 -46.79 23.73
N GLY A 181 -24.78 -47.24 22.58
CA GLY A 181 -25.35 -46.86 21.31
C GLY A 181 -24.77 -45.58 20.75
N LYS A 182 -25.49 -45.02 19.79
CA LYS A 182 -25.11 -43.77 19.17
C LYS A 182 -25.72 -42.61 19.95
N LYS A 183 -25.08 -41.45 19.85
CA LYS A 183 -25.60 -40.23 20.46
C LYS A 183 -25.38 -39.09 19.49
N SER A 184 -26.40 -38.25 19.32
CA SER A 184 -26.25 -37.16 18.36
C SER A 184 -25.43 -36.02 18.95
N ALA A 185 -25.06 -35.08 18.08
CA ALA A 185 -24.26 -33.96 18.53
C ALA A 185 -25.05 -32.98 19.40
N HIS A 186 -26.37 -33.09 19.43
CA HIS A 186 -27.22 -32.23 20.24
C HIS A 186 -27.71 -32.90 21.51
N ASP A 187 -27.39 -34.17 21.72
CA ASP A 187 -27.75 -34.85 22.97
C ASP A 187 -27.09 -34.14 24.14
N ARG A 188 -27.91 -33.57 25.03
CA ARG A 188 -27.34 -32.84 26.16
C ARG A 188 -26.54 -33.77 27.06
N TYR A 189 -26.88 -35.06 27.08
CA TYR A 189 -26.15 -36.05 27.86
C TYR A 189 -25.00 -36.68 27.09
N LEU A 190 -24.52 -36.01 26.05
CA LEU A 190 -23.37 -36.50 25.31
C LEU A 190 -22.09 -36.28 26.11
N PHE A 191 -21.22 -37.29 26.10
CA PHE A 191 -19.91 -37.30 26.73
C PHE A 191 -19.94 -37.32 28.25
N VAL A 192 -21.14 -37.28 28.89
CA VAL A 192 -21.20 -37.23 30.35
C VAL A 192 -21.32 -38.65 30.89
N GLN A 193 -20.82 -38.85 32.10
CA GLN A 193 -20.86 -40.15 32.75
C GLN A 193 -20.69 -39.97 34.25
N SER A 194 -21.05 -41.01 34.99
CA SER A 194 -20.93 -40.98 36.46
C SER A 194 -19.46 -41.11 36.86
N PRO A 195 -18.96 -40.26 37.76
CA PRO A 195 -17.54 -40.27 38.11
C PRO A 195 -17.13 -41.31 39.15
N ASN A 196 -17.98 -42.27 39.50
CA ASN A 196 -17.62 -43.35 40.42
C ASN A 196 -17.18 -42.80 41.79
N GLY A 197 -18.16 -42.23 42.49
CA GLY A 197 -17.93 -41.69 43.82
C GLY A 197 -18.02 -40.18 43.83
N PRO A 198 -17.85 -39.55 45.01
CA PRO A 198 -17.87 -38.08 45.08
C PRO A 198 -16.50 -37.44 45.27
N THR A 199 -15.42 -38.19 44.98
CA THR A 199 -14.05 -37.66 45.10
C THR A 199 -13.29 -37.67 43.77
N GLY A 200 -13.87 -38.22 42.71
CA GLY A 200 -13.18 -38.30 41.45
C GLY A 200 -12.89 -36.92 40.85
N SER A 201 -11.95 -36.92 39.90
CA SER A 201 -11.53 -35.70 39.21
C SER A 201 -12.61 -35.21 38.26
N ALA A 202 -12.47 -33.94 37.85
CA ALA A 202 -13.36 -33.42 36.81
C ALA A 202 -13.25 -34.27 35.55
N ARG A 203 -12.05 -34.77 35.26
CA ARG A 203 -11.85 -35.62 34.10
C ARG A 203 -12.69 -36.89 34.18
N GLU A 204 -12.93 -37.40 35.39
CA GLU A 204 -13.71 -38.63 35.54
C GLU A 204 -15.20 -38.41 35.34
N TYR A 205 -15.66 -37.16 35.32
CA TYR A 205 -17.06 -36.85 35.03
C TYR A 205 -17.39 -36.94 33.55
N PHE A 206 -16.43 -37.30 32.70
CA PHE A 206 -16.68 -37.31 31.26
C PHE A 206 -16.01 -38.54 30.64
N ALA A 207 -16.31 -38.76 29.37
CA ALA A 207 -15.87 -39.96 28.68
C ALA A 207 -14.34 -40.00 28.60
N PRO A 208 -13.75 -41.20 28.57
CA PRO A 208 -12.29 -41.29 28.48
C PRO A 208 -11.79 -40.72 27.16
N ASP A 209 -10.46 -40.64 27.04
CA ASP A 209 -9.88 -40.10 25.82
C ASP A 209 -10.06 -41.05 24.64
N ASN A 210 -10.19 -42.35 24.89
CA ASN A 210 -10.35 -43.31 23.80
C ASN A 210 -11.78 -43.33 23.24
N GLN A 211 -12.73 -42.71 23.93
CA GLN A 211 -14.09 -42.59 23.41
C GLN A 211 -14.33 -41.26 22.72
N LEU A 212 -13.28 -40.47 22.55
CA LEU A 212 -13.41 -39.18 21.91
C LEU A 212 -12.73 -39.23 20.55
N PRO A 213 -13.37 -38.72 19.50
CA PRO A 213 -12.76 -38.71 18.18
C PRO A 213 -11.55 -37.79 18.17
N PRO A 214 -10.66 -37.95 17.19
CA PRO A 214 -9.49 -37.05 17.12
C PRO A 214 -9.87 -35.57 17.06
N LEU A 215 -11.01 -35.20 16.47
CA LEU A 215 -11.37 -33.80 16.39
C LEU A 215 -11.76 -33.22 17.73
N VAL A 216 -12.06 -34.07 18.71
CA VAL A 216 -12.37 -33.59 20.06
C VAL A 216 -11.16 -33.68 20.98
N GLN A 217 -10.36 -34.73 20.83
CA GLN A 217 -9.17 -34.90 21.68
C GLN A 217 -8.04 -33.98 21.21
N SER A 218 -7.47 -34.26 20.02
CA SER A 218 -6.35 -33.48 19.50
C SER A 218 -6.83 -32.24 18.76
N GLY A 219 -7.39 -32.41 17.57
CA GLY A 219 -7.81 -31.28 16.78
C GLY A 219 -8.19 -31.69 15.37
N PHE A 220 -8.07 -30.74 14.45
CA PHE A 220 -8.46 -30.93 13.05
C PHE A 220 -7.31 -30.52 12.14
N ASN A 221 -6.96 -31.39 11.20
CA ASN A 221 -5.96 -31.07 10.20
C ASN A 221 -6.65 -30.68 8.91
N PRO A 222 -6.88 -29.39 8.64
CA PRO A 222 -7.63 -29.02 7.44
C PRO A 222 -6.86 -29.30 6.17
N SER A 223 -7.62 -29.36 5.08
CA SER A 223 -7.09 -29.59 3.75
C SER A 223 -8.11 -29.14 2.71
N PHE A 224 -8.11 -27.85 2.38
CA PHE A 224 -9.09 -27.25 1.49
C PHE A 224 -8.40 -26.52 0.36
N ILE A 225 -8.97 -26.59 -0.83
CA ILE A 225 -8.42 -25.96 -2.03
C ILE A 225 -9.45 -25.00 -2.59
N THR A 226 -8.98 -23.85 -3.07
CA THR A 226 -9.84 -22.93 -3.82
C THR A 226 -8.96 -22.09 -4.73
N THR A 227 -9.43 -21.88 -5.96
CA THR A 227 -8.68 -21.16 -6.99
C THR A 227 -9.30 -19.80 -7.24
N LEU A 228 -8.45 -18.78 -7.43
CA LEU A 228 -8.89 -17.44 -7.75
C LEU A 228 -8.31 -17.00 -9.09
N SER A 229 -9.11 -16.29 -9.87
CA SER A 229 -8.69 -15.76 -11.16
C SER A 229 -8.54 -14.24 -11.08
N HIS A 230 -7.60 -13.72 -11.88
CA HIS A 230 -7.31 -12.29 -11.94
C HIS A 230 -7.22 -11.88 -13.40
N GLU A 231 -7.87 -10.78 -13.75
CA GLU A 231 -7.78 -10.27 -15.13
C GLU A 231 -6.40 -9.71 -15.39
N LYS A 232 -5.75 -10.21 -16.43
CA LYS A 232 -4.40 -9.76 -16.76
C LYS A 232 -4.40 -8.23 -16.87
N GLY A 233 -3.36 -7.59 -16.35
CA GLY A 233 -3.41 -6.15 -16.27
C GLY A 233 -4.19 -5.73 -15.05
N SER A 234 -4.86 -4.58 -15.15
CA SER A 234 -5.70 -4.07 -14.07
C SER A 234 -4.89 -3.78 -12.81
N SER A 235 -5.09 -4.63 -11.81
CA SER A 235 -4.47 -4.48 -10.50
C SER A 235 -3.20 -5.31 -10.48
N ASP A 236 -2.15 -4.72 -9.91
CA ASP A 236 -0.89 -5.43 -9.73
C ASP A 236 -0.88 -6.24 -8.44
N THR A 237 -1.53 -5.74 -7.39
CA THR A 237 -1.56 -6.41 -6.09
C THR A 237 -2.98 -6.53 -5.60
N SER A 238 -3.23 -7.61 -4.85
CA SER A 238 -4.53 -7.84 -4.23
C SER A 238 -4.31 -8.53 -2.90
N GLU A 239 -5.28 -8.38 -1.99
CA GLU A 239 -5.19 -8.94 -0.66
C GLU A 239 -6.36 -9.87 -0.39
N PHE A 240 -6.12 -10.85 0.48
CA PHE A 240 -7.16 -11.77 0.92
C PHE A 240 -6.79 -12.31 2.29
N GLU A 241 -7.80 -12.74 3.04
CA GLU A 241 -7.65 -13.20 4.40
C GLU A 241 -8.11 -14.64 4.54
N LEU A 242 -7.31 -15.42 5.27
CA LEU A 242 -7.60 -16.83 5.53
C LEU A 242 -7.88 -16.98 7.02
N SER A 243 -9.06 -17.53 7.36
CA SER A 243 -9.49 -17.67 8.74
C SER A 243 -9.44 -19.14 9.15
N TYR A 244 -8.70 -19.44 10.20
CA TYR A 244 -8.71 -20.77 10.83
C TYR A 244 -9.24 -20.63 12.23
N GLY A 245 -10.33 -21.33 12.54
CA GLY A 245 -10.95 -21.17 13.84
C GLY A 245 -11.72 -22.36 14.35
N ARG A 246 -12.65 -22.11 15.27
CA ARG A 246 -13.44 -23.15 15.90
C ARG A 246 -14.60 -22.51 16.64
N ASN A 247 -15.59 -23.32 16.97
CA ASN A 247 -16.70 -22.91 17.82
C ASN A 247 -16.77 -23.87 19.00
N LEU A 248 -16.88 -23.32 20.20
CA LEU A 248 -16.80 -24.11 21.43
C LEU A 248 -18.17 -24.17 22.10
N ASP A 249 -18.52 -25.37 22.57
CA ASP A 249 -19.71 -25.60 23.37
C ASP A 249 -19.31 -25.97 24.80
N ILE A 250 -20.25 -25.81 25.73
CA ILE A 250 -20.04 -26.18 27.12
C ILE A 250 -21.00 -27.28 27.50
N THR A 251 -20.54 -28.24 28.30
CA THR A 251 -21.34 -29.36 28.79
C THR A 251 -21.11 -29.49 30.29
N TYR A 252 -21.99 -28.90 31.09
CA TYR A 252 -21.91 -29.03 32.54
C TYR A 252 -22.47 -30.38 32.97
N ALA A 253 -21.83 -30.98 33.97
CA ALA A 253 -22.25 -32.26 34.52
C ALA A 253 -22.31 -32.12 36.05
N THR A 254 -23.49 -31.88 36.59
CA THR A 254 -23.68 -31.74 38.03
C THR A 254 -24.07 -33.10 38.62
N LEU A 255 -23.35 -33.52 39.66
CA LEU A 255 -23.58 -34.82 40.29
C LEU A 255 -24.47 -34.68 41.53
N PHE A 256 -25.46 -35.56 41.63
CA PHE A 256 -26.29 -35.61 42.81
C PHE A 256 -26.14 -36.99 43.46
N PRO A 257 -25.87 -37.07 44.75
CA PRO A 257 -25.59 -38.38 45.35
C PRO A 257 -26.85 -39.24 45.41
N ARG A 258 -26.64 -40.55 45.32
CA ARG A 258 -27.69 -41.56 45.47
C ARG A 258 -28.83 -41.43 44.46
N THR A 259 -28.82 -40.37 43.66
CA THR A 259 -29.90 -40.10 42.73
C THR A 259 -29.33 -40.33 41.33
N GLY A 260 -28.84 -39.30 40.64
CA GLY A 260 -28.21 -39.50 39.36
C GLY A 260 -27.25 -38.37 39.08
N ILE A 261 -26.82 -38.29 37.82
CA ILE A 261 -25.93 -37.22 37.36
C ILE A 261 -26.69 -36.34 36.37
N TYR A 262 -26.86 -35.07 36.72
CA TYR A 262 -27.55 -34.13 35.85
C TYR A 262 -26.58 -33.56 34.82
N ALA A 263 -27.13 -33.23 33.65
CA ALA A 263 -26.32 -32.67 32.58
C ALA A 263 -27.12 -31.61 31.83
N GLU A 264 -26.42 -30.58 31.35
CA GLU A 264 -27.02 -29.63 30.43
C GLU A 264 -25.94 -28.99 29.59
N ARG A 265 -26.27 -28.71 28.34
CA ARG A 265 -25.32 -28.23 27.34
C ARG A 265 -25.59 -26.76 27.05
N LYS A 266 -24.53 -25.95 27.03
CA LYS A 266 -24.59 -24.57 26.55
C LYS A 266 -23.98 -24.55 25.16
N HIS A 267 -24.84 -24.49 24.15
CA HIS A 267 -24.46 -24.59 22.76
C HIS A 267 -24.05 -23.23 22.19
N ASN A 268 -22.95 -23.22 21.43
CA ASN A 268 -22.41 -22.00 20.82
C ASN A 268 -22.15 -20.92 21.86
N ALA A 269 -21.39 -21.28 22.89
CA ALA A 269 -21.01 -20.30 23.90
C ALA A 269 -19.88 -19.41 23.41
N PHE A 270 -18.90 -19.98 22.72
CA PHE A 270 -17.75 -19.25 22.19
C PHE A 270 -17.65 -19.55 20.70
N VAL A 271 -18.01 -18.57 19.88
CA VAL A 271 -18.03 -18.72 18.42
C VAL A 271 -16.97 -17.82 17.81
N ASN A 272 -16.63 -18.11 16.55
CA ASN A 272 -15.67 -17.31 15.79
C ASN A 272 -14.32 -17.22 16.50
N ARG A 273 -13.89 -18.34 17.08
CA ARG A 273 -12.58 -18.43 17.72
C ARG A 273 -11.49 -18.61 16.66
N ASN A 274 -11.43 -17.64 15.74
CA ASN A 274 -10.64 -17.75 14.52
C ASN A 274 -9.28 -17.07 14.64
N PHE A 275 -8.35 -17.55 13.82
CA PHE A 275 -7.07 -16.91 13.59
C PHE A 275 -7.00 -16.47 12.14
N VAL A 276 -7.10 -15.17 11.91
CA VAL A 276 -7.17 -14.61 10.56
C VAL A 276 -5.80 -14.05 10.18
N VAL A 277 -5.28 -14.49 9.03
CA VAL A 277 -4.02 -14.00 8.49
C VAL A 277 -4.30 -13.31 7.17
N ARG A 278 -3.70 -12.14 6.96
CA ARG A 278 -3.91 -11.36 5.75
C ARG A 278 -2.69 -11.51 4.84
N TYR A 279 -2.92 -12.05 3.64
CA TYR A 279 -1.88 -12.23 2.64
C TYR A 279 -2.06 -11.26 1.49
N LYS A 280 -0.99 -11.08 0.74
CA LYS A 280 -0.96 -10.21 -0.42
C LYS A 280 -0.25 -10.89 -1.58
N VAL A 281 -0.88 -10.89 -2.73
CA VAL A 281 -0.33 -11.51 -3.93
C VAL A 281 0.27 -10.44 -4.82
N ASN A 282 1.40 -10.77 -5.43
CA ASN A 282 2.05 -9.88 -6.39
C ASN A 282 2.00 -10.59 -7.74
N TRP A 283 0.96 -10.29 -8.52
CA TRP A 283 0.75 -10.98 -9.78
C TRP A 283 1.86 -10.72 -10.80
N LYS A 284 2.69 -9.70 -10.56
CA LYS A 284 3.79 -9.44 -11.48
C LYS A 284 5.00 -10.31 -11.16
N THR A 285 5.39 -10.38 -9.89
CA THR A 285 6.54 -11.18 -9.47
C THR A 285 6.15 -12.59 -9.03
N HIS A 286 4.85 -12.89 -8.97
CA HIS A 286 4.35 -14.21 -8.56
C HIS A 286 4.91 -14.58 -7.19
N GLU A 287 4.56 -13.78 -6.19
CA GLU A 287 5.11 -13.93 -4.86
C GLU A 287 4.05 -13.56 -3.83
N ILE A 288 4.15 -14.17 -2.65
CA ILE A 288 3.23 -13.96 -1.56
C ILE A 288 3.98 -13.35 -0.39
N LYS A 289 3.30 -12.49 0.37
CA LYS A 289 3.87 -11.98 1.61
C LYS A 289 2.73 -11.76 2.60
N VAL A 290 3.07 -11.90 3.88
CA VAL A 290 2.11 -11.74 4.95
C VAL A 290 2.03 -10.26 5.31
N LYS A 291 0.83 -9.71 5.29
CA LYS A 291 0.63 -8.32 5.69
C LYS A 291 0.42 -8.19 7.19
N GLY A 292 -0.26 -9.15 7.80
CA GLY A 292 -0.49 -9.10 9.23
C GLY A 292 -1.44 -10.20 9.66
N HIS A 293 -1.68 -10.25 10.97
CA HIS A 293 -2.57 -11.24 11.54
C HIS A 293 -3.09 -10.72 12.87
N ASN A 294 -4.01 -11.48 13.48
CA ASN A 294 -4.60 -11.11 14.76
C ASN A 294 -4.15 -12.08 15.86
N ALA B 3 -5.45 14.13 17.75
CA ALA B 3 -6.40 13.71 16.73
C ALA B 3 -7.72 13.25 17.35
N HIS B 4 -8.47 14.19 17.91
CA HIS B 4 -9.71 13.88 18.61
C HIS B 4 -10.96 14.49 17.99
N HIS B 5 -10.83 15.35 16.98
CA HIS B 5 -11.96 16.05 16.36
C HIS B 5 -12.22 15.44 15.00
N HIS B 6 -13.28 14.64 14.90
CA HIS B 6 -13.63 13.95 13.67
C HIS B 6 -14.59 14.79 12.83
N HIS B 7 -14.53 14.58 11.52
CA HIS B 7 -15.32 15.32 10.56
C HIS B 7 -15.10 14.75 9.17
N HIS B 8 -16.10 14.91 8.30
CA HIS B 8 -15.91 14.64 6.88
C HIS B 8 -14.95 15.65 6.29
N HIS B 9 -14.31 15.27 5.18
CA HIS B 9 -13.42 16.20 4.50
C HIS B 9 -14.23 17.33 3.89
N GLY B 10 -13.92 18.56 4.29
CA GLY B 10 -14.74 19.69 3.90
C GLY B 10 -16.02 19.84 4.68
N SER B 11 -16.16 19.14 5.80
CA SER B 11 -17.37 19.25 6.61
C SER B 11 -17.48 20.63 7.22
N ASN B 12 -18.69 21.21 7.14
CA ASN B 12 -18.99 22.47 7.83
C ASN B 12 -19.22 22.12 9.29
N THR B 13 -18.12 21.97 10.03
CA THR B 13 -18.16 21.64 11.44
C THR B 13 -17.94 22.92 12.24
N ASN B 14 -18.95 23.34 12.99
CA ASN B 14 -18.87 24.52 13.84
C ASN B 14 -18.89 24.07 15.30
N ILE B 15 -17.94 24.57 16.08
CA ILE B 15 -17.80 24.22 17.48
C ILE B 15 -17.80 25.51 18.28
N GLU B 16 -18.46 25.50 19.43
CA GLU B 16 -18.47 26.65 20.33
C GLU B 16 -17.79 26.26 21.63
N ASN B 17 -16.68 26.92 21.93
CA ASN B 17 -15.97 26.73 23.19
C ASN B 17 -16.69 27.50 24.28
N ILE B 18 -17.23 26.79 25.26
CA ILE B 18 -18.02 27.43 26.32
C ILE B 18 -17.17 27.70 27.56
N GLY B 19 -15.86 27.74 27.42
CA GLY B 19 -14.98 28.04 28.55
C GLY B 19 -14.46 26.79 29.22
N ASP B 20 -13.34 26.96 29.93
CA ASP B 20 -12.66 25.88 30.66
C ASP B 20 -12.31 24.77 29.67
N GLY B 21 -12.22 23.53 30.15
CA GLY B 21 -11.96 22.40 29.28
C GLY B 21 -13.24 21.78 28.76
N ALA B 22 -14.19 22.61 28.36
CA ALA B 22 -15.49 22.17 27.89
C ALA B 22 -15.86 22.87 26.60
N GLU B 23 -16.48 22.12 25.69
CA GLU B 23 -16.89 22.65 24.39
C GLU B 23 -18.15 21.92 23.96
N VAL B 24 -18.78 22.45 22.92
CA VAL B 24 -20.05 21.93 22.41
C VAL B 24 -19.86 21.57 20.94
N ILE B 25 -20.12 20.31 20.59
CA ILE B 25 -20.03 19.84 19.21
C ILE B 25 -21.44 19.86 18.63
N LYS B 26 -21.66 20.74 17.66
CA LYS B 26 -23.00 20.94 17.08
C LYS B 26 -23.14 20.16 15.79
N ARG B 27 -24.20 19.36 15.71
CA ARG B 27 -24.54 18.57 14.54
C ARG B 27 -26.01 18.78 14.20
N THR B 28 -26.33 18.69 12.92
CA THR B 28 -27.71 18.82 12.46
C THR B 28 -28.02 17.70 11.49
N GLU B 29 -29.30 17.37 11.38
CA GLU B 29 -29.78 16.35 10.47
C GLU B 29 -31.11 16.81 9.88
N ASP B 30 -31.29 16.57 8.58
CA ASP B 30 -32.51 16.96 7.88
C ASP B 30 -33.02 15.75 7.12
N VAL B 31 -34.20 15.26 7.51
CA VAL B 31 -34.85 14.14 6.85
C VAL B 31 -36.26 14.56 6.46
N SER B 32 -36.63 14.28 5.21
CA SER B 32 -37.95 14.61 4.71
C SER B 32 -38.69 13.33 4.30
N SER B 33 -39.98 13.48 4.08
CA SER B 33 -40.82 12.38 3.63
C SER B 33 -42.07 12.96 2.98
N LYS B 34 -42.25 12.72 1.69
CA LYS B 34 -43.46 13.15 1.02
C LYS B 34 -44.64 12.24 1.35
N LYS B 35 -44.37 11.01 1.77
CA LYS B 35 -45.44 10.09 2.16
C LYS B 35 -46.21 10.63 3.36
N TRP B 36 -45.48 11.05 4.39
CA TRP B 36 -46.10 11.53 5.62
C TRP B 36 -46.23 13.04 5.69
N GLY B 37 -45.62 13.77 4.75
CA GLY B 37 -45.64 15.23 4.82
C GLY B 37 -44.96 15.73 6.07
N VAL B 38 -43.69 15.37 6.24
CA VAL B 38 -42.96 15.64 7.47
C VAL B 38 -41.51 15.95 7.09
N THR B 39 -40.98 17.02 7.67
CA THR B 39 -39.56 17.35 7.56
C THR B 39 -38.99 17.48 8.97
N GLN B 40 -37.97 16.68 9.27
CA GLN B 40 -37.34 16.67 10.60
C GLN B 40 -36.01 17.39 10.54
N ASN B 41 -35.93 18.56 11.19
CA ASN B 41 -34.70 19.35 11.26
C ASN B 41 -34.19 19.25 12.71
N VAL B 42 -33.48 18.18 12.99
CA VAL B 42 -33.06 17.86 14.34
C VAL B 42 -31.63 18.34 14.54
N GLN B 43 -31.37 19.05 15.63
CA GLN B 43 -30.04 19.49 16.00
C GLN B 43 -29.51 18.62 17.13
N PHE B 44 -28.25 18.21 17.02
CA PHE B 44 -27.59 17.34 18.00
C PHE B 44 -26.36 18.06 18.52
N ASP B 45 -26.48 18.70 19.68
CA ASP B 45 -25.38 19.44 20.28
C ASP B 45 -24.76 18.58 21.38
N PHE B 46 -23.55 18.08 21.12
CA PHE B 46 -22.84 17.27 22.10
C PHE B 46 -22.21 18.15 23.17
N VAL B 47 -22.04 17.56 24.36
CA VAL B 47 -21.48 18.26 25.51
C VAL B 47 -20.18 17.55 25.87
N LYS B 48 -19.07 18.11 25.40
CA LYS B 48 -17.74 17.64 25.77
C LYS B 48 -17.30 18.39 27.02
N ASP B 49 -17.05 17.66 28.10
CA ASP B 49 -16.65 18.28 29.37
C ASP B 49 -15.78 17.30 30.14
N LYS B 50 -14.56 17.71 30.46
CA LYS B 50 -13.65 16.86 31.24
C LYS B 50 -14.11 16.75 32.69
N LYS B 51 -14.79 17.77 33.20
CA LYS B 51 -15.29 17.77 34.57
C LYS B 51 -16.62 17.03 34.72
N TYR B 52 -17.11 16.41 33.67
CA TYR B 52 -18.36 15.66 33.69
C TYR B 52 -18.05 14.20 33.39
N ASN B 53 -18.41 13.32 34.31
CA ASN B 53 -18.15 11.89 34.19
C ASN B 53 -19.24 11.14 33.44
N LYS B 54 -20.08 11.85 32.69
CA LYS B 54 -21.15 11.23 31.92
C LYS B 54 -21.30 11.99 30.60
N ASP B 55 -21.40 11.23 29.50
CA ASP B 55 -21.69 11.84 28.21
C ASP B 55 -23.06 12.50 28.21
N ALA B 56 -23.20 13.58 27.44
CA ALA B 56 -24.45 14.31 27.34
C ALA B 56 -24.71 14.69 25.90
N LEU B 57 -25.97 14.53 25.46
CA LEU B 57 -26.39 14.85 24.10
C LEU B 57 -27.73 15.59 24.15
N ILE B 58 -27.72 16.85 23.74
CA ILE B 58 -28.92 17.68 23.72
C ILE B 58 -29.56 17.57 22.34
N VAL B 59 -30.76 17.02 22.29
CA VAL B 59 -31.49 16.83 21.04
C VAL B 59 -32.57 17.90 20.95
N LYS B 60 -32.46 18.77 19.95
CA LYS B 60 -33.48 19.79 19.67
C LYS B 60 -34.20 19.37 18.39
N MET B 61 -35.47 18.99 18.54
CA MET B 61 -36.27 18.47 17.43
C MET B 61 -37.12 19.58 16.88
N GLN B 62 -36.87 19.96 15.62
CA GLN B 62 -37.65 21.01 14.97
C GLN B 62 -38.09 20.48 13.60
N GLY B 63 -38.54 21.39 12.75
CA GLY B 63 -38.97 21.04 11.42
C GLY B 63 -40.36 21.53 11.10
N PHE B 64 -41.18 20.67 10.49
CA PHE B 64 -42.54 21.02 10.11
C PHE B 64 -43.33 19.73 9.93
N ILE B 65 -44.52 19.67 10.53
CA ILE B 65 -45.42 18.54 10.39
C ILE B 65 -46.64 19.03 9.64
N ASN B 66 -46.80 18.58 8.40
CA ASN B 66 -47.91 19.02 7.57
C ASN B 66 -49.24 18.59 8.19
N SER B 67 -50.23 19.47 8.09
CA SER B 67 -51.51 19.22 8.76
C SER B 67 -52.32 18.13 8.08
N ARG B 68 -52.07 17.85 6.80
CA ARG B 68 -52.76 16.78 6.08
C ARG B 68 -54.26 17.02 6.03
N THR B 69 -54.65 18.29 5.92
CA THR B 69 -56.06 18.66 5.90
C THR B 69 -56.61 18.54 4.48
N SER B 70 -57.80 17.95 4.37
CA SER B 70 -58.43 17.68 3.09
C SER B 70 -59.94 17.88 3.19
N PHE B 71 -60.52 18.46 2.14
CA PHE B 71 -61.96 18.60 1.97
C PHE B 71 -62.36 17.83 0.73
N SER B 72 -63.23 16.82 0.90
CA SER B 72 -63.54 15.92 -0.20
C SER B 72 -65.04 15.66 -0.28
N ASP B 73 -65.45 15.14 -1.43
CA ASP B 73 -66.82 14.68 -1.63
C ASP B 73 -66.93 13.23 -1.18
N VAL B 74 -68.13 12.84 -0.76
CA VAL B 74 -68.41 11.45 -0.45
C VAL B 74 -69.03 10.83 -1.71
N LYS B 75 -68.23 10.04 -2.42
CA LYS B 75 -68.68 9.47 -3.68
C LYS B 75 -69.77 8.43 -3.42
N GLY B 76 -70.63 8.26 -4.42
CA GLY B 76 -71.73 7.32 -4.32
C GLY B 76 -73.07 7.99 -4.51
N SER B 77 -74.08 7.21 -4.92
CA SER B 77 -75.40 7.77 -5.11
C SER B 77 -76.05 8.09 -3.77
N GLY B 78 -76.70 9.25 -3.70
CA GLY B 78 -77.28 9.74 -2.47
C GLY B 78 -76.38 10.62 -1.64
N TYR B 79 -75.07 10.39 -1.69
CA TYR B 79 -74.10 11.20 -0.95
C TYR B 79 -73.67 12.45 -1.70
N GLU B 80 -74.49 12.94 -2.63
CA GLU B 80 -74.12 14.13 -3.39
C GLU B 80 -74.09 15.39 -2.53
N LEU B 81 -74.73 15.36 -1.36
CA LEU B 81 -74.73 16.51 -0.46
C LEU B 81 -74.04 16.22 0.86
N THR B 82 -73.25 15.15 0.92
CA THR B 82 -72.46 14.81 2.09
C THR B 82 -71.00 15.04 1.76
N LYS B 83 -70.36 15.94 2.51
CA LYS B 83 -68.96 16.28 2.31
C LYS B 83 -68.17 15.95 3.57
N ARG B 84 -66.88 15.68 3.39
CA ARG B 84 -66.05 15.13 4.45
C ARG B 84 -64.77 15.93 4.59
N MET B 85 -64.52 16.45 5.80
CA MET B 85 -63.29 17.15 6.11
C MET B 85 -62.49 16.32 7.10
N ILE B 86 -61.20 16.19 6.83
CA ILE B 86 -60.27 15.50 7.71
C ILE B 86 -59.21 16.51 8.13
N TRP B 87 -59.02 16.64 9.44
CA TRP B 87 -58.15 17.65 10.01
C TRP B 87 -57.38 17.04 11.17
N PRO B 88 -56.22 17.60 11.52
CA PRO B 88 -55.44 17.05 12.63
C PRO B 88 -55.99 17.48 13.99
N PHE B 89 -56.23 16.50 14.85
CA PHE B 89 -56.71 16.76 16.20
C PHE B 89 -55.57 16.83 17.20
N GLN B 90 -54.48 16.13 16.95
CA GLN B 90 -53.37 16.08 17.88
C GLN B 90 -52.10 15.80 17.10
N TYR B 91 -51.07 16.61 17.31
CA TYR B 91 -49.76 16.37 16.74
C TYR B 91 -48.91 15.53 17.69
N ASN B 92 -48.08 14.67 17.11
CA ASN B 92 -47.27 13.74 17.89
C ASN B 92 -45.80 14.03 17.65
N ILE B 93 -45.06 14.22 18.74
CA ILE B 93 -43.61 14.29 18.72
C ILE B 93 -43.12 13.36 19.81
N GLY B 94 -42.24 12.43 19.46
CA GLY B 94 -41.76 11.46 20.42
C GLY B 94 -40.33 11.05 20.15
N LEU B 95 -39.67 10.61 21.23
CA LEU B 95 -38.29 10.15 21.16
C LEU B 95 -38.14 8.94 22.08
N THR B 96 -37.89 7.77 21.50
CA THR B 96 -37.73 6.54 22.24
C THR B 96 -36.37 5.92 21.95
N THR B 97 -35.81 5.25 22.95
CA THR B 97 -34.53 4.56 22.80
C THR B 97 -34.60 3.23 23.52
N LYS B 98 -33.69 2.33 23.13
CA LYS B 98 -33.62 0.99 23.71
C LYS B 98 -32.24 0.65 24.25
N ASP B 99 -31.36 1.64 24.42
CA ASP B 99 -30.01 1.39 24.92
C ASP B 99 -30.02 1.45 26.45
N PRO B 100 -29.59 0.38 27.14
CA PRO B 100 -29.57 0.45 28.61
C PRO B 100 -28.63 1.49 29.17
N ASN B 101 -27.55 1.80 28.44
CA ASN B 101 -26.56 2.75 28.93
C ASN B 101 -26.94 4.20 28.67
N VAL B 102 -28.13 4.46 28.11
CA VAL B 102 -28.59 5.81 27.82
C VAL B 102 -29.86 6.08 28.62
N SER B 103 -29.95 7.28 29.19
CA SER B 103 -31.12 7.66 29.96
C SER B 103 -31.37 9.16 29.79
N LEU B 104 -32.65 9.54 29.78
CA LEU B 104 -33.01 10.94 29.61
C LEU B 104 -32.92 11.67 30.95
N ILE B 105 -32.27 12.83 30.95
CA ILE B 105 -32.08 13.61 32.17
C ILE B 105 -32.94 14.86 32.21
N ASN B 106 -33.49 15.30 31.07
CA ASN B 106 -34.40 16.43 31.04
C ASN B 106 -35.14 16.42 29.70
N TYR B 107 -36.15 17.27 29.61
CA TYR B 107 -36.96 17.40 28.40
C TYR B 107 -37.82 18.65 28.51
N LEU B 108 -37.95 19.38 27.40
CA LEU B 108 -38.73 20.62 27.38
C LEU B 108 -39.74 20.55 26.25
N PRO B 109 -41.03 20.87 26.52
CA PRO B 109 -41.56 21.29 27.82
C PRO B 109 -41.74 20.15 28.80
N LYS B 110 -41.52 20.41 30.10
CA LYS B 110 -41.69 19.36 31.09
C LYS B 110 -43.14 19.24 31.55
N ASN B 111 -43.85 20.35 31.69
CA ASN B 111 -45.20 20.34 32.21
C ASN B 111 -46.16 20.95 31.20
N LYS B 112 -47.43 20.55 31.32
CA LYS B 112 -48.46 20.96 30.37
C LYS B 112 -48.58 22.48 30.31
N ILE B 113 -48.47 23.02 29.10
CA ILE B 113 -48.59 24.45 28.85
C ILE B 113 -49.61 24.65 27.73
N GLU B 114 -50.53 25.59 27.92
CA GLU B 114 -51.66 25.76 27.01
C GLU B 114 -51.79 27.19 26.49
N THR B 115 -50.68 27.87 26.28
CA THR B 115 -50.72 29.23 25.75
C THR B 115 -50.48 29.22 24.25
N THR B 116 -50.80 30.35 23.60
CA THR B 116 -50.61 30.44 22.16
C THR B 116 -49.14 30.37 21.79
N ASP B 117 -48.30 31.14 22.47
CA ASP B 117 -46.86 31.11 22.24
C ASP B 117 -46.18 30.26 23.31
N VAL B 118 -45.06 29.65 22.93
CA VAL B 118 -44.28 28.81 23.83
C VAL B 118 -42.82 29.21 23.70
N GLY B 119 -42.20 29.55 24.83
CA GLY B 119 -40.79 29.86 24.86
C GLY B 119 -40.15 29.39 26.14
N GLN B 120 -39.26 28.39 26.06
CA GLN B 120 -38.56 27.88 27.22
C GLN B 120 -37.09 27.69 26.85
N THR B 121 -36.24 27.64 27.86
CA THR B 121 -34.80 27.61 27.67
C THR B 121 -34.19 26.50 28.51
N LEU B 122 -33.14 25.89 27.97
CA LEU B 122 -32.32 24.92 28.70
C LEU B 122 -30.90 25.44 28.72
N GLY B 123 -30.31 25.50 29.91
CA GLY B 123 -28.95 26.00 30.07
C GLY B 123 -28.03 24.96 30.68
N TYR B 124 -26.72 25.14 30.52
CA TYR B 124 -25.75 24.19 31.04
C TYR B 124 -24.60 24.93 31.71
N ASN B 125 -24.33 24.56 32.96
CA ASN B 125 -23.17 25.03 33.70
C ASN B 125 -22.15 23.89 33.80
N ILE B 126 -20.87 24.27 33.80
CA ILE B 126 -19.79 23.27 33.75
C ILE B 126 -19.89 22.36 34.97
N GLY B 127 -19.76 21.05 34.73
CA GLY B 127 -19.83 20.06 35.78
C GLY B 127 -21.01 19.12 35.71
N GLY B 128 -21.80 19.17 34.64
CA GLY B 128 -22.97 18.33 34.53
C GLY B 128 -24.20 18.88 35.22
N ASN B 129 -24.41 20.20 35.13
CA ASN B 129 -25.53 20.87 35.77
C ASN B 129 -26.50 21.35 34.70
N PHE B 130 -27.67 20.72 34.64
CA PHE B 130 -28.72 21.10 33.71
C PHE B 130 -29.89 21.69 34.49
N GLN B 131 -30.41 22.81 34.00
CA GLN B 131 -31.62 23.39 34.55
C GLN B 131 -32.34 24.16 33.44
N SER B 132 -33.67 24.14 33.51
CA SER B 132 -34.52 24.70 32.46
C SER B 132 -35.45 25.77 33.05
N ALA B 133 -35.55 26.89 32.35
CA ALA B 133 -36.38 28.00 32.79
C ALA B 133 -37.56 28.17 31.85
N PRO B 134 -38.77 28.34 32.38
CA PRO B 134 -39.96 28.43 31.51
C PRO B 134 -40.10 29.79 30.84
N SER B 135 -39.00 30.36 30.38
CA SER B 135 -39.02 31.66 29.72
C SER B 135 -37.76 31.78 28.86
N ILE B 136 -37.70 32.86 28.08
CA ILE B 136 -36.50 33.17 27.32
C ILE B 136 -35.86 34.41 27.96
N GLY B 137 -36.00 34.51 29.29
CA GLY B 137 -35.45 35.61 30.04
C GLY B 137 -34.19 35.24 30.80
N GLY B 138 -33.39 36.25 31.12
CA GLY B 138 -32.08 36.02 31.69
C GLY B 138 -30.97 36.50 30.78
N ASN B 139 -29.83 36.87 31.36
CA ASN B 139 -28.71 37.46 30.61
C ASN B 139 -27.44 36.68 30.97
N GLY B 140 -27.08 35.69 30.15
CA GLY B 140 -25.80 35.03 30.23
C GLY B 140 -25.55 34.33 31.56
N SER B 141 -26.52 33.58 32.04
CA SER B 141 -26.35 32.85 33.30
C SER B 141 -25.67 31.51 33.12
N PHE B 142 -25.68 30.95 31.91
CA PHE B 142 -25.16 29.61 31.65
C PHE B 142 -24.02 29.67 30.63
N ASN B 143 -23.18 28.62 30.63
CA ASN B 143 -22.12 28.53 29.62
C ASN B 143 -22.69 28.24 28.24
N TYR B 144 -23.72 27.41 28.16
CA TYR B 144 -24.39 27.12 26.90
C TYR B 144 -25.88 27.02 27.16
N SER B 145 -26.67 27.64 26.27
CA SER B 145 -28.12 27.64 26.40
C SER B 145 -28.77 27.35 25.05
N LYS B 146 -29.87 26.62 25.08
CA LYS B 146 -30.66 26.32 23.90
C LYS B 146 -32.12 26.59 24.23
N THR B 147 -32.81 27.24 23.29
CA THR B 147 -34.19 27.64 23.53
C THR B 147 -35.12 26.88 22.60
N ILE B 148 -36.40 26.84 22.99
CA ILE B 148 -37.47 26.31 22.16
C ILE B 148 -38.48 27.42 21.95
N SER B 149 -39.13 27.39 20.79
CA SER B 149 -40.06 28.44 20.42
C SER B 149 -41.01 27.89 19.37
N TYR B 150 -42.31 27.88 19.68
CA TYR B 150 -43.30 27.43 18.73
C TYR B 150 -44.66 27.97 19.16
N THR B 151 -45.48 28.32 18.18
CA THR B 151 -46.83 28.79 18.43
C THR B 151 -47.82 27.66 18.20
N GLN B 152 -48.80 27.53 19.09
CA GLN B 152 -49.79 26.47 19.05
C GLN B 152 -51.19 27.07 19.20
N LYS B 153 -51.52 27.99 18.30
CA LYS B 153 -52.81 28.68 18.35
C LYS B 153 -53.96 27.69 18.42
N SER B 154 -54.86 27.92 19.37
CA SER B 154 -56.05 27.10 19.58
C SER B 154 -55.73 25.67 20.00
N TYR B 155 -54.47 25.35 20.28
CA TYR B 155 -54.06 24.03 20.70
C TYR B 155 -53.40 24.08 22.08
N VAL B 156 -53.10 22.89 22.61
CA VAL B 156 -52.56 22.73 23.96
C VAL B 156 -51.48 21.67 23.93
N SER B 157 -50.32 21.99 24.51
CA SER B 157 -49.18 21.08 24.57
C SER B 157 -49.14 20.40 25.93
N GLU B 158 -49.03 19.06 25.93
CA GLU B 158 -48.89 18.32 27.18
C GLU B 158 -48.13 17.03 26.94
N VAL B 159 -47.44 16.57 27.98
CA VAL B 159 -46.67 15.32 27.94
C VAL B 159 -47.60 14.14 28.12
N ASP B 160 -47.43 13.11 27.29
CA ASP B 160 -48.20 11.88 27.40
C ASP B 160 -47.43 10.77 28.11
N LYS B 161 -46.19 10.51 27.69
CA LYS B 161 -45.34 9.51 28.34
C LYS B 161 -43.95 10.07 28.52
N GLN B 162 -43.31 9.71 29.62
CA GLN B 162 -41.93 10.09 29.88
C GLN B 162 -41.36 9.16 30.94
N ASN B 163 -40.11 8.74 30.74
CA ASN B 163 -39.41 7.94 31.73
C ASN B 163 -37.92 7.97 31.40
N SER B 164 -37.20 6.91 31.74
CA SER B 164 -35.76 6.88 31.55
C SER B 164 -35.34 6.50 30.14
N LYS B 165 -36.25 6.01 29.31
CA LYS B 165 -35.89 5.55 27.97
C LYS B 165 -36.74 6.15 26.85
N SER B 166 -37.70 7.02 27.15
CA SER B 166 -38.58 7.55 26.11
C SER B 166 -39.20 8.85 26.60
N VAL B 167 -39.72 9.62 25.64
CA VAL B 167 -40.46 10.85 25.92
C VAL B 167 -41.36 11.14 24.73
N LYS B 168 -42.64 11.40 24.99
CA LYS B 168 -43.62 11.60 23.93
C LYS B 168 -44.50 12.79 24.25
N TRP B 169 -44.63 13.70 23.30
CA TRP B 169 -45.50 14.86 23.43
C TRP B 169 -46.79 14.67 22.64
N GLY B 170 -47.70 15.61 22.85
CA GLY B 170 -48.96 15.64 22.13
C GLY B 170 -49.54 17.04 22.13
N VAL B 171 -49.77 17.60 20.94
CA VAL B 171 -50.36 18.94 20.83
C VAL B 171 -51.82 18.82 20.43
N LYS B 172 -52.69 18.61 21.40
CA LYS B 172 -54.11 18.38 21.15
C LYS B 172 -54.84 19.69 20.89
N ALA B 173 -55.99 19.57 20.22
CA ALA B 173 -56.86 20.72 19.97
C ALA B 173 -57.64 21.08 21.21
N ASN B 174 -57.89 22.37 21.39
CA ASN B 174 -58.50 22.85 22.62
C ASN B 174 -59.74 23.65 22.31
N GLU B 175 -59.58 24.95 22.06
CA GLU B 175 -60.69 25.85 21.80
C GLU B 175 -60.37 26.71 20.59
N PHE B 176 -61.39 26.95 19.77
CA PHE B 176 -61.24 27.70 18.53
C PHE B 176 -62.12 28.94 18.55
N VAL B 177 -61.79 29.88 17.67
CA VAL B 177 -62.55 31.12 17.54
C VAL B 177 -63.40 31.03 16.29
N THR B 178 -64.72 30.93 16.49
CA THR B 178 -65.71 30.95 15.44
C THR B 178 -66.42 32.29 15.44
N PRO B 179 -67.05 32.68 14.32
CA PRO B 179 -67.78 33.97 14.30
C PRO B 179 -68.88 34.06 15.34
N ASP B 180 -69.33 32.93 15.89
CA ASP B 180 -70.35 32.94 16.94
C ASP B 180 -69.78 32.39 18.24
N GLY B 181 -68.74 33.06 18.77
CA GLY B 181 -68.18 32.67 20.06
C GLY B 181 -67.09 31.62 19.97
N LYS B 182 -66.83 31.01 21.11
CA LYS B 182 -65.86 29.93 21.24
C LYS B 182 -66.52 28.57 21.01
N LYS B 183 -65.73 27.62 20.52
CA LYS B 183 -66.17 26.24 20.36
C LYS B 183 -65.04 25.31 20.75
N SER B 184 -65.33 24.27 21.52
CA SER B 184 -64.30 23.35 21.98
C SER B 184 -63.96 22.35 20.89
N ALA B 185 -62.91 21.57 21.14
CA ALA B 185 -62.46 20.58 20.18
C ALA B 185 -63.40 19.39 20.09
N HIS B 186 -64.34 19.24 21.01
CA HIS B 186 -65.29 18.12 20.97
C HIS B 186 -66.65 18.51 20.42
N ASP B 187 -66.90 19.78 20.11
CA ASP B 187 -68.14 20.19 19.48
C ASP B 187 -68.28 19.51 18.13
N ARG B 188 -69.31 18.68 17.98
CA ARG B 188 -69.45 17.96 16.71
C ARG B 188 -69.69 18.92 15.55
N TYR B 189 -70.27 20.09 15.83
CA TYR B 189 -70.52 21.11 14.82
C TYR B 189 -69.35 22.06 14.64
N LEU B 190 -68.15 21.63 15.02
CA LEU B 190 -66.96 22.43 14.82
C LEU B 190 -66.55 22.42 13.35
N PHE B 191 -66.13 23.58 12.86
CA PHE B 191 -65.62 23.83 11.51
C PHE B 191 -66.68 23.72 10.41
N VAL B 192 -67.91 23.33 10.74
CA VAL B 192 -68.92 23.17 9.72
C VAL B 192 -69.72 24.46 9.60
N GLN B 193 -70.29 24.68 8.43
CA GLN B 193 -71.10 25.86 8.18
C GLN B 193 -72.03 25.54 7.04
N SER B 194 -73.07 26.35 6.89
CA SER B 194 -74.03 26.11 5.83
C SER B 194 -73.41 26.51 4.49
N PRO B 195 -73.35 25.60 3.51
CA PRO B 195 -72.81 25.98 2.19
C PRO B 195 -73.86 26.63 1.30
N ASN B 196 -74.19 27.89 1.62
CA ASN B 196 -75.18 28.63 0.84
C ASN B 196 -74.70 28.95 -0.56
N GLY B 197 -73.45 28.65 -0.89
CA GLY B 197 -72.94 28.90 -2.21
C GLY B 197 -71.64 29.66 -2.19
N PRO B 198 -71.22 30.15 -3.36
CA PRO B 198 -72.03 30.00 -4.56
C PRO B 198 -71.60 28.88 -5.53
N THR B 199 -70.85 27.87 -5.06
CA THR B 199 -70.51 26.70 -5.84
C THR B 199 -71.02 25.40 -5.23
N GLY B 200 -71.38 25.39 -3.95
CA GLY B 200 -71.75 24.16 -3.27
C GLY B 200 -70.63 23.16 -3.15
N SER B 201 -69.38 23.59 -3.25
CA SER B 201 -68.21 22.71 -3.20
C SER B 201 -68.01 22.13 -1.81
N ALA B 202 -67.21 21.07 -1.73
CA ALA B 202 -66.84 20.53 -0.44
C ALA B 202 -66.16 21.58 0.45
N ARG B 203 -65.33 22.43 -0.15
CA ARG B 203 -64.66 23.46 0.62
C ARG B 203 -65.66 24.42 1.26
N GLU B 204 -66.80 24.64 0.60
CA GLU B 204 -67.81 25.56 1.12
C GLU B 204 -68.63 24.98 2.26
N TYR B 205 -68.56 23.67 2.49
CA TYR B 205 -69.25 23.06 3.63
C TYR B 205 -68.53 23.30 4.94
N PHE B 206 -67.41 24.01 4.94
CA PHE B 206 -66.61 24.20 6.15
C PHE B 206 -66.09 25.63 6.20
N ALA B 207 -65.50 25.97 7.35
CA ALA B 207 -65.07 27.34 7.59
C ALA B 207 -63.98 27.76 6.60
N PRO B 208 -63.91 29.04 6.24
CA PRO B 208 -62.86 29.52 5.32
C PRO B 208 -61.46 29.36 5.90
N ASP B 209 -60.42 29.66 5.11
CA ASP B 209 -59.07 29.52 5.62
C ASP B 209 -58.75 30.58 6.67
N ASN B 210 -59.42 31.74 6.63
CA ASN B 210 -59.16 32.77 7.61
C ASN B 210 -59.82 32.49 8.95
N GLN B 211 -60.70 31.49 9.03
CA GLN B 211 -61.28 31.04 10.28
C GLN B 211 -60.60 29.78 10.82
N LEU B 212 -59.50 29.34 10.21
CA LEU B 212 -58.79 28.17 10.68
C LEU B 212 -57.46 28.58 11.29
N PRO B 213 -57.11 28.06 12.46
CA PRO B 213 -55.83 28.41 13.06
C PRO B 213 -54.69 27.86 12.22
N PRO B 214 -53.47 28.37 12.41
CA PRO B 214 -52.35 27.88 11.58
C PRO B 214 -52.14 26.38 11.67
N LEU B 215 -52.36 25.78 12.83
CA LEU B 215 -52.10 24.35 13.00
C LEU B 215 -53.12 23.48 12.29
N VAL B 216 -54.27 24.02 11.92
CA VAL B 216 -55.28 23.27 11.18
C VAL B 216 -55.18 23.54 9.68
N GLN B 217 -54.86 24.78 9.30
CA GLN B 217 -54.72 25.11 7.88
C GLN B 217 -53.40 24.60 7.32
N SER B 218 -52.28 25.20 7.73
CA SER B 218 -50.98 24.82 7.17
C SER B 218 -50.40 23.62 7.91
N GLY B 219 -49.94 23.83 9.14
CA GLY B 219 -49.35 22.75 9.89
C GLY B 219 -48.72 23.25 11.18
N PHE B 220 -47.77 22.47 11.68
CA PHE B 220 -47.15 22.72 12.97
C PHE B 220 -45.64 22.73 12.82
N ASN B 221 -45.01 23.76 13.38
CA ASN B 221 -43.54 23.85 13.41
C ASN B 221 -43.07 23.39 14.78
N PRO B 222 -42.73 22.13 14.96
CA PRO B 222 -42.38 21.65 16.29
C PRO B 222 -41.06 22.25 16.76
N SER B 223 -40.87 22.21 18.09
CA SER B 223 -39.67 22.75 18.72
C SER B 223 -39.53 22.17 20.13
N PHE B 224 -38.99 20.95 20.23
CA PHE B 224 -38.93 20.22 21.48
C PHE B 224 -37.48 19.81 21.77
N ILE B 225 -37.10 19.88 23.05
CA ILE B 225 -35.75 19.56 23.49
C ILE B 225 -35.81 18.46 24.53
N THR B 226 -34.85 17.53 24.46
CA THR B 226 -34.66 16.54 25.49
C THR B 226 -33.20 16.09 25.47
N THR B 227 -32.59 15.97 26.64
CA THR B 227 -31.19 15.60 26.77
C THR B 227 -31.09 14.19 27.33
N LEU B 228 -30.19 13.41 26.76
CA LEU B 228 -29.91 12.05 27.21
C LEU B 228 -28.46 11.95 27.62
N SER B 229 -28.22 11.22 28.71
CA SER B 229 -26.88 11.00 29.23
C SER B 229 -26.43 9.57 28.92
N HIS B 230 -25.11 9.41 28.77
CA HIS B 230 -24.52 8.13 28.41
C HIS B 230 -23.38 7.80 29.36
N GLU B 231 -23.38 6.57 29.87
CA GLU B 231 -22.32 6.15 30.77
C GLU B 231 -21.03 5.90 29.99
N LYS B 232 -19.96 6.56 30.44
CA LYS B 232 -18.66 6.53 29.78
C LYS B 232 -18.17 5.10 29.62
N GLY B 233 -17.58 4.80 28.47
CA GLY B 233 -17.18 3.42 28.22
C GLY B 233 -18.35 2.58 27.79
N SER B 234 -18.29 1.29 28.14
CA SER B 234 -19.40 0.36 27.90
C SER B 234 -19.74 0.30 26.42
N SER B 235 -20.82 0.97 26.02
CA SER B 235 -21.29 0.95 24.65
C SER B 235 -20.68 2.10 23.85
N ASP B 236 -20.29 1.81 22.62
CA ASP B 236 -19.80 2.80 21.68
C ASP B 236 -20.94 3.41 20.89
N THR B 237 -21.93 2.61 20.51
CA THR B 237 -23.04 3.04 19.69
C THR B 237 -24.36 2.81 20.41
N SER B 238 -25.36 3.60 20.04
CA SER B 238 -26.70 3.47 20.59
C SER B 238 -27.69 3.96 19.55
N GLU B 239 -28.93 3.47 19.65
CA GLU B 239 -29.97 3.80 18.70
C GLU B 239 -31.16 4.43 19.40
N PHE B 240 -31.83 5.34 18.69
CA PHE B 240 -33.08 5.92 19.16
C PHE B 240 -33.91 6.34 17.95
N GLU B 241 -35.21 6.42 18.15
CA GLU B 241 -36.16 6.73 17.09
C GLU B 241 -36.91 8.01 17.45
N LEU B 242 -37.03 8.91 16.48
CA LEU B 242 -37.74 10.17 16.65
C LEU B 242 -39.00 10.12 15.79
N SER B 243 -40.15 10.34 16.42
CA SER B 243 -41.45 10.22 15.78
C SER B 243 -42.07 11.60 15.58
N TYR B 244 -42.40 11.92 14.34
CA TYR B 244 -43.19 13.10 14.00
C TYR B 244 -44.47 12.63 13.34
N GLY B 245 -45.61 12.97 13.92
CA GLY B 245 -46.85 12.47 13.37
C GLY B 245 -48.07 13.32 13.63
N ARG B 246 -49.25 12.70 13.56
CA ARG B 246 -50.50 13.41 13.74
C ARG B 246 -51.62 12.38 13.93
N ASN B 247 -52.73 12.85 14.49
CA ASN B 247 -53.96 12.08 14.62
C ASN B 247 -55.08 12.86 13.95
N LEU B 248 -55.83 12.20 13.09
CA LEU B 248 -56.84 12.83 12.25
C LEU B 248 -58.25 12.43 12.67
N ASP B 249 -59.14 13.42 12.71
CA ASP B 249 -60.57 13.18 12.91
C ASP B 249 -61.31 13.47 11.62
N ILE B 250 -62.51 12.90 11.51
CA ILE B 250 -63.36 13.11 10.35
C ILE B 250 -64.61 13.87 10.79
N THR B 251 -65.04 14.82 9.96
CA THR B 251 -66.22 15.62 10.23
C THR B 251 -67.07 15.64 8.98
N TYR B 252 -68.08 14.77 8.93
CA TYR B 252 -69.01 14.76 7.81
C TYR B 252 -70.05 15.86 7.99
N ALA B 253 -70.41 16.51 6.89
CA ALA B 253 -71.40 17.58 6.89
C ALA B 253 -72.44 17.29 5.80
N THR B 254 -73.55 16.67 6.21
CA THR B 254 -74.65 16.32 5.31
C THR B 254 -75.72 17.40 5.35
N LEU B 255 -76.15 17.85 4.18
CA LEU B 255 -77.20 18.86 4.08
C LEU B 255 -78.53 18.16 3.84
N PHE B 256 -79.57 18.56 4.58
CA PHE B 256 -80.92 18.02 4.48
C PHE B 256 -81.92 19.11 4.10
N PRO B 257 -82.89 18.80 3.23
CA PRO B 257 -83.79 19.84 2.74
C PRO B 257 -84.74 20.30 3.84
N ARG B 258 -85.12 21.58 3.75
CA ARG B 258 -86.12 22.18 4.64
C ARG B 258 -85.72 22.10 6.11
N THR B 259 -84.63 21.40 6.43
CA THR B 259 -84.24 21.18 7.81
C THR B 259 -82.97 21.98 8.06
N GLY B 260 -81.80 21.38 8.06
CA GLY B 260 -80.60 22.12 8.31
C GLY B 260 -79.41 21.39 7.76
N ILE B 261 -78.24 21.73 8.29
CA ILE B 261 -77.01 21.07 7.93
C ILE B 261 -76.61 20.21 9.13
N TYR B 262 -76.61 18.90 8.93
CA TYR B 262 -76.26 17.94 9.94
C TYR B 262 -74.75 17.73 9.95
N ALA B 263 -74.21 17.39 11.11
CA ALA B 263 -72.79 17.15 11.26
C ALA B 263 -72.57 16.02 12.25
N GLU B 264 -71.53 15.24 12.02
CA GLU B 264 -71.10 14.29 13.04
C GLU B 264 -69.61 14.03 12.88
N ARG B 265 -68.97 13.83 14.02
CA ARG B 265 -67.52 13.71 14.11
C ARG B 265 -67.13 12.27 14.39
N LYS B 266 -66.17 11.76 13.64
CA LYS B 266 -65.54 10.48 13.93
C LYS B 266 -64.19 10.80 14.55
N HIS B 267 -64.12 10.68 15.87
CA HIS B 267 -62.95 11.07 16.64
C HIS B 267 -61.93 9.94 16.68
N ASN B 268 -60.65 10.30 16.46
CA ASN B 268 -59.54 9.35 16.43
C ASN B 268 -59.78 8.24 15.40
N ALA B 269 -60.09 8.64 14.16
CA ALA B 269 -60.28 7.67 13.10
C ALA B 269 -58.95 7.13 12.59
N PHE B 270 -57.96 8.01 12.43
CA PHE B 270 -56.63 7.63 11.93
C PHE B 270 -55.62 8.10 12.95
N VAL B 271 -55.06 7.17 13.72
CA VAL B 271 -54.15 7.49 14.80
C VAL B 271 -52.75 6.99 14.44
N ASN B 272 -51.76 7.59 15.11
CA ASN B 272 -50.35 7.21 14.96
C ASN B 272 -49.90 7.30 13.50
N ARG B 273 -50.36 8.34 12.81
CA ARG B 273 -49.93 8.63 11.44
C ARG B 273 -48.56 9.32 11.46
N ASN B 274 -47.59 8.61 12.02
CA ASN B 274 -46.28 9.17 12.31
C ASN B 274 -45.27 8.80 11.22
N PHE B 275 -44.22 9.62 11.15
CA PHE B 275 -43.05 9.35 10.32
C PHE B 275 -41.88 9.15 11.28
N VAL B 276 -41.43 7.90 11.42
CA VAL B 276 -40.43 7.52 12.41
C VAL B 276 -39.08 7.38 11.74
N VAL B 277 -38.08 8.09 12.27
CA VAL B 277 -36.70 8.02 11.79
C VAL B 277 -35.84 7.47 12.91
N ARG B 278 -34.98 6.51 12.58
CA ARG B 278 -34.10 5.87 13.55
C ARG B 278 -32.68 6.38 13.36
N TYR B 279 -32.14 7.04 14.37
CA TYR B 279 -30.80 7.59 14.36
C TYR B 279 -29.89 6.75 15.23
N LYS B 280 -28.59 6.90 15.01
CA LYS B 280 -27.57 6.18 15.77
C LYS B 280 -26.48 7.12 16.19
N VAL B 281 -26.10 7.06 17.44
CA VAL B 281 -25.06 7.92 17.99
C VAL B 281 -23.76 7.14 18.09
N ASN B 282 -22.65 7.81 17.78
CA ASN B 282 -21.32 7.24 17.91
C ASN B 282 -20.63 8.04 18.99
N TRP B 283 -20.73 7.56 20.24
CA TRP B 283 -20.22 8.30 21.39
C TRP B 283 -18.70 8.47 21.35
N LYS B 284 -18.00 7.74 20.48
CA LYS B 284 -16.56 7.89 20.36
C LYS B 284 -16.19 9.06 19.45
N THR B 285 -16.82 9.13 18.27
CA THR B 285 -16.52 10.17 17.31
C THR B 285 -17.46 11.37 17.39
N HIS B 286 -18.48 11.33 18.25
CA HIS B 286 -19.45 12.41 18.39
C HIS B 286 -20.06 12.75 17.03
N GLU B 287 -20.79 11.77 16.48
CA GLU B 287 -21.36 11.90 15.15
C GLU B 287 -22.68 11.12 15.11
N ILE B 288 -23.60 11.57 14.26
CA ILE B 288 -24.91 10.96 14.12
C ILE B 288 -25.05 10.42 12.70
N LYS B 289 -25.78 9.32 12.56
CA LYS B 289 -26.12 8.80 11.24
C LYS B 289 -27.50 8.16 11.28
N VAL B 290 -28.18 8.21 10.15
CA VAL B 290 -29.51 7.65 10.00
C VAL B 290 -29.40 6.18 9.63
N LYS B 291 -30.04 5.32 10.42
CA LYS B 291 -30.05 3.90 10.09
C LYS B 291 -31.19 3.54 9.14
N GLY B 292 -32.34 4.18 9.31
CA GLY B 292 -33.48 3.89 8.46
C GLY B 292 -34.70 4.64 8.94
N HIS B 293 -35.78 4.45 8.19
CA HIS B 293 -37.05 5.11 8.50
C HIS B 293 -38.18 4.28 7.90
N ASN B 294 -39.40 4.73 8.15
CA ASN B 294 -40.59 4.07 7.62
C ASN B 294 -41.26 4.97 6.60
N ASP C 1 16.75 -3.50 -17.58
CA ASP C 1 18.01 -3.09 -18.21
C ASP C 1 18.35 -1.66 -17.83
N VAL C 2 18.92 -1.49 -16.64
CA VAL C 2 19.28 -0.18 -16.14
C VAL C 2 20.75 0.07 -16.44
N LEU C 3 21.15 1.34 -16.35
CA LEU C 3 22.54 1.72 -16.52
C LEU C 3 23.19 1.83 -15.15
N MET C 4 24.46 1.40 -15.07
CA MET C 4 25.25 1.53 -13.86
C MET C 4 26.51 2.31 -14.22
N THR C 5 26.61 3.54 -13.71
CA THR C 5 27.73 4.43 -13.99
C THR C 5 28.64 4.47 -12.77
N GLN C 6 29.83 3.91 -12.90
CA GLN C 6 30.81 3.92 -11.83
C GLN C 6 31.66 5.17 -11.91
N THR C 7 32.21 5.56 -10.75
CA THR C 7 33.10 6.71 -10.65
C THR C 7 33.94 6.60 -9.39
N PRO C 8 35.27 6.80 -9.49
CA PRO C 8 35.97 7.12 -10.74
C PRO C 8 36.33 5.88 -11.56
N LEU C 9 36.96 6.10 -12.72
CA LEU C 9 37.45 4.98 -13.50
C LEU C 9 38.77 4.47 -12.95
N SER C 10 39.68 5.37 -12.61
CA SER C 10 40.97 5.04 -12.02
C SER C 10 41.11 5.78 -10.71
N LEU C 11 41.34 5.05 -9.62
CA LEU C 11 41.44 5.65 -8.29
C LEU C 11 42.75 5.23 -7.64
N PRO C 12 43.81 6.03 -7.77
CA PRO C 12 45.05 5.75 -7.04
C PRO C 12 44.91 6.09 -5.57
N VAL C 13 45.63 5.34 -4.74
CA VAL C 13 45.54 5.51 -3.30
C VAL C 13 46.79 4.91 -2.66
N SER C 14 47.35 5.65 -1.70
CA SER C 14 48.59 5.24 -1.05
C SER C 14 48.31 4.17 0.01
N LEU C 15 49.39 3.60 0.54
CA LEU C 15 49.32 2.56 1.56
C LEU C 15 48.90 3.18 2.89
N GLY C 16 47.60 3.07 3.20
CA GLY C 16 47.05 3.60 4.44
C GLY C 16 45.96 4.62 4.26
N ASP C 17 45.78 5.18 3.07
CA ASP C 17 44.77 6.21 2.83
C ASP C 17 43.38 5.56 2.81
N GLN C 18 42.37 6.36 2.45
CA GLN C 18 40.99 5.90 2.36
C GLN C 18 40.48 6.07 0.93
N ALA C 19 39.92 5.00 0.37
CA ALA C 19 39.40 5.00 -0.99
C ALA C 19 37.89 4.80 -0.98
N SER C 20 37.19 5.59 -1.79
CA SER C 20 35.74 5.53 -1.89
C SER C 20 35.33 5.48 -3.36
N ILE C 21 34.41 4.57 -3.69
CA ILE C 21 33.95 4.36 -5.06
C ILE C 21 32.45 4.63 -5.10
N SER C 22 32.04 5.55 -5.97
CA SER C 22 30.64 5.90 -6.16
C SER C 22 30.07 5.17 -7.37
N CYS C 23 28.80 4.80 -7.28
CA CYS C 23 28.09 4.09 -8.34
C CYS C 23 26.62 4.48 -8.28
N ARG C 24 26.09 4.94 -9.41
CA ARG C 24 24.75 5.50 -9.46
C ARG C 24 23.94 4.79 -10.52
N SER C 25 22.71 4.44 -10.19
CA SER C 25 21.82 3.70 -11.07
C SER C 25 20.86 4.64 -11.78
N SER C 26 20.46 4.26 -12.99
CA SER C 26 19.47 5.02 -13.74
C SER C 26 18.03 4.77 -13.28
N GLN C 27 17.84 3.98 -12.22
CA GLN C 27 16.52 3.70 -11.68
C GLN C 27 16.70 3.26 -10.25
N THR C 28 15.71 3.57 -9.41
CA THR C 28 15.74 3.14 -8.02
C THR C 28 15.87 1.63 -7.95
N ILE C 29 16.92 1.16 -7.27
CA ILE C 29 17.22 -0.26 -7.16
C ILE C 29 16.33 -0.99 -6.16
N VAL C 30 15.44 -0.28 -5.48
CA VAL C 30 14.59 -0.90 -4.47
C VAL C 30 13.61 -1.87 -5.13
N TYR C 31 13.63 -3.12 -4.68
CA TYR C 31 12.73 -4.16 -5.18
C TYR C 31 11.39 -4.08 -4.45
N SER C 32 10.39 -4.77 -5.03
CA SER C 32 9.06 -4.75 -4.45
C SER C 32 9.02 -5.38 -3.06
N ASP C 33 9.97 -6.27 -2.74
CA ASP C 33 10.00 -6.85 -1.40
C ASP C 33 10.53 -5.89 -0.35
N GLY C 34 11.18 -4.80 -0.76
CA GLY C 34 11.66 -3.78 0.17
C GLY C 34 13.15 -3.68 0.31
N ASN C 35 13.90 -4.67 -0.16
CA ASN C 35 15.36 -4.66 -0.06
C ASN C 35 15.98 -4.10 -1.33
N THR C 36 17.07 -3.38 -1.17
CA THR C 36 17.85 -2.86 -2.29
C THR C 36 18.97 -3.84 -2.58
N TYR C 37 18.93 -4.47 -3.75
CA TYR C 37 19.87 -5.55 -4.08
C TYR C 37 21.04 -5.02 -4.88
N LEU C 38 21.89 -4.25 -4.19
CA LEU C 38 23.15 -3.75 -4.73
C LEU C 38 24.31 -4.56 -4.17
N GLU C 39 25.30 -4.83 -5.03
CA GLU C 39 26.43 -5.65 -4.64
C GLU C 39 27.73 -5.05 -5.17
N TRP C 40 28.83 -5.35 -4.48
CA TRP C 40 30.17 -4.93 -4.88
C TRP C 40 31.06 -6.16 -5.01
N TYR C 41 31.77 -6.24 -6.14
CA TYR C 41 32.64 -7.38 -6.45
C TYR C 41 34.07 -6.91 -6.66
N LEU C 42 35.04 -7.72 -6.20
CA LEU C 42 36.47 -7.46 -6.37
C LEU C 42 37.09 -8.58 -7.18
N GLN C 43 37.67 -8.23 -8.32
CA GLN C 43 38.35 -9.21 -9.18
C GLN C 43 39.83 -8.87 -9.20
N LYS C 44 40.59 -9.57 -8.36
CA LYS C 44 42.05 -9.48 -8.45
C LYS C 44 42.49 -10.08 -9.78
N PRO C 45 43.61 -9.62 -10.33
CA PRO C 45 44.04 -10.12 -11.65
C PRO C 45 44.28 -11.62 -11.63
N GLY C 46 43.91 -12.27 -12.73
CA GLY C 46 44.08 -13.70 -12.85
C GLY C 46 43.17 -14.55 -12.01
N GLN C 47 42.14 -13.96 -11.40
CA GLN C 47 41.21 -14.66 -10.53
C GLN C 47 39.78 -14.31 -10.90
N SER C 48 38.85 -15.10 -10.40
CA SER C 48 37.43 -14.85 -10.63
C SER C 48 36.97 -13.72 -9.73
N PRO C 49 35.86 -13.06 -10.08
CA PRO C 49 35.33 -12.01 -9.22
C PRO C 49 34.98 -12.57 -7.84
N LYS C 50 35.18 -11.74 -6.82
CA LYS C 50 34.92 -12.11 -5.43
C LYS C 50 33.92 -11.11 -4.86
N LEU C 51 32.94 -11.61 -4.10
CA LEU C 51 31.90 -10.74 -3.55
C LEU C 51 32.36 -10.11 -2.24
N LEU C 52 32.14 -8.80 -2.10
CA LEU C 52 32.45 -8.11 -0.85
C LEU C 52 31.19 -7.83 -0.03
N ILE C 53 30.23 -7.11 -0.60
CA ILE C 53 29.08 -6.62 0.13
C ILE C 53 27.82 -6.88 -0.68
N TYR C 54 26.83 -7.49 -0.04
CA TYR C 54 25.52 -7.74 -0.63
C TYR C 54 24.46 -6.89 0.05
N LYS C 55 23.47 -6.45 -0.75
CA LYS C 55 22.37 -5.62 -0.27
C LYS C 55 22.90 -4.33 0.37
N VAL C 56 23.70 -3.61 -0.42
CA VAL C 56 24.18 -2.26 -0.09
C VAL C 56 25.18 -2.28 1.05
N SER C 57 24.79 -2.84 2.19
CA SER C 57 25.56 -2.68 3.42
C SER C 57 26.09 -3.98 4.01
N ASN C 58 25.37 -5.09 3.87
CA ASN C 58 25.75 -6.33 4.56
C ASN C 58 27.03 -6.90 3.97
N ARG C 59 28.02 -7.13 4.83
CA ARG C 59 29.29 -7.68 4.40
C ARG C 59 29.20 -9.19 4.22
N PHE C 60 30.08 -9.72 3.37
CA PHE C 60 30.13 -11.13 3.05
C PHE C 60 31.06 -11.86 4.01
N SER C 61 30.88 -13.18 4.10
CA SER C 61 31.71 -14.00 4.98
C SER C 61 33.17 -13.95 4.52
N GLY C 62 34.05 -13.55 5.43
CA GLY C 62 35.47 -13.46 5.12
C GLY C 62 35.94 -12.11 4.61
N VAL C 63 35.09 -11.08 4.67
CA VAL C 63 35.45 -9.74 4.22
C VAL C 63 36.09 -8.98 5.38
N PRO C 64 37.23 -8.33 5.17
CA PRO C 64 37.88 -7.59 6.26
C PRO C 64 37.03 -6.42 6.75
N ASP C 65 37.41 -5.91 7.91
CA ASP C 65 36.66 -4.83 8.56
C ASP C 65 36.83 -3.50 7.85
N ARG C 66 37.87 -3.34 7.04
CA ARG C 66 38.13 -2.07 6.38
C ARG C 66 37.03 -1.72 5.39
N VAL C 67 36.24 -2.69 4.97
CA VAL C 67 35.23 -2.51 3.93
C VAL C 67 33.90 -2.12 4.57
N SER C 68 33.19 -1.21 3.91
CA SER C 68 31.87 -0.78 4.34
C SER C 68 31.16 -0.16 3.15
N GLY C 69 29.89 -0.50 2.99
CA GLY C 69 29.10 0.02 1.89
C GLY C 69 27.86 0.70 2.38
N SER C 70 27.48 1.78 1.71
CA SER C 70 26.33 2.57 2.09
C SER C 70 25.67 3.10 0.83
N GLY C 71 24.73 4.02 1.00
CA GLY C 71 23.96 4.58 -0.09
C GLY C 71 22.48 4.29 0.06
N SER C 72 21.70 4.99 -0.76
CA SER C 72 20.25 4.84 -0.75
C SER C 72 19.69 5.35 -2.07
N GLY C 73 18.53 4.81 -2.45
CA GLY C 73 17.87 5.23 -3.67
C GLY C 73 18.58 4.77 -4.92
N THR C 74 19.28 5.68 -5.58
CA THR C 74 20.03 5.37 -6.79
C THR C 74 21.53 5.58 -6.65
N ASP C 75 21.98 6.48 -5.79
CA ASP C 75 23.40 6.75 -5.59
C ASP C 75 23.95 5.90 -4.45
N PHE C 76 25.08 5.22 -4.69
CA PHE C 76 25.68 4.33 -3.70
C PHE C 76 27.19 4.54 -3.66
N THR C 77 27.78 4.08 -2.56
CA THR C 77 29.20 4.30 -2.33
C THR C 77 29.80 3.12 -1.58
N LEU C 78 30.96 2.66 -2.05
CA LEU C 78 31.77 1.68 -1.34
C LEU C 78 33.05 2.35 -0.87
N LYS C 79 33.38 2.17 0.41
CA LYS C 79 34.52 2.83 1.03
C LYS C 79 35.44 1.79 1.65
N ILE C 80 36.75 2.03 1.54
CA ILE C 80 37.77 1.18 2.15
C ILE C 80 38.51 2.03 3.18
N SER C 81 38.51 1.57 4.43
CA SER C 81 39.09 2.35 5.53
C SER C 81 40.58 2.56 5.34
N ARG C 82 41.36 1.51 5.54
CA ARG C 82 42.82 1.58 5.45
C ARG C 82 43.26 0.71 4.27
N VAL C 83 43.38 1.35 3.09
CA VAL C 83 43.72 0.62 1.88
C VAL C 83 45.07 -0.06 2.04
N GLU C 84 45.17 -1.30 1.54
CA GLU C 84 46.39 -2.08 1.62
C GLU C 84 46.75 -2.58 0.23
N ALA C 85 47.98 -3.08 0.11
CA ALA C 85 48.47 -3.55 -1.18
C ALA C 85 47.73 -4.80 -1.66
N GLU C 86 47.03 -5.50 -0.77
CA GLU C 86 46.29 -6.69 -1.15
C GLU C 86 44.86 -6.41 -1.59
N ASP C 87 44.43 -5.15 -1.56
CA ASP C 87 43.07 -4.78 -1.95
C ASP C 87 42.98 -4.29 -3.38
N LEU C 88 44.08 -4.25 -4.11
CA LEU C 88 44.06 -3.69 -5.44
C LEU C 88 43.34 -4.63 -6.41
N GLY C 89 42.85 -4.07 -7.50
CA GLY C 89 42.12 -4.80 -8.50
C GLY C 89 41.07 -3.90 -9.15
N VAL C 90 39.99 -4.53 -9.62
CA VAL C 90 38.88 -3.82 -10.22
C VAL C 90 37.64 -4.09 -9.39
N TYR C 91 36.90 -3.03 -9.07
CA TYR C 91 35.70 -3.13 -8.25
C TYR C 91 34.49 -2.83 -9.13
N TYR C 92 33.48 -3.70 -9.08
CA TYR C 92 32.27 -3.56 -9.88
C TYR C 92 31.06 -3.52 -8.97
N CYS C 93 30.15 -2.58 -9.24
CA CYS C 93 28.87 -2.58 -8.55
C CYS C 93 27.87 -3.34 -9.41
N PHE C 94 27.02 -4.11 -8.76
CA PHE C 94 26.09 -5.00 -9.42
C PHE C 94 24.71 -4.85 -8.79
N GLN C 95 23.69 -4.86 -9.62
CA GLN C 95 22.31 -4.75 -9.14
C GLN C 95 21.59 -6.07 -9.38
N GLY C 96 20.91 -6.56 -8.36
CA GLY C 96 20.24 -7.84 -8.44
C GLY C 96 18.75 -7.80 -8.15
N SER C 97 18.15 -6.62 -8.20
CA SER C 97 16.73 -6.48 -7.91
C SER C 97 15.86 -6.32 -9.15
N HIS C 98 16.44 -6.08 -10.33
CA HIS C 98 15.66 -5.88 -11.55
C HIS C 98 16.31 -6.61 -12.71
N VAL C 99 15.56 -7.51 -13.32
CA VAL C 99 16.02 -8.32 -14.43
C VAL C 99 15.75 -7.53 -15.71
N PRO C 100 16.71 -7.44 -16.65
CA PRO C 100 18.04 -8.06 -16.65
C PRO C 100 19.06 -7.37 -15.74
N TYR C 101 19.94 -8.19 -15.17
CA TYR C 101 20.97 -7.71 -14.27
C TYR C 101 22.08 -6.99 -15.03
N THR C 102 22.70 -6.02 -14.37
CA THR C 102 23.73 -5.20 -14.99
C THR C 102 24.88 -5.00 -14.01
N PHE C 103 26.08 -4.86 -14.57
CA PHE C 103 27.29 -4.55 -13.82
C PHE C 103 27.67 -3.09 -14.00
N GLY C 104 28.67 -2.66 -13.22
CA GLY C 104 29.20 -1.32 -13.34
C GLY C 104 30.33 -1.22 -14.35
N GLY C 105 30.78 0.01 -14.56
CA GLY C 105 31.87 0.26 -15.48
C GLY C 105 33.25 -0.15 -14.99
N GLY C 106 33.34 -0.68 -13.77
CA GLY C 106 34.62 -1.07 -13.24
C GLY C 106 35.42 0.10 -12.71
N THR C 107 36.12 -0.11 -11.60
CA THR C 107 36.96 0.92 -10.98
C THR C 107 38.31 0.29 -10.65
N LYS C 108 39.38 0.80 -11.28
CA LYS C 108 40.71 0.25 -11.09
C LYS C 108 41.40 0.93 -9.93
N LEU C 109 41.88 0.13 -8.97
CA LEU C 109 42.55 0.65 -7.78
C LEU C 109 44.01 0.28 -7.84
N GLU C 110 44.86 1.30 -7.89
CA GLU C 110 46.30 1.17 -7.91
C GLU C 110 46.88 1.81 -6.67
N ILE C 111 48.07 1.37 -6.27
CA ILE C 111 48.70 1.83 -5.05
C ILE C 111 49.68 2.94 -5.40
N LYS C 112 50.11 3.68 -4.38
CA LYS C 112 51.10 4.74 -4.55
C LYS C 112 52.25 4.40 -3.62
N ARG C 113 53.23 3.67 -4.14
CA ARG C 113 54.42 3.26 -3.41
C ARG C 113 55.49 4.33 -3.46
N THR C 114 56.40 4.28 -2.49
CA THR C 114 57.59 5.11 -2.54
C THR C 114 58.38 4.77 -3.80
N VAL C 115 58.60 5.78 -4.64
CA VAL C 115 59.14 5.58 -5.99
C VAL C 115 60.38 4.70 -5.95
N ALA C 116 60.38 3.65 -6.75
CA ALA C 116 61.48 2.70 -6.83
C ALA C 116 62.20 2.81 -8.17
N ALA C 117 63.35 2.12 -8.26
CA ALA C 117 64.19 2.11 -9.45
C ALA C 117 64.21 0.71 -10.07
N PRO C 118 64.11 0.61 -11.38
CA PRO C 118 64.02 -0.72 -12.02
C PRO C 118 65.35 -1.46 -11.96
N SER C 119 65.29 -2.73 -11.55
CA SER C 119 66.45 -3.62 -11.59
C SER C 119 66.51 -4.28 -12.96
N VAL C 120 67.50 -3.88 -13.75
CA VAL C 120 67.59 -4.26 -15.16
C VAL C 120 68.51 -5.45 -15.32
N PHE C 121 68.09 -6.44 -16.10
CA PHE C 121 68.88 -7.59 -16.45
C PHE C 121 68.76 -7.85 -17.95
N ILE C 122 69.56 -8.79 -18.45
CA ILE C 122 69.53 -9.16 -19.85
C ILE C 122 69.97 -10.61 -19.99
N PHE C 123 69.34 -11.33 -20.91
CA PHE C 123 69.56 -12.76 -21.09
C PHE C 123 69.83 -13.05 -22.57
N PRO C 124 70.95 -13.69 -22.91
CA PRO C 124 71.19 -14.08 -24.29
C PRO C 124 70.29 -15.23 -24.69
N PRO C 125 70.04 -15.41 -25.99
CA PRO C 125 69.22 -16.54 -26.42
C PRO C 125 69.92 -17.86 -26.16
N SER C 126 69.15 -18.82 -25.66
CA SER C 126 69.71 -20.15 -25.41
C SER C 126 70.15 -20.77 -26.72
N ASP C 127 71.17 -21.62 -26.64
CA ASP C 127 71.69 -22.27 -27.85
C ASP C 127 70.70 -23.26 -28.44
N GLU C 128 69.82 -23.82 -27.59
CA GLU C 128 68.80 -24.72 -28.11
C GLU C 128 67.81 -23.99 -29.02
N GLN C 129 67.53 -22.72 -28.72
CA GLN C 129 66.65 -21.94 -29.58
C GLN C 129 67.31 -21.62 -30.92
N LEU C 130 68.64 -21.44 -30.94
CA LEU C 130 69.33 -21.12 -32.18
C LEU C 130 69.28 -22.28 -33.17
N LYS C 131 69.14 -23.51 -32.68
CA LYS C 131 69.07 -24.67 -33.56
C LYS C 131 67.78 -24.70 -34.38
N SER C 132 66.76 -23.97 -33.94
CA SER C 132 65.53 -23.90 -34.73
C SER C 132 65.61 -22.84 -35.83
N GLY C 133 66.46 -21.83 -35.64
CA GLY C 133 66.65 -20.78 -36.62
C GLY C 133 66.22 -19.39 -36.19
N THR C 134 65.77 -19.22 -34.94
CA THR C 134 65.31 -17.93 -34.44
C THR C 134 66.07 -17.59 -33.17
N ALA C 135 66.54 -16.34 -33.08
CA ALA C 135 67.23 -15.84 -31.89
C ALA C 135 66.34 -14.81 -31.22
N SER C 136 66.26 -14.88 -29.89
CA SER C 136 65.42 -13.99 -29.11
C SER C 136 66.21 -13.47 -27.92
N VAL C 137 66.30 -12.14 -27.80
CA VAL C 137 67.00 -11.50 -26.70
C VAL C 137 65.96 -10.86 -25.79
N VAL C 138 66.08 -11.14 -24.48
CA VAL C 138 65.11 -10.69 -23.49
C VAL C 138 65.78 -9.66 -22.58
N CYS C 139 65.07 -8.58 -22.30
CA CYS C 139 65.52 -7.54 -21.39
C CYS C 139 64.50 -7.43 -20.26
N LEU C 140 64.95 -7.61 -19.03
CA LEU C 140 64.07 -7.68 -17.87
C LEU C 140 64.15 -6.40 -17.05
N LEU C 141 62.99 -5.91 -16.63
CA LEU C 141 62.88 -4.78 -15.71
C LEU C 141 62.06 -5.26 -14.53
N ASN C 142 62.73 -5.70 -13.46
CA ASN C 142 62.06 -6.35 -12.34
C ASN C 142 61.88 -5.34 -11.21
N ASN C 143 60.64 -5.26 -10.70
CA ASN C 143 60.30 -4.44 -9.54
C ASN C 143 60.61 -2.97 -9.76
N PHE C 144 59.62 -2.19 -10.19
CA PHE C 144 59.80 -0.77 -10.41
C PHE C 144 58.46 -0.07 -10.28
N TYR C 145 58.52 1.24 -10.01
CA TYR C 145 57.35 2.09 -9.88
C TYR C 145 57.76 3.50 -10.28
N PRO C 146 56.94 4.22 -11.07
CA PRO C 146 55.62 3.81 -11.58
C PRO C 146 55.69 2.90 -12.80
N ARG C 147 54.55 2.72 -13.45
CA ARG C 147 54.46 1.80 -14.58
C ARG C 147 55.13 2.34 -15.84
N GLU C 148 55.32 3.65 -15.95
CA GLU C 148 55.82 4.24 -17.18
C GLU C 148 57.32 4.02 -17.29
N ALA C 149 57.76 3.38 -18.37
CA ALA C 149 59.17 3.16 -18.63
C ALA C 149 59.36 2.81 -20.09
N LYS C 150 60.28 3.50 -20.76
CA LYS C 150 60.55 3.29 -22.17
C LYS C 150 61.79 2.41 -22.33
N VAL C 151 61.69 1.41 -23.20
CA VAL C 151 62.80 0.51 -23.49
C VAL C 151 63.07 0.59 -24.99
N GLN C 152 64.34 0.77 -25.35
CA GLN C 152 64.76 0.85 -26.74
C GLN C 152 65.92 -0.11 -26.98
N TRP C 153 65.81 -0.92 -28.03
CA TRP C 153 66.87 -1.86 -28.39
C TRP C 153 67.88 -1.22 -29.32
N LYS C 154 69.15 -1.56 -29.13
CA LYS C 154 70.24 -1.04 -29.93
C LYS C 154 71.16 -2.20 -30.32
N VAL C 155 71.27 -2.46 -31.62
CA VAL C 155 72.12 -3.52 -32.14
C VAL C 155 73.26 -2.84 -32.89
N ASP C 156 74.45 -2.83 -32.29
CA ASP C 156 75.61 -2.12 -32.83
C ASP C 156 75.29 -0.64 -33.04
N ASN C 157 74.75 -0.02 -31.99
CA ASN C 157 74.33 1.38 -32.03
C ASN C 157 73.36 1.65 -33.19
N ALA C 158 72.45 0.70 -33.42
CA ALA C 158 71.41 0.85 -34.42
C ALA C 158 70.06 0.63 -33.76
N LEU C 159 69.23 1.67 -33.74
CA LEU C 159 67.95 1.61 -33.05
C LEU C 159 67.02 0.61 -33.72
N GLN C 160 66.45 -0.29 -32.93
CA GLN C 160 65.53 -1.31 -33.43
C GLN C 160 64.10 -0.84 -33.24
N SER C 161 63.25 -1.18 -34.21
CA SER C 161 61.84 -0.77 -34.17
C SER C 161 61.05 -1.75 -35.02
N GLY C 162 59.93 -2.22 -34.49
CA GLY C 162 59.09 -3.17 -35.20
C GLY C 162 59.51 -4.61 -35.06
N ASN C 163 60.43 -4.92 -34.13
CA ASN C 163 60.86 -6.29 -33.92
C ASN C 163 60.95 -6.65 -32.44
N SER C 164 60.28 -5.91 -31.57
CA SER C 164 60.36 -6.15 -30.13
C SER C 164 58.99 -6.00 -29.51
N GLN C 165 58.62 -6.95 -28.64
CA GLN C 165 57.34 -6.94 -27.94
C GLN C 165 57.60 -7.02 -26.45
N GLU C 166 56.96 -6.11 -25.69
CA GLU C 166 57.13 -6.05 -24.25
C GLU C 166 55.86 -6.49 -23.56
N SER C 167 56.02 -7.03 -22.34
CA SER C 167 54.91 -7.51 -21.53
C SER C 167 55.11 -7.04 -20.10
N VAL C 168 54.03 -6.61 -19.45
CA VAL C 168 54.08 -6.05 -18.11
C VAL C 168 53.15 -6.84 -17.21
N THR C 169 53.66 -7.28 -16.06
CA THR C 169 52.83 -7.95 -15.08
C THR C 169 51.92 -6.96 -14.37
N GLU C 170 50.95 -7.49 -13.65
CA GLU C 170 50.07 -6.67 -12.83
C GLU C 170 50.81 -6.17 -11.60
N GLN C 171 50.26 -5.11 -11.01
CA GLN C 171 50.86 -4.53 -9.81
C GLN C 171 50.85 -5.54 -8.68
N ASP C 172 52.03 -5.84 -8.13
CA ASP C 172 52.15 -6.87 -7.11
C ASP C 172 51.36 -6.48 -5.86
N SER C 173 50.85 -7.48 -5.16
CA SER C 173 49.98 -7.28 -4.01
C SER C 173 50.75 -7.14 -2.71
N LYS C 174 52.06 -6.86 -2.78
CA LYS C 174 52.85 -6.69 -1.57
C LYS C 174 53.68 -5.41 -1.63
N ASP C 175 54.62 -5.37 -2.56
CA ASP C 175 55.49 -4.20 -2.73
C ASP C 175 54.91 -3.17 -3.69
N SER C 176 53.78 -3.46 -4.35
CA SER C 176 53.14 -2.54 -5.27
C SER C 176 54.07 -2.13 -6.40
N THR C 177 54.79 -3.09 -6.96
CA THR C 177 55.72 -2.84 -8.06
C THR C 177 55.40 -3.73 -9.25
N TYR C 178 55.70 -3.24 -10.44
CA TYR C 178 55.44 -3.91 -11.69
C TYR C 178 56.70 -4.63 -12.16
N SER C 179 56.61 -5.25 -13.34
CA SER C 179 57.74 -5.92 -13.96
C SER C 179 57.53 -5.93 -15.47
N LEU C 180 58.60 -5.68 -16.22
CA LEU C 180 58.53 -5.57 -17.67
C LEU C 180 59.47 -6.58 -18.31
N SER C 181 59.04 -7.14 -19.45
CA SER C 181 59.81 -8.16 -20.17
C SER C 181 59.77 -7.84 -21.66
N SER C 182 60.83 -7.21 -22.16
CA SER C 182 60.94 -6.90 -23.59
C SER C 182 61.63 -8.05 -24.30
N THR C 183 61.06 -8.48 -25.42
CA THR C 183 61.56 -9.63 -26.18
C THR C 183 61.88 -9.19 -27.60
N LEU C 184 63.18 -9.07 -27.91
CA LEU C 184 63.65 -8.71 -29.24
C LEU C 184 63.86 -9.98 -30.07
N THR C 185 63.12 -10.13 -31.16
CA THR C 185 63.13 -11.34 -31.97
C THR C 185 63.76 -11.03 -33.33
N LEU C 186 64.91 -11.64 -33.58
CA LEU C 186 65.58 -11.60 -34.88
C LEU C 186 65.64 -13.02 -35.45
N SER C 187 66.28 -13.14 -36.61
CA SER C 187 66.52 -14.43 -37.22
C SER C 187 67.91 -14.93 -36.87
N LYS C 188 68.19 -16.18 -37.24
CA LYS C 188 69.51 -16.75 -36.96
C LYS C 188 70.59 -16.04 -37.75
N ALA C 189 70.34 -15.74 -39.02
CA ALA C 189 71.33 -15.07 -39.85
C ALA C 189 71.60 -13.66 -39.38
N ASP C 190 70.54 -12.90 -39.08
CA ASP C 190 70.72 -11.51 -38.68
C ASP C 190 71.37 -11.40 -37.30
N TYR C 191 71.20 -12.41 -36.45
CA TYR C 191 71.81 -12.36 -35.13
C TYR C 191 73.32 -12.55 -35.21
N GLU C 192 73.78 -13.43 -36.10
CA GLU C 192 75.21 -13.67 -36.24
C GLU C 192 75.94 -12.49 -36.87
N LYS C 193 75.21 -11.59 -37.52
CA LYS C 193 75.81 -10.48 -38.25
C LYS C 193 76.25 -9.33 -37.35
N HIS C 194 76.02 -9.42 -36.04
CA HIS C 194 76.31 -8.31 -35.16
C HIS C 194 76.96 -8.81 -33.87
N LYS C 195 77.45 -7.87 -33.07
CA LYS C 195 78.19 -8.17 -31.84
C LYS C 195 77.62 -7.46 -30.62
N VAL C 196 77.26 -6.19 -30.73
CA VAL C 196 76.79 -5.41 -29.59
C VAL C 196 75.26 -5.47 -29.57
N TYR C 197 74.72 -5.96 -28.45
CA TYR C 197 73.27 -5.98 -28.23
C TYR C 197 72.98 -5.32 -26.89
N ALA C 198 72.26 -4.21 -26.92
CA ALA C 198 71.96 -3.44 -25.72
C ALA C 198 70.48 -3.07 -25.69
N CYS C 199 69.96 -2.94 -24.47
CA CYS C 199 68.59 -2.47 -24.25
C CYS C 199 68.65 -1.31 -23.27
N GLU C 200 68.22 -0.14 -23.71
CA GLU C 200 68.26 1.06 -22.90
C GLU C 200 66.90 1.31 -22.25
N VAL C 201 66.92 1.64 -20.97
CA VAL C 201 65.72 1.85 -20.18
C VAL C 201 65.77 3.27 -19.64
N THR C 202 64.74 4.06 -19.94
CA THR C 202 64.62 5.43 -19.46
C THR C 202 63.46 5.47 -18.47
N HIS C 203 63.78 5.63 -17.20
CA HIS C 203 62.79 5.71 -16.15
C HIS C 203 63.07 6.92 -15.29
N GLN C 204 62.00 7.52 -14.74
CA GLN C 204 62.16 8.71 -13.93
C GLN C 204 62.92 8.44 -12.63
N GLY C 205 62.90 7.19 -12.15
CA GLY C 205 63.63 6.77 -10.97
C GLY C 205 65.12 6.60 -11.15
N LEU C 206 65.62 6.76 -12.37
CA LEU C 206 67.04 6.67 -12.65
C LEU C 206 67.57 8.04 -13.04
N SER C 207 68.75 8.38 -12.52
CA SER C 207 69.35 9.68 -12.80
C SER C 207 69.60 9.86 -14.29
N SER C 208 70.05 8.80 -14.96
CA SER C 208 70.30 8.81 -16.39
C SER C 208 69.89 7.45 -16.95
N PRO C 209 69.52 7.40 -18.24
CA PRO C 209 69.13 6.11 -18.84
C PRO C 209 70.24 5.07 -18.75
N VAL C 210 69.99 4.02 -17.98
CA VAL C 210 70.96 2.97 -17.74
C VAL C 210 70.87 1.94 -18.86
N THR C 211 72.03 1.47 -19.32
CA THR C 211 72.11 0.53 -20.44
C THR C 211 72.82 -0.74 -19.98
N LYS C 212 72.17 -1.89 -20.16
CA LYS C 212 72.77 -3.18 -19.92
C LYS C 212 72.96 -3.90 -21.25
N SER C 213 74.16 -4.43 -21.49
CA SER C 213 74.50 -5.00 -22.80
C SER C 213 75.30 -6.28 -22.61
N PHE C 214 75.55 -6.96 -23.73
CA PHE C 214 76.37 -8.16 -23.76
C PHE C 214 76.94 -8.34 -25.16
N ASN C 215 78.10 -8.99 -25.24
CA ASN C 215 78.74 -9.30 -26.51
C ASN C 215 78.55 -10.78 -26.84
N ARG C 216 78.26 -11.07 -28.10
CA ARG C 216 77.98 -12.44 -28.51
C ARG C 216 79.26 -13.28 -28.46
N GLY C 217 79.16 -14.45 -27.84
CA GLY C 217 80.29 -15.35 -27.73
C GLY C 217 80.37 -16.08 -26.41
N GLN D 1 35.89 -31.01 -6.62
CA GLN D 1 34.83 -30.90 -5.62
C GLN D 1 34.40 -29.44 -5.42
N VAL D 2 34.90 -28.56 -6.27
CA VAL D 2 34.58 -27.14 -6.17
C VAL D 2 33.15 -26.91 -6.65
N GLN D 3 32.37 -26.17 -5.86
CA GLN D 3 30.96 -25.86 -6.13
C GLN D 3 30.62 -25.76 -7.62
N LEU D 4 31.06 -24.69 -8.26
CA LEU D 4 30.82 -24.49 -9.69
C LEU D 4 32.16 -24.69 -10.40
N GLN D 5 32.32 -25.86 -11.02
CA GLN D 5 33.54 -26.20 -11.75
C GLN D 5 33.22 -26.17 -13.24
N GLN D 6 33.82 -25.23 -13.96
CA GLN D 6 33.50 -25.01 -15.35
C GLN D 6 34.33 -25.91 -16.25
N SER D 7 34.12 -25.77 -17.55
CA SER D 7 34.86 -26.54 -18.54
C SER D 7 36.29 -26.00 -18.66
N GLY D 8 37.11 -26.73 -19.42
CA GLY D 8 38.47 -26.33 -19.69
C GLY D 8 38.53 -25.32 -20.83
N ALA D 9 39.74 -25.08 -21.31
CA ALA D 9 39.93 -24.15 -22.41
C ALA D 9 39.27 -24.69 -23.68
N GLU D 10 39.10 -23.80 -24.67
CA GLU D 10 38.38 -24.17 -25.88
C GLU D 10 38.88 -23.36 -27.06
N LEU D 11 38.89 -23.99 -28.23
CA LEU D 11 39.23 -23.33 -29.48
C LEU D 11 38.24 -23.77 -30.54
N MET D 12 37.51 -22.82 -31.11
CA MET D 12 36.50 -23.09 -32.12
C MET D 12 36.68 -22.13 -33.28
N ASN D 13 36.51 -22.66 -34.50
CA ASN D 13 36.65 -21.83 -35.69
C ASN D 13 35.46 -20.88 -35.81
N PRO D 14 35.66 -19.72 -36.44
CA PRO D 14 34.58 -18.75 -36.55
C PRO D 14 33.40 -19.27 -37.36
N GLY D 15 32.24 -18.67 -37.10
CA GLY D 15 30.99 -19.10 -37.70
C GLY D 15 30.35 -20.31 -37.07
N ALA D 16 31.13 -21.13 -36.36
CA ALA D 16 30.63 -22.38 -35.77
C ALA D 16 29.94 -22.12 -34.43
N SER D 17 29.97 -23.12 -33.55
CA SER D 17 29.34 -23.02 -32.25
C SER D 17 30.17 -23.81 -31.24
N VAL D 18 29.89 -23.58 -29.96
CA VAL D 18 30.57 -24.27 -28.87
C VAL D 18 29.66 -24.24 -27.65
N LYS D 19 29.66 -25.35 -26.90
CA LYS D 19 28.84 -25.51 -25.70
C LYS D 19 29.79 -25.85 -24.55
N ILE D 20 29.80 -25.01 -23.53
CA ILE D 20 30.66 -25.18 -22.37
C ILE D 20 29.80 -25.58 -21.18
N SER D 21 30.42 -26.26 -20.23
CA SER D 21 29.74 -26.81 -19.08
C SER D 21 30.02 -25.98 -17.82
N CYS D 22 29.29 -26.33 -16.76
CA CYS D 22 29.38 -25.70 -15.45
C CYS D 22 28.91 -26.75 -14.45
N LYS D 23 29.76 -27.75 -14.22
CA LYS D 23 29.40 -28.85 -13.33
C LYS D 23 29.18 -28.31 -11.93
N SER D 24 27.96 -28.45 -11.42
CA SER D 24 27.55 -27.81 -10.17
C SER D 24 27.25 -28.86 -9.11
N THR D 25 28.07 -28.92 -8.08
CA THR D 25 27.65 -29.54 -6.84
C THR D 25 26.90 -28.49 -6.03
N GLY D 26 26.83 -28.63 -4.71
CA GLY D 26 25.97 -27.76 -3.94
C GLY D 26 24.56 -28.31 -3.92
N TYR D 27 23.89 -28.22 -2.77
CA TYR D 27 22.74 -29.07 -2.47
C TYR D 27 21.70 -29.25 -3.58
N LYS D 28 20.88 -28.26 -3.90
CA LYS D 28 19.91 -28.53 -4.96
C LYS D 28 19.68 -27.32 -5.85
N PHE D 29 20.08 -27.46 -7.12
CA PHE D 29 19.69 -26.53 -8.15
C PHE D 29 18.36 -27.09 -8.60
N SER D 30 17.82 -26.65 -9.72
CA SER D 30 16.43 -26.94 -10.09
C SER D 30 15.46 -26.17 -9.18
N SER D 31 16.04 -25.26 -8.38
CA SER D 31 15.32 -24.35 -7.50
C SER D 31 16.07 -23.02 -7.40
N TYR D 32 17.37 -23.02 -7.71
CA TYR D 32 18.22 -21.83 -7.62
C TYR D 32 18.77 -21.48 -8.99
N TRP D 33 18.63 -20.21 -9.38
CA TRP D 33 19.12 -19.78 -10.69
C TRP D 33 20.64 -19.92 -10.77
N ILE D 34 21.11 -20.25 -11.96
CA ILE D 34 22.53 -20.25 -12.25
C ILE D 34 22.74 -19.35 -13.45
N GLU D 35 23.62 -18.37 -13.31
CA GLU D 35 23.80 -17.33 -14.31
C GLU D 35 25.18 -17.44 -14.96
N TRP D 36 25.33 -16.72 -16.07
CA TRP D 36 26.55 -16.73 -16.86
C TRP D 36 27.02 -15.30 -17.07
N VAL D 37 28.32 -15.08 -16.91
CA VAL D 37 28.89 -13.75 -17.06
C VAL D 37 30.06 -13.81 -18.05
N LYS D 38 30.13 -12.80 -18.90
CA LYS D 38 31.16 -12.69 -19.93
C LYS D 38 32.08 -11.52 -19.62
N GLN D 39 33.39 -11.73 -19.81
CA GLN D 39 34.39 -10.71 -19.53
C GLN D 39 35.34 -10.57 -20.72
N ARG D 40 35.22 -9.45 -21.44
CA ARG D 40 36.20 -9.13 -22.46
C ARG D 40 37.55 -8.89 -21.81
N PRO D 41 38.64 -9.10 -22.54
CA PRO D 41 39.97 -8.71 -22.01
C PRO D 41 40.07 -7.22 -21.70
N GLY D 42 39.18 -6.40 -22.27
CA GLY D 42 39.19 -4.98 -22.00
C GLY D 42 38.49 -4.61 -20.71
N HIS D 43 38.72 -5.42 -19.66
CA HIS D 43 38.23 -5.20 -18.30
C HIS D 43 36.71 -5.09 -18.22
N GLY D 44 35.98 -5.47 -19.27
CA GLY D 44 34.54 -5.30 -19.23
C GLY D 44 33.79 -6.52 -18.71
N LEU D 45 33.05 -6.35 -17.62
CA LEU D 45 32.21 -7.40 -17.06
C LEU D 45 30.77 -7.19 -17.54
N GLU D 46 30.23 -8.20 -18.22
CA GLU D 46 28.91 -8.11 -18.82
C GLU D 46 28.07 -9.30 -18.38
N TRP D 47 26.87 -9.03 -17.90
CA TRP D 47 25.95 -10.07 -17.47
C TRP D 47 25.21 -10.64 -18.68
N MET D 48 25.29 -11.97 -18.85
CA MET D 48 24.64 -12.59 -20.01
C MET D 48 23.21 -13.01 -19.69
N GLY D 49 23.06 -14.09 -18.94
CA GLY D 49 21.72 -14.57 -18.63
C GLY D 49 21.79 -15.64 -17.54
N GLU D 50 20.62 -16.17 -17.20
CA GLU D 50 20.50 -17.20 -16.19
C GLU D 50 19.46 -18.21 -16.61
N ILE D 51 19.33 -19.28 -15.83
CA ILE D 51 18.34 -20.31 -16.09
C ILE D 51 18.00 -21.01 -14.79
N LEU D 52 16.70 -21.26 -14.59
CA LEU D 52 16.23 -22.09 -13.49
C LEU D 52 16.17 -23.52 -14.03
N PRO D 53 17.06 -24.40 -13.61
CA PRO D 53 17.23 -25.70 -14.29
C PRO D 53 16.04 -26.64 -14.28
N GLY D 54 15.46 -26.85 -13.09
CA GLY D 54 14.33 -27.75 -12.95
C GLY D 54 13.14 -27.35 -13.77
N SER D 55 13.05 -26.07 -14.13
CA SER D 55 11.97 -25.57 -14.98
C SER D 55 12.43 -25.29 -16.39
N GLY D 56 13.73 -25.10 -16.60
CA GLY D 56 14.24 -24.69 -17.88
C GLY D 56 13.94 -23.25 -18.24
N SER D 57 13.10 -22.57 -17.45
CA SER D 57 12.72 -21.19 -17.75
C SER D 57 13.94 -20.30 -17.77
N THR D 58 14.27 -19.77 -18.94
CA THR D 58 15.45 -18.95 -19.07
C THR D 58 15.13 -17.48 -18.81
N ASN D 59 16.19 -16.68 -18.73
CA ASN D 59 16.05 -15.27 -18.42
C ASN D 59 17.37 -14.62 -18.83
N HIS D 60 17.37 -13.92 -19.96
CA HIS D 60 18.59 -13.46 -20.61
C HIS D 60 18.51 -11.97 -20.90
N ASN D 61 19.67 -11.40 -21.21
CA ASN D 61 19.81 -10.03 -21.65
C ASN D 61 19.66 -9.95 -23.17
N GLU D 62 19.08 -8.84 -23.64
CA GLU D 62 18.76 -8.69 -25.06
C GLU D 62 20.00 -8.70 -25.94
N LYS D 63 21.18 -8.45 -25.38
CA LYS D 63 22.40 -8.48 -26.20
C LYS D 63 22.71 -9.91 -26.64
N PHE D 64 22.48 -10.88 -25.77
CA PHE D 64 22.79 -12.27 -26.06
C PHE D 64 21.53 -13.08 -26.38
N LYS D 65 20.43 -12.42 -26.77
CA LYS D 65 19.20 -13.14 -27.04
C LYS D 65 19.33 -14.00 -28.29
N GLY D 66 20.10 -13.56 -29.28
CA GLY D 66 20.36 -14.34 -30.46
C GLY D 66 21.70 -15.03 -30.48
N LYS D 67 22.45 -14.99 -29.38
CA LYS D 67 23.81 -15.53 -29.35
C LYS D 67 24.06 -16.57 -28.27
N ALA D 68 23.18 -16.72 -27.29
CA ALA D 68 23.41 -17.64 -26.18
C ALA D 68 22.18 -18.49 -25.94
N ILE D 69 22.40 -19.79 -25.73
CA ILE D 69 21.32 -20.74 -25.43
C ILE D 69 21.67 -21.43 -24.11
N PHE D 70 20.73 -21.40 -23.17
CA PHE D 70 20.95 -21.94 -21.83
C PHE D 70 20.18 -23.25 -21.68
N THR D 71 20.86 -24.27 -21.16
CA THR D 71 20.25 -25.55 -20.85
C THR D 71 20.80 -26.06 -19.52
N ALA D 72 20.19 -27.12 -19.00
CA ALA D 72 20.61 -27.71 -17.75
C ALA D 72 20.06 -29.12 -17.66
N ASP D 73 20.83 -30.00 -17.05
CA ASP D 73 20.49 -31.41 -16.93
C ASP D 73 20.26 -31.74 -15.46
N ALA D 74 19.04 -32.20 -15.15
CA ALA D 74 18.74 -32.59 -13.77
C ALA D 74 19.15 -34.02 -13.48
N SER D 75 19.39 -34.84 -14.51
CA SER D 75 19.83 -36.21 -14.29
C SER D 75 21.23 -36.21 -13.66
N SER D 76 22.19 -35.54 -14.31
CA SER D 76 23.45 -35.24 -13.66
C SER D 76 23.27 -33.93 -12.92
N ASN D 77 24.35 -33.18 -12.72
CA ASN D 77 24.29 -31.92 -11.99
C ASN D 77 25.05 -30.85 -12.78
N THR D 78 24.59 -30.59 -13.99
CA THR D 78 25.32 -29.71 -14.90
C THR D 78 24.37 -28.75 -15.60
N ALA D 79 24.87 -27.56 -15.90
CA ALA D 79 24.18 -26.59 -16.74
C ALA D 79 25.11 -26.18 -17.86
N TYR D 80 24.52 -25.86 -19.01
CA TYR D 80 25.28 -25.62 -20.23
C TYR D 80 24.93 -24.27 -20.84
N MET D 81 25.81 -23.80 -21.72
CA MET D 81 25.57 -22.59 -22.50
C MET D 81 26.20 -22.76 -23.88
N GLU D 82 25.43 -22.45 -24.92
CA GLU D 82 25.87 -22.62 -26.30
C GLU D 82 25.87 -21.27 -27.00
N LEU D 83 26.89 -21.03 -27.83
CA LEU D 83 27.08 -19.77 -28.51
C LEU D 83 27.04 -19.99 -30.02
N SER D 84 26.19 -19.24 -30.72
CA SER D 84 25.99 -19.39 -32.15
C SER D 84 26.69 -18.26 -32.90
N SER D 85 27.21 -18.61 -34.09
CA SER D 85 27.88 -17.66 -34.99
C SER D 85 29.04 -16.96 -34.28
N LEU D 86 30.04 -17.77 -33.96
CA LEU D 86 31.20 -17.28 -33.23
C LEU D 86 32.01 -16.31 -34.09
N THR D 87 32.26 -15.12 -33.56
CA THR D 87 33.10 -14.13 -34.20
C THR D 87 34.25 -13.79 -33.26
N SER D 88 35.07 -12.81 -33.67
CA SER D 88 36.14 -12.35 -32.78
C SER D 88 35.60 -11.60 -31.58
N GLU D 89 34.36 -11.08 -31.66
CA GLU D 89 33.78 -10.37 -30.53
C GLU D 89 33.57 -11.29 -29.34
N ASP D 90 33.16 -12.53 -29.58
CA ASP D 90 32.80 -13.46 -28.53
C ASP D 90 34.01 -14.15 -27.89
N SER D 91 35.22 -13.85 -28.34
CA SER D 91 36.42 -14.39 -27.70
C SER D 91 36.59 -13.70 -26.35
N ALA D 92 36.30 -14.43 -25.27
CA ALA D 92 36.36 -13.87 -23.92
C ALA D 92 36.40 -15.03 -22.93
N VAL D 93 36.33 -14.70 -21.64
CA VAL D 93 36.27 -15.68 -20.58
C VAL D 93 34.85 -15.66 -20.01
N TYR D 94 34.29 -16.86 -19.78
CA TYR D 94 32.90 -17.00 -19.38
C TYR D 94 32.83 -17.69 -18.03
N TYR D 95 32.24 -17.01 -17.05
CA TYR D 95 32.04 -17.55 -15.71
C TYR D 95 30.57 -17.89 -15.51
N CYS D 96 30.32 -18.92 -14.72
CA CYS D 96 28.99 -19.22 -14.24
C CYS D 96 28.93 -18.96 -12.75
N ALA D 97 27.82 -18.42 -12.28
CA ALA D 97 27.70 -18.00 -10.89
C ALA D 97 26.36 -18.43 -10.32
N ARG D 98 26.39 -19.00 -9.13
CA ARG D 98 25.19 -19.35 -8.39
C ARG D 98 25.18 -18.55 -7.10
N THR D 99 23.98 -18.29 -6.59
CA THR D 99 23.83 -17.48 -5.41
C THR D 99 22.59 -17.91 -4.65
N ILE D 100 22.72 -17.99 -3.33
CA ILE D 100 21.68 -18.52 -2.45
C ILE D 100 21.43 -17.51 -1.35
N SER D 101 20.16 -17.14 -1.14
CA SER D 101 19.84 -16.03 -0.24
C SER D 101 19.59 -16.46 1.20
N THR D 102 18.77 -17.50 1.40
CA THR D 102 18.33 -18.01 2.70
C THR D 102 17.88 -16.87 3.62
N ALA D 103 17.89 -17.10 4.93
CA ALA D 103 17.49 -16.09 5.90
C ALA D 103 18.65 -15.64 6.77
N THR D 104 19.47 -16.57 7.23
CA THR D 104 20.70 -16.28 7.95
C THR D 104 21.86 -16.53 7.01
N ASP D 105 22.66 -15.49 6.77
CA ASP D 105 23.80 -15.50 5.85
C ASP D 105 23.33 -15.52 4.39
N TRP D 106 24.29 -15.63 3.47
CA TRP D 106 24.05 -15.38 2.05
C TRP D 106 25.24 -15.91 1.25
N PHE D 107 24.98 -16.71 0.23
CA PHE D 107 26.03 -17.39 -0.52
C PHE D 107 26.16 -16.84 -1.93
N ALA D 108 27.39 -16.81 -2.43
CA ALA D 108 27.65 -16.41 -3.80
C ALA D 108 28.87 -17.18 -4.29
N TYR D 109 28.66 -18.05 -5.27
CA TYR D 109 29.70 -18.91 -5.83
C TYR D 109 29.97 -18.53 -7.28
N TRP D 110 31.22 -18.72 -7.70
CA TRP D 110 31.63 -18.44 -9.07
C TRP D 110 32.50 -19.58 -9.56
N GLY D 111 32.65 -19.66 -10.88
CA GLY D 111 33.51 -20.63 -11.50
C GLY D 111 34.86 -20.04 -11.87
N GLN D 112 35.85 -20.93 -12.09
CA GLN D 112 37.19 -20.46 -12.41
C GLN D 112 37.21 -19.70 -13.72
N GLY D 113 36.32 -20.05 -14.65
CA GLY D 113 36.27 -19.39 -15.93
C GLY D 113 36.69 -20.31 -17.07
N THR D 114 36.06 -20.12 -18.23
CA THR D 114 36.34 -20.87 -19.43
C THR D 114 36.78 -19.90 -20.53
N LEU D 115 37.96 -20.13 -21.10
CA LEU D 115 38.49 -19.30 -22.16
C LEU D 115 38.03 -19.82 -23.52
N VAL D 116 37.43 -18.95 -24.32
CA VAL D 116 36.93 -19.27 -25.64
C VAL D 116 37.72 -18.47 -26.66
N THR D 117 38.44 -19.15 -27.54
CA THR D 117 39.24 -18.52 -28.58
C THR D 117 38.64 -18.82 -29.94
N VAL D 118 38.38 -17.77 -30.71
CA VAL D 118 37.78 -17.86 -32.05
C VAL D 118 38.86 -17.54 -33.07
N SER D 119 39.36 -18.57 -33.76
CA SER D 119 40.40 -18.40 -34.77
C SER D 119 40.36 -19.61 -35.70
N ALA D 120 41.32 -19.66 -36.63
CA ALA D 120 41.39 -20.75 -37.60
C ALA D 120 42.71 -21.51 -37.45
N ALA D 121 43.83 -20.95 -37.86
CA ALA D 121 45.11 -21.63 -37.79
C ALA D 121 45.74 -21.45 -36.42
N SER D 122 44.39 -24.15 -35.49
CA SER D 122 45.26 -25.31 -35.37
C SER D 122 46.12 -25.20 -34.11
N THR D 123 46.00 -26.19 -33.23
CA THR D 123 46.71 -26.18 -31.96
C THR D 123 48.19 -26.50 -32.17
N LYS D 124 49.06 -25.73 -31.53
CA LYS D 124 50.50 -25.93 -31.63
C LYS D 124 51.11 -25.88 -30.23
N GLY D 125 51.99 -26.85 -29.96
CA GLY D 125 52.66 -26.93 -28.67
C GLY D 125 53.71 -25.86 -28.51
N PRO D 126 53.97 -25.47 -27.26
CA PRO D 126 54.94 -24.41 -27.00
C PRO D 126 56.37 -24.92 -27.02
N SER D 127 57.29 -23.97 -27.18
CA SER D 127 58.72 -24.24 -27.13
C SER D 127 59.31 -23.51 -25.94
N VAL D 128 60.08 -24.22 -25.12
CA VAL D 128 60.64 -23.68 -23.89
C VAL D 128 62.15 -23.57 -24.04
N PHE D 129 62.68 -22.36 -23.85
CA PHE D 129 64.12 -22.10 -23.94
C PHE D 129 64.57 -21.41 -22.66
N PRO D 130 65.68 -21.83 -22.07
CA PRO D 130 66.12 -21.23 -20.81
C PRO D 130 66.81 -19.88 -21.02
N LEU D 131 66.76 -19.06 -19.98
CA LEU D 131 67.42 -17.76 -19.93
C LEU D 131 68.47 -17.80 -18.83
N ALA D 132 69.72 -18.00 -19.20
CA ALA D 132 70.78 -18.18 -18.21
C ALA D 132 71.08 -16.87 -17.47
N PRO D 133 71.30 -16.92 -16.17
CA PRO D 133 71.59 -15.68 -15.40
C PRO D 133 73.00 -15.18 -15.64
N SER D 134 73.18 -13.88 -15.39
CA SER D 134 74.47 -13.23 -15.51
C SER D 134 75.22 -13.21 -14.18
N SER D 139 75.92 -9.56 -12.40
CA SER D 139 74.69 -9.03 -11.82
C SER D 139 74.95 -8.22 -10.54
N GLY D 140 74.07 -8.38 -9.57
CA GLY D 140 74.15 -7.71 -8.30
C GLY D 140 74.02 -8.71 -7.16
N GLY D 141 73.57 -8.22 -6.00
CA GLY D 141 73.32 -9.11 -4.88
C GLY D 141 72.27 -10.16 -5.16
N THR D 142 71.49 -9.99 -6.23
CA THR D 142 70.46 -10.93 -6.63
C THR D 142 70.63 -11.29 -8.10
N ALA D 143 70.48 -12.58 -8.41
CA ALA D 143 70.57 -13.10 -9.77
C ALA D 143 69.18 -13.43 -10.29
N ALA D 144 68.94 -13.15 -11.57
CA ALA D 144 67.66 -13.36 -12.22
C ALA D 144 67.76 -14.48 -13.24
N LEU D 145 66.72 -15.32 -13.30
CA LEU D 145 66.67 -16.43 -14.24
C LEU D 145 65.22 -16.77 -14.55
N GLY D 146 65.00 -17.35 -15.72
CA GLY D 146 63.65 -17.69 -16.11
C GLY D 146 63.60 -18.63 -17.30
N CYS D 147 62.38 -18.82 -17.79
CA CYS D 147 62.08 -19.64 -18.97
C CYS D 147 61.34 -18.82 -20.00
N LEU D 148 61.46 -19.21 -21.26
CA LEU D 148 60.81 -18.52 -22.38
C LEU D 148 59.88 -19.50 -23.08
N VAL D 149 58.58 -19.24 -23.02
CA VAL D 149 57.58 -20.05 -23.69
C VAL D 149 57.22 -19.34 -24.99
N LYS D 150 57.78 -19.81 -26.10
CA LYS D 150 57.64 -19.16 -27.39
C LYS D 150 56.85 -20.05 -28.35
N ASP D 151 56.06 -19.41 -29.20
CA ASP D 151 55.36 -20.07 -30.30
C ASP D 151 54.38 -21.15 -29.83
N TYR D 152 53.18 -20.73 -29.42
CA TYR D 152 52.14 -21.68 -29.04
C TYR D 152 50.78 -21.06 -29.31
N PHE D 153 49.77 -21.92 -29.41
CA PHE D 153 48.41 -21.47 -29.68
C PHE D 153 47.44 -22.59 -29.35
N PRO D 154 46.31 -22.29 -28.69
CA PRO D 154 45.96 -20.94 -28.21
C PRO D 154 46.33 -20.74 -26.74
N GLU D 155 45.89 -19.63 -26.15
CA GLU D 155 46.06 -19.44 -24.73
C GLU D 155 45.16 -20.42 -23.98
N PRO D 156 45.47 -20.72 -22.71
CA PRO D 156 46.63 -20.27 -21.93
C PRO D 156 47.63 -21.38 -21.66
N VAL D 157 48.67 -21.04 -20.88
CA VAL D 157 49.63 -22.01 -20.39
C VAL D 157 49.82 -21.75 -18.89
N THR D 158 50.03 -22.83 -18.15
CA THR D 158 50.23 -22.75 -16.71
C THR D 158 51.69 -23.10 -16.40
N VAL D 159 52.38 -22.18 -15.74
CA VAL D 159 53.81 -22.29 -15.46
C VAL D 159 54.01 -22.29 -13.96
N SER D 160 54.67 -23.34 -13.44
CA SER D 160 55.04 -23.41 -12.04
C SER D 160 56.53 -23.73 -11.94
N TRP D 161 57.12 -23.32 -10.82
CA TRP D 161 58.56 -23.49 -10.58
C TRP D 161 58.76 -24.44 -9.40
N ASN D 162 59.62 -25.44 -9.60
CA ASN D 162 59.91 -26.46 -8.60
C ASN D 162 58.64 -27.19 -8.19
N SER D 163 57.74 -27.40 -9.16
CA SER D 163 56.44 -28.03 -8.92
C SER D 163 55.66 -27.30 -7.82
N GLY D 164 55.81 -25.98 -7.79
CA GLY D 164 55.13 -25.17 -6.81
C GLY D 164 55.92 -24.89 -5.55
N ALA D 165 57.16 -25.36 -5.45
CA ALA D 165 57.94 -25.15 -4.24
C ALA D 165 58.52 -23.73 -4.15
N LEU D 166 58.55 -22.99 -5.25
CA LEU D 166 59.09 -21.63 -5.26
C LEU D 166 57.99 -20.69 -5.72
N THR D 167 57.60 -19.74 -4.85
CA THR D 167 56.52 -18.82 -5.17
C THR D 167 56.90 -17.37 -4.92
N SER D 168 57.75 -17.13 -3.91
CA SER D 168 58.12 -15.76 -3.57
C SER D 168 59.08 -15.20 -4.60
N GLY D 169 58.78 -13.99 -5.10
CA GLY D 169 59.62 -13.34 -6.08
C GLY D 169 59.37 -13.74 -7.52
N VAL D 170 58.40 -14.63 -7.78
CA VAL D 170 58.12 -15.07 -9.13
C VAL D 170 57.20 -14.06 -9.81
N HIS D 171 57.44 -13.82 -11.10
CA HIS D 171 56.62 -12.91 -11.89
C HIS D 171 56.43 -13.52 -13.27
N THR D 172 55.23 -14.04 -13.53
CA THR D 172 54.89 -14.60 -14.83
C THR D 172 54.22 -13.53 -15.68
N PHE D 173 54.85 -13.18 -16.79
CA PHE D 173 54.35 -12.10 -17.63
C PHE D 173 53.20 -12.58 -18.50
N PRO D 174 52.21 -11.72 -18.76
CA PRO D 174 51.13 -12.09 -19.67
C PRO D 174 51.66 -12.33 -21.08
N ALA D 175 50.98 -13.21 -21.80
CA ALA D 175 51.42 -13.56 -23.15
C ALA D 175 51.16 -12.41 -24.11
N VAL D 176 52.11 -12.18 -25.00
CA VAL D 176 51.95 -11.22 -26.08
C VAL D 176 51.76 -11.98 -27.39
N LEU D 177 50.93 -11.41 -28.27
CA LEU D 177 50.61 -12.05 -29.55
C LEU D 177 51.60 -11.56 -30.60
N GLN D 178 52.45 -12.47 -31.09
CA GLN D 178 53.43 -12.09 -32.10
C GLN D 178 52.76 -11.86 -33.44
N SER D 179 53.56 -11.42 -34.42
CA SER D 179 53.05 -11.18 -35.76
C SER D 179 52.70 -12.47 -36.49
N SER D 180 53.23 -13.60 -36.05
CA SER D 180 52.98 -14.89 -36.70
C SER D 180 51.68 -15.55 -36.23
N GLY D 181 50.92 -14.88 -35.35
CA GLY D 181 49.71 -15.47 -34.82
C GLY D 181 49.91 -16.43 -33.67
N LEU D 182 51.12 -16.50 -33.11
CA LEU D 182 51.40 -17.36 -31.97
C LEU D 182 51.75 -16.52 -30.75
N TYR D 183 51.35 -17.01 -29.58
CA TYR D 183 51.63 -16.32 -28.33
C TYR D 183 53.04 -16.61 -27.85
N SER D 184 53.53 -15.74 -26.97
CA SER D 184 54.87 -15.85 -26.42
C SER D 184 54.92 -15.08 -25.11
N LEU D 185 55.35 -15.74 -24.04
CA LEU D 185 55.45 -15.11 -22.73
C LEU D 185 56.76 -15.52 -22.07
N SER D 186 57.03 -14.90 -20.92
CA SER D 186 58.23 -15.15 -20.16
C SER D 186 57.88 -15.22 -18.68
N SER D 187 58.60 -16.06 -17.94
CA SER D 187 58.38 -16.24 -16.51
C SER D 187 59.74 -16.25 -15.83
N VAL D 188 60.02 -15.23 -15.03
CA VAL D 188 61.29 -15.10 -14.34
C VAL D 188 61.05 -15.21 -12.84
N VAL D 189 62.14 -15.29 -12.09
CA VAL D 189 62.08 -15.37 -10.63
C VAL D 189 63.40 -14.85 -10.05
N THR D 190 63.30 -13.95 -9.07
CA THR D 190 64.47 -13.37 -8.44
C THR D 190 64.88 -14.23 -7.25
N VAL D 191 66.09 -14.79 -7.31
CA VAL D 191 66.61 -15.65 -6.25
C VAL D 191 67.97 -15.11 -5.81
N PRO D 192 68.40 -15.37 -4.58
CA PRO D 192 69.73 -14.92 -4.15
C PRO D 192 70.83 -15.51 -5.02
N SER D 193 71.92 -14.75 -5.17
CA SER D 193 72.99 -15.15 -6.06
C SER D 193 73.75 -16.37 -5.53
N SER D 194 73.80 -16.55 -4.22
CA SER D 194 74.53 -17.67 -3.63
C SER D 194 73.82 -19.02 -3.80
N SER D 195 72.57 -19.02 -4.25
CA SER D 195 71.81 -20.25 -4.42
C SER D 195 71.89 -20.82 -5.83
N LEU D 196 72.78 -20.28 -6.68
CA LEU D 196 72.86 -20.76 -8.05
C LEU D 196 73.61 -22.08 -8.16
N GLY D 197 74.66 -22.26 -7.37
CA GLY D 197 75.45 -23.46 -7.43
C GLY D 197 74.97 -24.62 -6.57
N THR D 198 73.95 -24.41 -5.74
CA THR D 198 73.47 -25.45 -4.85
C THR D 198 72.04 -25.90 -5.12
N GLN D 199 71.17 -24.96 -5.49
CA GLN D 199 69.76 -25.27 -5.72
C GLN D 199 69.50 -25.41 -7.22
N THR D 200 68.59 -26.32 -7.56
CA THR D 200 68.18 -26.55 -8.95
C THR D 200 66.82 -25.91 -9.19
N TYR D 201 66.70 -25.16 -10.30
CA TYR D 201 65.47 -24.48 -10.67
C TYR D 201 64.93 -25.08 -11.98
N ILE D 202 63.69 -25.54 -11.95
CA ILE D 202 63.03 -26.13 -13.11
C ILE D 202 61.64 -25.54 -13.24
N CYS D 203 61.33 -25.02 -14.43
CA CYS D 203 60.00 -24.47 -14.71
C CYS D 203 59.12 -25.55 -15.32
N ASN D 204 57.87 -25.62 -14.86
CA ASN D 204 56.92 -26.65 -15.28
C ASN D 204 55.88 -26.00 -16.19
N VAL D 205 56.06 -26.12 -17.50
CA VAL D 205 55.13 -25.59 -18.47
C VAL D 205 54.07 -26.64 -18.78
N ASN D 206 52.82 -26.21 -18.88
CA ASN D 206 51.71 -27.11 -19.17
C ASN D 206 50.73 -26.40 -20.09
N HIS D 207 50.54 -26.94 -21.29
CA HIS D 207 49.59 -26.43 -22.27
C HIS D 207 48.54 -27.50 -22.49
N LYS D 208 47.42 -27.38 -21.78
CA LYS D 208 46.37 -28.40 -21.87
C LYS D 208 45.73 -28.55 -23.25
N PRO D 209 45.58 -27.50 -24.07
CA PRO D 209 45.02 -27.71 -25.42
C PRO D 209 45.83 -28.67 -26.29
N SER D 210 47.16 -28.72 -26.13
CA SER D 210 48.00 -29.58 -26.95
C SER D 210 48.63 -30.72 -26.15
N ASN D 211 48.25 -30.87 -24.87
CA ASN D 211 48.74 -31.94 -24.01
C ASN D 211 50.27 -31.93 -23.88
N THR D 212 50.87 -30.74 -23.90
CA THR D 212 52.32 -30.60 -23.80
C THR D 212 52.71 -30.31 -22.36
N LYS D 213 53.69 -31.06 -21.86
CA LYS D 213 54.17 -30.90 -20.48
C LYS D 213 55.70 -30.95 -20.53
N VAL D 214 56.32 -29.77 -20.53
CA VAL D 214 57.77 -29.63 -20.65
C VAL D 214 58.33 -29.20 -19.30
N ASP D 215 59.47 -29.78 -18.92
CA ASP D 215 60.18 -29.43 -17.69
C ASP D 215 61.63 -29.12 -18.04
N LYS D 216 61.97 -27.84 -18.11
CA LYS D 216 63.30 -27.37 -18.50
C LYS D 216 64.08 -26.89 -17.30
N LYS D 217 65.37 -27.21 -17.27
CA LYS D 217 66.26 -26.80 -16.19
C LYS D 217 66.99 -25.52 -16.58
N VAL D 218 66.92 -24.52 -15.71
CA VAL D 218 67.60 -23.24 -15.91
C VAL D 218 68.93 -23.28 -15.17
N GLU D 219 70.01 -22.95 -15.86
CA GLU D 219 71.35 -23.02 -15.31
C GLU D 219 72.25 -21.96 -15.94
N PRO D 220 73.17 -21.36 -15.15
CA PRO D 220 74.07 -20.30 -15.64
C PRO D 220 74.96 -20.75 -16.80
N MET E 1 -79.91 11.35 8.88
CA MET E 1 -79.09 10.15 8.78
C MET E 1 -79.84 8.93 9.31
N LEU E 2 -79.71 7.81 8.61
CA LEU E 2 -80.19 6.50 9.05
C LEU E 2 -79.06 5.75 9.74
N PRO E 3 -79.37 4.78 10.61
CA PRO E 3 -78.31 4.04 11.28
C PRO E 3 -77.39 3.31 10.30
N ALA E 4 -76.16 3.07 10.73
CA ALA E 4 -75.09 2.54 9.90
C ALA E 4 -74.74 1.10 10.28
N PRO E 5 -74.01 0.38 9.41
CA PRO E 5 -73.52 -0.95 9.80
C PRO E 5 -72.39 -0.89 10.81
N LYS E 6 -71.87 -2.03 11.25
CA LYS E 6 -70.82 -2.02 12.26
C LYS E 6 -69.87 -3.19 12.03
N ASN E 7 -68.75 -3.15 12.77
CA ASN E 7 -67.70 -4.17 12.73
C ASN E 7 -67.14 -4.32 11.31
N LEU E 8 -66.49 -3.24 10.88
CA LEU E 8 -65.81 -3.21 9.59
C LEU E 8 -64.40 -3.75 9.78
N VAL E 9 -64.15 -4.95 9.27
CA VAL E 9 -62.87 -5.63 9.46
C VAL E 9 -62.22 -5.87 8.11
N VAL E 10 -60.92 -5.64 8.04
CA VAL E 10 -60.12 -5.95 6.85
C VAL E 10 -59.24 -7.14 7.19
N SER E 11 -59.47 -8.27 6.53
CA SER E 11 -58.75 -9.50 6.77
C SER E 11 -58.22 -10.05 5.46
N ARG E 12 -57.34 -11.05 5.57
CA ARG E 12 -56.77 -11.74 4.42
C ARG E 12 -56.16 -10.75 3.43
N VAL E 13 -55.29 -9.90 3.95
CA VAL E 13 -54.61 -8.90 3.14
C VAL E 13 -53.38 -9.56 2.52
N THR E 14 -53.30 -9.52 1.18
CA THR E 14 -52.18 -10.07 0.45
C THR E 14 -51.39 -8.91 -0.18
N GLU E 15 -50.65 -9.22 -1.25
CA GLU E 15 -49.91 -8.18 -1.95
C GLU E 15 -50.79 -7.33 -2.85
N ASP E 16 -51.94 -7.85 -3.30
CA ASP E 16 -52.79 -7.08 -4.20
C ASP E 16 -54.28 -7.22 -3.88
N SER E 17 -54.64 -7.84 -2.76
CA SER E 17 -56.04 -8.07 -2.44
C SER E 17 -56.26 -7.99 -0.94
N ALA E 18 -57.52 -7.76 -0.58
CA ALA E 18 -57.94 -7.71 0.81
C ALA E 18 -59.44 -7.87 0.83
N ARG E 19 -59.95 -8.35 1.95
CA ARG E 19 -61.37 -8.64 2.10
C ARG E 19 -61.97 -7.75 3.19
N LEU E 20 -63.12 -7.16 2.87
CA LEU E 20 -63.91 -6.38 3.82
C LEU E 20 -65.04 -7.24 4.36
N SER E 21 -65.57 -6.82 5.50
CA SER E 21 -66.66 -7.55 6.14
C SER E 21 -67.32 -6.66 7.18
N TRP E 22 -68.64 -6.76 7.28
CA TRP E 22 -69.39 -5.88 8.17
C TRP E 22 -70.63 -6.60 8.67
N THR E 23 -71.24 -6.04 9.71
CA THR E 23 -72.43 -6.59 10.34
C THR E 23 -73.59 -5.62 10.18
N ALA E 24 -74.70 -6.11 9.66
CA ALA E 24 -75.91 -5.33 9.47
C ALA E 24 -77.12 -6.19 9.73
N PRO E 25 -78.26 -5.61 10.09
CA PRO E 25 -79.48 -6.38 10.33
C PRO E 25 -79.93 -7.15 9.10
N ASP E 26 -80.88 -8.06 9.33
CA ASP E 26 -81.26 -9.05 8.32
C ASP E 26 -81.75 -8.39 7.04
N ALA E 27 -82.53 -7.31 7.16
CA ALA E 27 -83.07 -6.65 5.99
C ALA E 27 -83.15 -5.15 6.25
N ALA E 28 -81.99 -4.50 6.28
CA ALA E 28 -81.90 -3.09 6.63
C ALA E 28 -81.38 -2.20 5.52
N PHE E 29 -80.60 -2.74 4.58
CA PHE E 29 -79.96 -1.94 3.54
C PHE E 29 -80.24 -2.53 2.16
N ASP E 30 -80.44 -1.64 1.19
CA ASP E 30 -80.64 -2.01 -0.20
C ASP E 30 -79.32 -2.18 -0.95
N SER E 31 -78.40 -1.24 -0.75
CA SER E 31 -77.11 -1.29 -1.40
C SER E 31 -76.07 -0.65 -0.49
N PHE E 32 -74.82 -1.04 -0.71
CA PHE E 32 -73.68 -0.46 -0.01
C PHE E 32 -72.81 0.28 -1.02
N HIS E 33 -72.23 1.39 -0.59
CA HIS E 33 -71.29 2.15 -1.39
C HIS E 33 -69.93 1.99 -0.74
N ILE E 34 -69.06 1.20 -1.34
CA ILE E 34 -67.69 1.03 -0.86
C ILE E 34 -66.81 1.99 -1.63
N GLU E 35 -66.09 2.84 -0.91
CA GLU E 35 -65.17 3.81 -1.46
C GLU E 35 -63.80 3.59 -0.86
N TYR E 36 -62.77 3.57 -1.70
CA TYR E 36 -61.42 3.32 -1.24
C TYR E 36 -60.44 4.06 -2.15
N ALA E 37 -59.38 4.60 -1.54
CA ALA E 37 -58.40 5.39 -2.29
C ALA E 37 -57.07 5.41 -1.55
N GLU E 38 -56.05 5.87 -2.28
CA GLU E 38 -54.73 6.08 -1.70
C GLU E 38 -54.74 7.32 -0.81
N PRO E 39 -54.08 7.26 0.36
CA PRO E 39 -54.24 8.33 1.37
C PRO E 39 -54.20 9.77 0.87
N TRP E 40 -55.37 10.40 0.95
CA TRP E 40 -55.59 11.84 0.71
C TRP E 40 -55.31 12.21 -0.74
N VAL E 41 -55.63 11.30 -1.66
CA VAL E 41 -55.59 11.59 -3.08
C VAL E 41 -57.01 11.44 -3.61
N TRP E 42 -57.82 12.48 -3.43
CA TRP E 42 -59.15 12.49 -4.00
C TRP E 42 -59.08 12.93 -5.46
N GLY E 43 -60.07 12.49 -6.24
CA GLY E 43 -59.98 12.58 -7.67
C GLY E 43 -59.29 11.41 -8.31
N GLU E 44 -58.77 10.49 -7.51
CA GLU E 44 -58.21 9.23 -7.98
C GLU E 44 -58.86 8.06 -7.23
N ALA E 45 -59.97 8.31 -6.57
CA ALA E 45 -60.72 7.30 -5.83
C ALA E 45 -61.73 6.60 -6.75
N ILE E 46 -62.32 5.54 -6.23
CA ILE E 46 -63.28 4.74 -6.99
C ILE E 46 -64.33 4.22 -6.02
N VAL E 47 -65.56 4.10 -6.50
CA VAL E 47 -66.69 3.69 -5.68
C VAL E 47 -67.24 2.37 -6.22
N LEU E 48 -67.66 1.50 -5.30
CA LEU E 48 -68.24 0.20 -5.63
C LEU E 48 -69.59 0.07 -4.95
N THR E 49 -70.56 -0.50 -5.67
CA THR E 49 -71.92 -0.68 -5.15
C THR E 49 -72.25 -2.16 -5.12
N VAL E 50 -72.42 -2.71 -3.92
CA VAL E 50 -72.78 -4.12 -3.75
C VAL E 50 -74.21 -4.21 -3.25
N PRO E 51 -74.92 -5.32 -3.49
CA PRO E 51 -76.28 -5.45 -2.97
C PRO E 51 -76.31 -5.46 -1.45
N GLY E 52 -77.39 -4.91 -0.91
CA GLY E 52 -77.57 -4.78 0.53
C GLY E 52 -77.81 -6.09 1.27
N SER E 53 -77.65 -7.22 0.57
CA SER E 53 -77.76 -8.53 1.18
C SER E 53 -76.41 -9.13 1.55
N GLU E 54 -75.32 -8.58 1.04
CA GLU E 54 -73.98 -9.10 1.27
C GLU E 54 -73.34 -8.44 2.48
N ARG E 55 -72.49 -9.20 3.16
CA ARG E 55 -71.79 -8.73 4.34
C ARG E 55 -70.29 -8.71 4.15
N SER E 56 -69.81 -8.86 2.92
CA SER E 56 -68.38 -8.88 2.66
C SER E 56 -68.13 -8.51 1.21
N TYR E 57 -66.90 -8.10 0.92
CA TYR E 57 -66.47 -7.82 -0.44
C TYR E 57 -64.97 -8.00 -0.52
N ASP E 58 -64.50 -8.41 -1.69
CA ASP E 58 -63.09 -8.69 -1.95
C ASP E 58 -62.53 -7.58 -2.81
N LEU E 59 -61.67 -6.75 -2.23
CA LEU E 59 -60.99 -5.74 -3.01
C LEU E 59 -59.96 -6.40 -3.91
N THR E 60 -59.93 -5.99 -5.17
CA THR E 60 -59.01 -6.57 -6.13
C THR E 60 -58.25 -5.46 -6.83
N GLY E 61 -57.07 -5.82 -7.36
CA GLY E 61 -56.27 -4.89 -8.12
C GLY E 61 -55.71 -3.77 -7.28
N LEU E 62 -54.90 -4.11 -6.29
CA LEU E 62 -54.31 -3.11 -5.40
C LEU E 62 -52.80 -3.07 -5.60
N LYS E 63 -52.23 -1.88 -5.45
CA LYS E 63 -50.79 -1.72 -5.59
C LYS E 63 -50.08 -2.30 -4.38
N PRO E 64 -49.07 -3.14 -4.57
CA PRO E 64 -48.40 -3.76 -3.42
C PRO E 64 -47.65 -2.74 -2.57
N GLY E 65 -47.61 -3.01 -1.27
CA GLY E 65 -46.88 -2.16 -0.35
C GLY E 65 -47.45 -0.78 -0.18
N THR E 66 -48.75 -0.60 -0.42
CA THR E 66 -49.40 0.70 -0.33
C THR E 66 -50.46 0.69 0.76
N GLU E 67 -50.55 1.79 1.50
CA GLU E 67 -51.59 1.94 2.52
C GLU E 67 -52.89 2.36 1.83
N TYR E 68 -54.01 1.88 2.38
CA TYR E 68 -55.30 2.14 1.75
C TYR E 68 -56.34 2.47 2.81
N VAL E 69 -57.27 3.33 2.42
CA VAL E 69 -58.40 3.73 3.25
C VAL E 69 -59.67 3.16 2.63
N VAL E 70 -60.67 2.90 3.48
CA VAL E 70 -61.94 2.33 3.05
C VAL E 70 -63.07 3.15 3.65
N PHE E 71 -64.10 3.41 2.85
CA PHE E 71 -65.32 4.07 3.30
C PHE E 71 -66.50 3.28 2.78
N ILE E 72 -67.39 2.87 3.68
CA ILE E 72 -68.55 2.06 3.32
C ILE E 72 -69.79 2.72 3.89
N GLY E 73 -70.76 3.02 3.04
CA GLY E 73 -72.00 3.62 3.50
C GLY E 73 -73.24 2.91 3.00
N GLY E 74 -74.14 2.55 3.91
CA GLY E 74 -75.37 1.89 3.53
C GLY E 74 -76.43 2.86 3.02
N VAL E 75 -77.22 2.38 2.06
CA VAL E 75 -78.30 3.17 1.47
C VAL E 75 -79.59 2.39 1.63
N LYS E 76 -80.71 3.12 1.81
CA LYS E 76 -82.05 2.52 1.86
C LYS E 76 -83.06 3.58 1.42
N GLY E 77 -83.20 3.74 0.10
CA GLY E 77 -84.20 4.62 -0.45
C GLY E 77 -83.95 6.10 -0.22
N GLY E 78 -82.95 6.66 -0.86
CA GLY E 78 -82.68 8.08 -0.68
C GLY E 78 -81.91 8.45 0.56
N HIS E 79 -82.36 8.00 1.73
CA HIS E 79 -81.66 8.29 2.97
C HIS E 79 -80.43 7.41 3.12
N ASN E 80 -79.33 8.01 3.55
CA ASN E 80 -78.04 7.34 3.65
C ASN E 80 -77.51 7.40 5.08
N SER E 81 -76.65 6.44 5.40
CA SER E 81 -76.07 6.33 6.73
C SER E 81 -74.86 7.24 6.87
N THR E 82 -73.87 6.79 7.64
CA THR E 82 -72.62 7.52 7.83
C THR E 82 -71.48 6.58 7.47
N PRO E 83 -70.63 6.94 6.52
CA PRO E 83 -69.59 6.02 6.04
C PRO E 83 -68.58 5.67 7.12
N LEU E 84 -68.47 4.37 7.41
CA LEU E 84 -67.45 3.87 8.31
C LEU E 84 -66.10 3.82 7.61
N SER E 85 -65.03 3.97 8.39
CA SER E 85 -63.69 4.07 7.86
C SER E 85 -62.83 2.88 8.31
N ALA E 86 -61.81 2.58 7.52
CA ALA E 86 -60.84 1.54 7.83
C ALA E 86 -59.53 1.86 7.11
N ILE E 87 -58.42 1.39 7.70
CA ILE E 87 -57.09 1.60 7.11
C ILE E 87 -56.35 0.28 7.12
N PHE E 88 -55.70 -0.06 6.00
CA PHE E 88 -54.87 -1.25 5.89
C PHE E 88 -53.76 -0.98 4.89
N THR E 89 -52.74 -1.83 4.92
CA THR E 89 -51.60 -1.71 4.03
C THR E 89 -51.27 -3.07 3.44
N THR E 90 -51.09 -3.12 2.11
CA THR E 90 -50.74 -4.36 1.45
C THR E 90 -49.27 -4.70 1.67
N GLY E 91 -48.90 -5.94 1.33
CA GLY E 91 -47.54 -6.41 1.50
C GLY E 91 -46.62 -6.05 0.34
N GLY E 92 -45.33 -6.27 0.56
CA GLY E 92 -44.31 -6.03 -0.46
C GLY E 92 -43.40 -4.87 -0.14
N HIS E 93 -42.78 -4.34 -1.19
CA HIS E 93 -41.88 -3.19 -1.09
C HIS E 93 -42.39 -2.10 -2.03
N HIS E 94 -42.78 -0.96 -1.46
CA HIS E 94 -43.36 0.11 -2.23
C HIS E 94 -42.31 0.79 -3.11
N HIS E 95 -42.68 1.06 -4.35
CA HIS E 95 -41.81 1.73 -5.31
C HIS E 95 -42.62 2.38 -6.43
N HIS E 96 -42.76 3.70 -6.37
N MET F 1 -30.68 -28.76 40.09
CA MET F 1 -30.32 -27.39 39.74
C MET F 1 -31.52 -26.44 39.90
N LEU F 2 -31.25 -25.23 40.39
CA LEU F 2 -32.22 -24.15 40.45
C LEU F 2 -32.08 -23.26 39.22
N PRO F 3 -33.13 -22.53 38.85
CA PRO F 3 -33.03 -21.63 37.68
C PRO F 3 -31.94 -20.58 37.86
N ALA F 4 -31.44 -20.08 36.74
CA ALA F 4 -30.29 -19.19 36.68
C ALA F 4 -30.69 -17.77 36.32
N PRO F 5 -29.79 -16.78 36.54
CA PRO F 5 -30.05 -15.42 36.05
C PRO F 5 -29.90 -15.30 34.53
N LYS F 6 -30.08 -14.11 33.97
CA LYS F 6 -29.95 -13.94 32.52
C LYS F 6 -29.38 -12.57 32.22
N ASN F 7 -29.03 -12.38 30.94
CA ASN F 7 -28.52 -11.12 30.39
C ASN F 7 -27.22 -10.68 31.08
N LEU F 8 -26.18 -11.49 30.86
CA LEU F 8 -24.84 -11.22 31.37
C LEU F 8 -24.12 -10.31 30.38
N VAL F 9 -23.92 -9.05 30.77
CA VAL F 9 -23.32 -8.05 29.90
C VAL F 9 -22.03 -7.56 30.53
N VAL F 10 -21.01 -7.37 29.70
CA VAL F 10 -19.72 -6.82 30.13
C VAL F 10 -19.60 -5.41 29.56
N SER F 11 -19.53 -4.43 30.45
CA SER F 11 -19.45 -3.02 30.10
C SER F 11 -18.28 -2.36 30.82
N ARG F 12 -17.98 -1.13 30.41
CA ARG F 12 -16.93 -0.31 31.03
C ARG F 12 -15.59 -1.04 31.07
N VAL F 13 -15.18 -1.55 29.92
CA VAL F 13 -13.90 -2.24 29.78
C VAL F 13 -12.81 -1.22 29.52
N THR F 14 -11.79 -1.19 30.39
CA THR F 14 -10.65 -0.30 30.26
C THR F 14 -9.40 -1.14 29.94
N GLU F 15 -8.22 -0.59 30.25
CA GLU F 15 -6.99 -1.35 30.09
C GLU F 15 -6.78 -2.37 31.19
N ASP F 16 -7.40 -2.17 32.36
CA ASP F 16 -7.21 -3.07 33.49
C ASP F 16 -8.48 -3.32 34.29
N SER F 17 -9.65 -2.90 33.80
CA SER F 17 -10.88 -3.03 34.56
C SER F 17 -12.06 -3.29 33.62
N ALA F 18 -13.13 -3.83 34.19
CA ALA F 18 -14.35 -4.10 33.44
C ALA F 18 -15.49 -4.31 34.42
N ARG F 19 -16.72 -4.08 33.94
CA ARG F 19 -17.93 -4.20 34.74
C ARG F 19 -18.80 -5.32 34.22
N LEU F 20 -19.26 -6.18 35.12
CA LEU F 20 -20.25 -7.19 34.80
C LEU F 20 -21.61 -6.69 35.27
N SER F 21 -22.66 -7.29 34.72
CA SER F 21 -24.02 -6.91 35.08
C SER F 21 -24.98 -8.00 34.62
N TRP F 22 -26.00 -8.27 35.43
CA TRP F 22 -26.90 -9.37 35.16
C TRP F 22 -28.29 -9.07 35.71
N THR F 23 -29.26 -9.90 35.29
CA THR F 23 -30.65 -9.77 35.71
C THR F 23 -31.04 -11.01 36.51
N ALA F 24 -31.55 -10.79 37.71
CA ALA F 24 -32.03 -11.85 38.58
C ALA F 24 -33.27 -11.34 39.30
N PRO F 25 -34.17 -12.23 39.71
CA PRO F 25 -35.39 -11.79 40.42
C PRO F 25 -35.07 -11.07 41.71
N ASP F 26 -36.11 -10.42 42.26
CA ASP F 26 -35.92 -9.49 43.37
C ASP F 26 -35.32 -10.19 44.58
N ALA F 27 -35.75 -11.41 44.87
CA ALA F 27 -35.24 -12.13 46.03
C ALA F 27 -35.19 -13.62 45.68
N ALA F 28 -34.24 -13.97 44.82
CA ALA F 28 -34.12 -15.32 44.32
C ALA F 28 -32.82 -15.99 44.68
N PHE F 29 -31.76 -15.23 44.94
CA PHE F 29 -30.44 -15.76 45.19
C PHE F 29 -29.86 -15.15 46.47
N ASP F 30 -29.13 -15.97 47.22
CA ASP F 30 -28.43 -15.51 48.42
C ASP F 30 -27.05 -14.94 48.08
N SER F 31 -26.31 -15.60 47.20
CA SER F 31 -24.97 -15.14 46.84
C SER F 31 -24.70 -15.52 45.39
N PHE F 32 -23.80 -14.80 44.77
CA PHE F 32 -23.33 -15.08 43.43
C PHE F 32 -21.87 -15.51 43.48
N HIS F 33 -21.51 -16.46 42.64
CA HIS F 33 -20.13 -16.93 42.51
C HIS F 33 -19.61 -16.50 41.15
N ILE F 34 -18.70 -15.53 41.13
CA ILE F 34 -18.07 -15.09 39.89
C ILE F 34 -16.73 -15.80 39.76
N GLU F 35 -16.55 -16.49 38.63
CA GLU F 35 -15.32 -17.20 38.30
C GLU F 35 -14.81 -16.65 36.97
N TYR F 36 -13.51 -16.36 36.91
CA TYR F 36 -12.94 -15.74 35.73
C TYR F 36 -11.48 -16.19 35.59
N ALA F 37 -11.03 -16.37 34.35
CA ALA F 37 -9.68 -16.83 34.12
C ALA F 37 -9.25 -16.43 32.71
N GLU F 38 -7.94 -16.57 32.47
CA GLU F 38 -7.41 -16.41 31.13
C GLU F 38 -7.78 -17.64 30.30
N PRO F 39 -8.17 -17.46 29.01
CA PRO F 39 -8.76 -18.57 28.25
C PRO F 39 -8.09 -19.93 28.38
N TRP F 40 -8.83 -20.84 29.02
CA TRP F 40 -8.53 -22.26 29.13
C TRP F 40 -7.24 -22.52 29.92
N VAL F 41 -6.97 -21.67 30.90
CA VAL F 41 -5.89 -21.85 31.87
C VAL F 41 -6.50 -21.93 33.25
N TRP F 42 -6.99 -23.11 33.61
CA TRP F 42 -7.51 -23.32 34.95
C TRP F 42 -6.33 -23.56 35.88
N GLY F 43 -6.54 -23.26 37.16
CA GLY F 43 -5.42 -23.14 38.05
C GLY F 43 -4.86 -21.74 38.06
N GLU F 44 -5.42 -20.85 37.24
CA GLU F 44 -5.13 -19.43 37.28
C GLU F 44 -6.40 -18.63 37.47
N ALA F 45 -7.50 -19.32 37.79
CA ALA F 45 -8.76 -18.67 38.05
C ALA F 45 -8.90 -18.35 39.54
N ILE F 46 -9.89 -17.52 39.84
CA ILE F 46 -10.22 -17.14 41.21
C ILE F 46 -11.71 -16.87 41.26
N VAL F 47 -12.30 -17.12 42.41
CA VAL F 47 -13.75 -17.02 42.59
C VAL F 47 -14.06 -15.87 43.53
N LEU F 48 -15.15 -15.15 43.23
CA LEU F 48 -15.62 -14.04 44.03
C LEU F 48 -17.06 -14.30 44.42
N THR F 49 -17.41 -13.96 45.66
CA THR F 49 -18.76 -14.18 46.17
C THR F 49 -19.33 -12.83 46.56
N VAL F 50 -20.37 -12.40 45.85
CA VAL F 50 -21.03 -11.15 46.17
C VAL F 50 -22.39 -11.48 46.78
N PRO F 51 -22.96 -10.62 47.62
CA PRO F 51 -24.30 -10.91 48.15
C PRO F 51 -25.33 -10.97 47.03
N GLY F 52 -26.31 -11.85 47.23
CA GLY F 52 -27.35 -12.08 46.24
C GLY F 52 -28.29 -10.92 46.01
N SER F 53 -27.98 -9.77 46.61
CA SER F 53 -28.76 -8.56 46.40
C SER F 53 -28.15 -7.64 45.35
N GLU F 54 -26.90 -7.86 44.95
CA GLU F 54 -26.25 -7.01 43.97
C GLU F 54 -26.42 -7.56 42.56
N ARG F 55 -26.49 -6.65 41.60
CA ARG F 55 -26.70 -6.98 40.20
C ARG F 55 -25.52 -6.57 39.31
N SER F 56 -24.38 -6.21 39.89
CA SER F 56 -23.23 -5.80 39.10
C SER F 56 -21.97 -5.98 39.95
N TYR F 57 -20.83 -6.05 39.26
CA TYR F 57 -19.53 -6.11 39.91
C TYR F 57 -18.48 -5.56 38.96
N ASP F 58 -17.46 -4.93 39.54
CA ASP F 58 -16.37 -4.31 38.79
C ASP F 58 -15.08 -5.11 38.99
N LEU F 59 -14.66 -5.81 37.93
CA LEU F 59 -13.37 -6.49 37.97
C LEU F 59 -12.23 -5.48 37.89
N THR F 60 -11.22 -5.68 38.73
CA THR F 60 -10.07 -4.79 38.77
C THR F 60 -8.80 -5.60 38.67
N GLY F 61 -7.72 -4.94 38.25
CA GLY F 61 -6.43 -5.57 38.14
C GLY F 61 -6.33 -6.59 37.03
N LEU F 62 -6.49 -6.13 35.79
CA LEU F 62 -6.47 -6.99 34.62
C LEU F 62 -5.24 -6.67 33.76
N LYS F 63 -4.71 -7.71 33.12
CA LYS F 63 -3.57 -7.52 32.23
C LYS F 63 -4.05 -6.86 30.95
N PRO F 64 -3.40 -5.81 30.47
CA PRO F 64 -3.90 -5.11 29.29
C PRO F 64 -3.82 -5.97 28.04
N GLY F 65 -4.79 -5.79 27.16
CA GLY F 65 -4.82 -6.48 25.88
C GLY F 65 -4.99 -7.98 25.95
N THR F 66 -5.57 -8.50 27.03
CA THR F 66 -5.72 -9.93 27.24
C THR F 66 -7.20 -10.30 27.27
N GLU F 67 -7.52 -11.45 26.68
CA GLU F 67 -8.88 -11.97 26.68
C GLU F 67 -9.19 -12.66 28.01
N TYR F 68 -10.46 -12.58 28.41
CA TYR F 68 -10.91 -13.13 29.69
C TYR F 68 -12.27 -13.79 29.53
N VAL F 69 -12.49 -14.84 30.32
CA VAL F 69 -13.76 -15.55 30.37
C VAL F 69 -14.40 -15.28 31.72
N VAL F 70 -15.72 -15.35 31.77
CA VAL F 70 -16.47 -15.06 32.99
C VAL F 70 -17.49 -16.17 33.23
N PHE F 71 -17.60 -16.60 34.48
CA PHE F 71 -18.61 -17.57 34.90
C PHE F 71 -19.27 -17.08 36.17
N ILE F 72 -20.58 -16.90 36.13
CA ILE F 72 -21.35 -16.42 37.28
C ILE F 72 -22.56 -17.33 37.47
N GLY F 73 -22.68 -17.89 38.67
CA GLY F 73 -23.82 -18.73 38.99
C GLY F 73 -24.47 -18.30 40.29
N GLY F 74 -25.78 -18.12 40.28
CA GLY F 74 -26.48 -17.73 41.49
C GLY F 74 -26.68 -18.91 42.43
N VAL F 75 -26.63 -18.61 43.73
CA VAL F 75 -26.82 -19.60 44.78
C VAL F 75 -27.98 -19.17 45.65
N LYS F 76 -28.69 -20.16 46.21
CA LYS F 76 -29.79 -19.92 47.13
C LYS F 76 -29.88 -21.15 48.03
N GLY F 77 -29.04 -21.16 49.08
CA GLY F 77 -29.04 -22.20 50.09
C GLY F 77 -28.55 -23.55 49.60
N GLY F 78 -27.26 -23.64 49.31
CA GLY F 78 -26.66 -24.90 48.88
C GLY F 78 -26.89 -25.28 47.44
N HIS F 79 -28.15 -25.30 47.00
CA HIS F 79 -28.45 -25.62 45.63
C HIS F 79 -28.18 -24.40 44.76
N ASN F 80 -27.49 -24.60 43.65
CA ASN F 80 -27.05 -23.49 42.80
C ASN F 80 -27.48 -23.72 41.36
N SER F 81 -27.48 -22.63 40.59
CA SER F 81 -27.94 -22.66 39.21
C SER F 81 -26.83 -23.12 38.27
N THR F 82 -26.79 -22.55 37.07
CA THR F 82 -25.84 -22.91 36.04
C THR F 82 -25.13 -21.66 35.55
N PRO F 83 -23.81 -21.67 35.46
CA PRO F 83 -23.07 -20.43 35.19
C PRO F 83 -23.44 -19.79 33.85
N LEU F 84 -23.54 -18.46 33.87
CA LEU F 84 -23.66 -17.67 32.65
C LEU F 84 -22.27 -17.27 32.16
N SER F 85 -22.07 -17.38 30.85
CA SER F 85 -20.73 -17.20 30.27
C SER F 85 -20.61 -15.84 29.60
N ALA F 86 -19.38 -15.31 29.60
CA ALA F 86 -19.06 -14.09 28.88
C ALA F 86 -17.58 -14.10 28.54
N ILE F 87 -17.24 -13.44 27.43
CA ILE F 87 -15.85 -13.30 26.98
C ILE F 87 -15.62 -11.85 26.59
N PHE F 88 -14.49 -11.29 27.03
CA PHE F 88 -14.11 -9.94 26.68
C PHE F 88 -12.59 -9.83 26.67
N THR F 89 -12.10 -8.76 26.04
CA THR F 89 -10.68 -8.51 25.93
C THR F 89 -10.40 -7.07 26.32
N THR F 90 -9.43 -6.89 27.20
CA THR F 90 -9.05 -5.57 27.70
C THR F 90 -8.29 -4.79 26.63
N GLY F 91 -8.09 -3.49 26.88
CA GLY F 91 -7.40 -2.66 25.92
C GLY F 91 -5.89 -2.72 26.06
N GLY F 92 -5.20 -2.22 25.03
CA GLY F 92 -3.76 -2.18 24.99
C GLY F 92 -3.17 -3.12 23.95
N HIS F 93 -1.89 -3.43 24.14
CA HIS F 93 -1.17 -4.36 23.26
C HIS F 93 -0.57 -5.47 24.12
N HIS F 94 -1.04 -6.70 23.91
CA HIS F 94 -0.56 -7.81 24.70
C HIS F 94 0.86 -8.19 24.29
N HIS F 95 1.71 -8.44 25.28
CA HIS F 95 3.09 -8.85 25.04
C HIS F 95 3.75 -9.38 26.33
N HIS F 96 4.19 -10.63 26.29
N ASP G 1 -3.31 4.95 13.20
CA ASP G 1 -2.95 6.08 12.37
C ASP G 1 -3.56 5.91 10.97
N VAL G 2 -4.15 4.73 10.74
CA VAL G 2 -4.78 4.35 9.47
C VAL G 2 -3.75 4.30 8.35
N LEU G 3 -3.48 3.09 7.86
CA LEU G 3 -2.47 2.88 6.82
C LEU G 3 -3.08 2.89 5.43
N MET G 4 -2.31 3.37 4.47
CA MET G 4 -2.68 3.39 3.05
C MET G 4 -1.57 2.78 2.22
N THR G 5 -1.89 1.70 1.50
CA THR G 5 -0.90 0.98 0.69
C THR G 5 -1.25 1.17 -0.78
N GLN G 6 -0.43 1.97 -1.47
CA GLN G 6 -0.59 2.26 -2.89
C GLN G 6 0.16 1.25 -3.75
N THR G 7 -0.28 1.14 -5.01
CA THR G 7 0.30 0.19 -5.95
C THR G 7 -0.10 0.48 -7.39
N PRO G 8 0.84 0.48 -8.35
CA PRO G 8 2.29 0.33 -8.17
C PRO G 8 2.97 1.68 -7.98
N LEU G 9 4.28 1.68 -7.75
CA LEU G 9 5.01 2.95 -7.65
C LEU G 9 5.31 3.54 -9.03
N SER G 10 5.72 2.70 -9.97
CA SER G 10 6.04 3.12 -11.33
C SER G 10 5.19 2.31 -12.30
N LEU G 11 4.43 3.01 -13.13
CA LEU G 11 3.52 2.36 -14.08
C LEU G 11 3.83 2.92 -15.47
N PRO G 12 4.65 2.24 -16.25
CA PRO G 12 4.89 2.70 -17.63
C PRO G 12 3.70 2.39 -18.54
N VAL G 13 3.48 3.27 -19.50
CA VAL G 13 2.32 3.18 -20.40
C VAL G 13 2.63 3.99 -21.65
N SER G 14 2.27 3.43 -22.81
CA SER G 14 2.58 4.06 -24.09
C SER G 14 1.58 5.17 -24.40
N LEU G 15 1.86 5.91 -25.48
CA LEU G 15 1.01 7.03 -25.91
C LEU G 15 -0.30 6.47 -26.44
N GLY G 16 -1.33 6.44 -25.59
CA GLY G 16 -2.64 5.98 -25.98
C GLY G 16 -3.16 4.79 -25.21
N ASP G 17 -2.32 4.06 -24.49
CA ASP G 17 -2.75 2.86 -23.78
C ASP G 17 -3.63 3.23 -22.59
N GLN G 18 -3.96 2.22 -21.77
CA GLN G 18 -4.80 2.42 -20.59
C GLN G 18 -4.00 2.08 -19.34
N ALA G 19 -3.96 3.01 -18.40
CA ALA G 19 -3.22 2.85 -17.16
C ALA G 19 -4.19 2.83 -15.98
N SER G 20 -3.94 1.91 -15.04
CA SER G 20 -4.78 1.75 -13.87
C SER G 20 -3.92 1.75 -12.63
N ILE G 21 -4.33 2.53 -11.62
CA ILE G 21 -3.60 2.66 -10.36
C ILE G 21 -4.51 2.16 -9.26
N SER G 22 -4.05 1.15 -8.52
CA SER G 22 -4.82 0.59 -7.43
C SER G 22 -4.37 1.19 -6.11
N CYS G 23 -5.32 1.38 -5.20
CA CYS G 23 -5.03 1.97 -3.90
C CYS G 23 -5.99 1.39 -2.89
N ARG G 24 -5.44 0.79 -1.84
CA ARG G 24 -6.22 0.03 -0.88
C ARG G 24 -5.92 0.51 0.53
N SER G 25 -6.99 0.66 1.32
CA SER G 25 -6.92 1.18 2.68
C SER G 25 -6.92 0.06 3.71
N SER G 26 -6.29 0.34 4.85
CA SER G 26 -6.28 -0.58 5.98
C SER G 26 -7.57 -0.54 6.78
N GLN G 27 -8.55 0.23 6.33
CA GLN G 27 -9.84 0.35 7.00
C GLN G 27 -10.85 0.82 5.97
N THR G 28 -12.10 0.37 6.12
CA THR G 28 -13.16 0.81 5.23
C THR G 28 -13.25 2.32 5.26
N ILE G 29 -13.06 2.96 4.10
CA ILE G 29 -13.07 4.42 4.01
C ILE G 29 -14.47 4.99 4.02
N VAL G 30 -15.50 4.15 4.05
CA VAL G 30 -16.87 4.65 4.05
C VAL G 30 -17.14 5.39 5.35
N TYR G 31 -17.59 6.63 5.23
CA TYR G 31 -17.85 7.43 6.41
C TYR G 31 -19.24 7.11 6.96
N SER G 32 -19.48 7.51 8.21
CA SER G 32 -20.75 7.19 8.86
C SER G 32 -21.93 7.89 8.20
N ASP G 33 -21.71 9.01 7.51
CA ASP G 33 -22.80 9.69 6.82
C ASP G 33 -23.23 8.96 5.55
N GLY G 34 -22.41 8.03 5.05
CA GLY G 34 -22.74 7.24 3.88
C GLY G 34 -21.90 7.52 2.66
N ASN G 35 -21.13 8.61 2.65
CA ASN G 35 -20.27 8.95 1.52
C ASN G 35 -18.87 8.44 1.79
N THR G 36 -18.20 7.99 0.74
CA THR G 36 -16.79 7.57 0.82
C THR G 36 -15.94 8.75 0.38
N TYR G 37 -15.16 9.31 1.31
CA TYR G 37 -14.40 10.52 1.04
C TYR G 37 -12.97 10.16 0.63
N LEU G 38 -12.88 9.55 -0.54
CA LEU G 38 -11.60 9.25 -1.16
C LEU G 38 -11.36 10.23 -2.30
N GLU G 39 -10.11 10.65 -2.45
CA GLU G 39 -9.76 11.64 -3.46
C GLU G 39 -8.50 11.20 -4.19
N TRP G 40 -8.35 11.68 -5.42
CA TRP G 40 -7.18 11.41 -6.24
C TRP G 40 -6.55 12.73 -6.65
N TYR G 41 -5.24 12.86 -6.41
CA TYR G 41 -4.50 14.08 -6.72
C TYR G 41 -3.36 13.78 -7.67
N LEU G 42 -3.16 14.66 -8.64
CA LEU G 42 -2.06 14.56 -9.60
C LEU G 42 -1.20 15.80 -9.46
N GLN G 43 0.07 15.60 -9.13
CA GLN G 43 1.03 16.69 -8.98
C GLN G 43 2.07 16.53 -10.08
N LYS G 44 1.91 17.28 -11.15
CA LYS G 44 2.95 17.36 -12.15
C LYS G 44 4.18 18.03 -11.53
N PRO G 45 5.37 17.71 -12.02
CA PRO G 45 6.59 18.26 -11.40
C PRO G 45 6.63 19.78 -11.49
N GLY G 46 7.16 20.39 -10.44
CA GLY G 46 7.26 21.84 -10.38
C GLY G 46 5.96 22.56 -10.16
N GLN G 47 4.89 21.86 -9.83
CA GLN G 47 3.57 22.46 -9.63
C GLN G 47 2.97 21.92 -8.33
N SER G 48 1.92 22.60 -7.87
CA SER G 48 1.19 22.14 -6.70
C SER G 48 0.25 20.99 -7.08
N PRO G 49 -0.11 20.14 -6.12
CA PRO G 49 -1.08 19.08 -6.41
C PRO G 49 -2.44 19.64 -6.83
N LYS G 50 -3.06 18.97 -7.80
CA LYS G 50 -4.38 19.33 -8.29
C LYS G 50 -5.31 18.12 -8.15
N LEU G 51 -6.55 18.40 -7.75
CA LEU G 51 -7.53 17.35 -7.51
C LEU G 51 -8.19 16.93 -8.81
N LEU G 52 -8.32 15.62 -9.01
CA LEU G 52 -9.02 15.08 -10.17
C LEU G 52 -10.43 14.62 -9.80
N ILE G 53 -10.54 13.73 -8.82
CA ILE G 53 -11.79 13.09 -8.49
C ILE G 53 -11.97 13.14 -6.97
N TYR G 54 -13.13 13.63 -6.53
CA TYR G 54 -13.48 13.67 -5.12
C TYR G 54 -14.62 12.70 -4.86
N LYS G 55 -14.60 12.09 -3.67
CA LYS G 55 -15.60 11.11 -3.27
C LYS G 55 -15.65 9.94 -4.25
N VAL G 56 -14.47 9.33 -4.48
CA VAL G 56 -14.29 8.09 -5.23
C VAL G 56 -14.58 8.28 -6.73
N SER G 57 -15.77 8.77 -7.06
CA SER G 57 -16.25 8.77 -8.43
C SER G 57 -16.49 10.15 -9.03
N ASN G 58 -16.91 11.13 -8.23
CA ASN G 58 -17.31 12.41 -8.77
C ASN G 58 -16.09 13.18 -9.31
N ARG G 59 -16.18 13.58 -10.57
CA ARG G 59 -15.08 14.28 -11.23
C ARG G 59 -15.06 15.76 -10.84
N PHE G 60 -13.88 16.36 -10.93
CA PHE G 60 -13.70 17.76 -10.59
C PHE G 60 -13.89 18.64 -11.82
N SER G 61 -14.15 19.92 -11.57
CA SER G 61 -14.34 20.88 -12.65
C SER G 61 -13.05 21.04 -13.44
N GLY G 62 -13.13 20.83 -14.76
CA GLY G 62 -11.99 20.95 -15.63
C GLY G 62 -11.22 19.66 -15.84
N VAL G 63 -11.73 18.53 -15.35
CA VAL G 63 -11.06 17.24 -15.50
C VAL G 63 -11.50 16.61 -16.82
N PRO G 64 -10.57 16.13 -17.64
CA PRO G 64 -10.95 15.52 -18.92
C PRO G 64 -11.76 14.25 -18.72
N ASP G 65 -12.41 13.81 -19.81
CA ASP G 65 -13.27 12.64 -19.74
C ASP G 65 -12.49 11.34 -19.60
N ARG G 66 -11.19 11.35 -19.91
CA ARG G 66 -10.39 10.14 -19.83
C ARG G 66 -10.24 9.64 -18.39
N VAL G 67 -10.49 10.48 -17.40
CA VAL G 67 -10.29 10.13 -16.00
C VAL G 67 -11.58 9.55 -15.44
N SER G 68 -11.44 8.50 -14.64
CA SER G 68 -12.58 7.89 -13.96
C SER G 68 -12.07 7.05 -12.81
N GLY G 69 -12.73 7.16 -11.67
CA GLY G 69 -12.33 6.42 -10.49
C GLY G 69 -13.49 5.61 -9.93
N SER G 70 -13.16 4.45 -9.39
CA SER G 70 -14.16 3.54 -8.86
C SER G 70 -13.59 2.84 -7.63
N GLY G 71 -14.28 1.82 -7.17
CA GLY G 71 -13.92 1.08 -5.98
C GLY G 71 -14.98 1.16 -4.90
N SER G 72 -14.81 0.29 -3.91
CA SER G 72 -15.73 0.20 -2.78
C SER G 72 -15.00 -0.48 -1.63
N GLY G 73 -15.45 -0.19 -0.41
CA GLY G 73 -14.86 -0.78 0.78
C GLY G 73 -13.46 -0.27 1.09
N THR G 74 -12.45 -1.08 0.80
CA THR G 74 -11.06 -0.68 1.00
C THR G 74 -10.23 -0.64 -0.28
N ASP G 75 -10.55 -1.45 -1.28
CA ASP G 75 -9.82 -1.46 -2.55
C ASP G 75 -10.46 -0.49 -3.53
N PHE G 76 -9.62 0.37 -4.13
CA PHE G 76 -10.09 1.38 -5.06
C PHE G 76 -9.13 1.43 -6.25
N THR G 77 -9.60 2.04 -7.34
CA THR G 77 -8.84 2.07 -8.57
C THR G 77 -9.11 3.38 -9.30
N LEU G 78 -8.04 3.98 -9.81
CA LEU G 78 -8.11 5.12 -10.70
C LEU G 78 -7.67 4.68 -12.09
N LYS G 79 -8.45 5.00 -13.10
CA LYS G 79 -8.21 4.53 -14.46
C LYS G 79 -8.13 5.71 -15.42
N ILE G 80 -7.22 5.60 -16.38
CA ILE G 80 -7.07 6.60 -17.46
C ILE G 80 -7.37 5.90 -18.77
N SER G 81 -8.34 6.43 -19.51
CA SER G 81 -8.76 5.84 -20.78
C SER G 81 -7.61 5.84 -21.79
N ARG G 82 -7.39 6.97 -22.44
CA ARG G 82 -6.32 7.11 -23.43
C ARG G 82 -5.23 7.97 -22.80
N VAL G 83 -4.22 7.30 -22.24
CA VAL G 83 -3.13 8.02 -21.57
C VAL G 83 -2.37 8.84 -22.60
N GLU G 84 -2.11 10.10 -22.26
CA GLU G 84 -1.42 11.02 -23.14
C GLU G 84 -0.14 11.51 -22.47
N ALA G 85 0.63 12.31 -23.20
CA ALA G 85 1.90 12.83 -22.69
C ALA G 85 1.70 13.94 -21.67
N GLU G 86 0.51 14.54 -21.61
CA GLU G 86 0.22 15.62 -20.66
C GLU G 86 -0.33 15.12 -19.34
N ASP G 87 -0.52 13.80 -19.20
CA ASP G 87 -1.08 13.22 -17.99
C ASP G 87 -0.01 12.68 -17.04
N LEU G 88 1.26 12.77 -17.41
CA LEU G 88 2.31 12.16 -16.61
C LEU G 88 2.54 12.95 -15.32
N GLY G 89 3.13 12.28 -14.35
CA GLY G 89 3.40 12.85 -13.05
C GLY G 89 3.31 11.79 -11.97
N VAL G 90 2.95 12.22 -10.77
CA VAL G 90 2.78 11.33 -9.62
C VAL G 90 1.33 11.44 -9.16
N TYR G 91 0.70 10.29 -8.94
CA TYR G 91 -0.70 10.22 -8.51
C TYR G 91 -0.77 9.70 -7.07
N TYR G 92 -1.53 10.41 -6.24
CA TYR G 92 -1.71 10.03 -4.84
C TYR G 92 -3.20 9.86 -4.55
N CYS G 93 -3.55 8.79 -3.84
CA CYS G 93 -4.88 8.61 -3.31
C CYS G 93 -4.92 9.13 -1.87
N PHE G 94 -6.04 9.75 -1.51
CA PHE G 94 -6.17 10.44 -0.23
C PHE G 94 -7.49 10.04 0.43
N GLN G 95 -7.45 9.87 1.74
CA GLN G 95 -8.63 9.51 2.52
C GLN G 95 -9.00 10.66 3.45
N GLY G 96 -10.27 11.03 3.46
CA GLY G 96 -10.73 12.13 4.27
C GLY G 96 -11.84 11.72 5.22
N SER G 97 -11.99 10.41 5.43
CA SER G 97 -13.05 9.89 6.27
C SER G 97 -12.60 9.50 7.67
N HIS G 98 -11.29 9.45 7.92
CA HIS G 98 -10.79 9.02 9.23
C HIS G 98 -9.60 9.89 9.60
N VAL G 99 -9.68 10.57 10.74
CA VAL G 99 -8.60 11.43 11.22
C VAL G 99 -7.63 10.60 12.04
N PRO G 100 -6.31 10.72 11.82
CA PRO G 100 -5.66 11.64 10.88
C PRO G 100 -5.72 11.21 9.42
N TYR G 101 -5.80 12.18 8.52
CA TYR G 101 -5.88 11.88 7.10
C TYR G 101 -4.53 11.41 6.59
N THR G 102 -4.56 10.54 5.59
CA THR G 102 -3.35 9.90 5.10
C THR G 102 -3.32 9.88 3.58
N PHE G 103 -2.12 9.94 3.02
CA PHE G 103 -1.89 9.85 1.59
C PHE G 103 -1.39 8.47 1.21
N GLY G 104 -1.32 8.23 -0.11
CA GLY G 104 -0.79 6.99 -0.64
C GLY G 104 0.71 7.04 -0.83
N GLY G 105 1.26 5.90 -1.23
CA GLY G 105 2.69 5.80 -1.50
C GLY G 105 3.16 6.47 -2.77
N GLY G 106 2.25 7.06 -3.54
CA GLY G 106 2.62 7.71 -4.79
C GLY G 106 2.81 6.74 -5.93
N THR G 107 2.37 7.14 -7.13
CA THR G 107 2.53 6.34 -8.34
C THR G 107 3.05 7.22 -9.45
N LYS G 108 4.26 6.92 -9.94
CA LYS G 108 4.86 7.69 -11.01
C LYS G 108 4.48 7.06 -12.34
N LEU G 109 3.91 7.86 -13.23
CA LEU G 109 3.43 7.40 -14.53
C LEU G 109 4.31 8.00 -15.62
N GLU G 110 5.00 7.16 -16.37
CA GLU G 110 5.86 7.60 -17.46
C GLU G 110 5.35 7.05 -18.79
N ILE G 111 5.67 7.78 -19.84
CA ILE G 111 5.20 7.45 -21.18
C ILE G 111 6.32 6.74 -21.93
N LYS G 112 5.97 6.15 -23.07
CA LYS G 112 6.91 5.44 -23.94
C LYS G 112 6.84 6.06 -25.34
N ARG G 113 7.78 6.95 -25.64
CA ARG G 113 7.80 7.56 -26.95
C ARG G 113 8.46 6.64 -27.97
N THR G 114 8.15 6.86 -29.23
CA THR G 114 8.90 6.19 -30.29
C THR G 114 10.35 6.60 -30.13
N VAL G 115 11.23 5.60 -29.97
CA VAL G 115 12.61 5.85 -29.55
C VAL G 115 13.22 6.98 -30.36
N ALA G 116 13.76 7.97 -29.66
CA ALA G 116 14.32 9.16 -30.27
C ALA G 116 15.82 9.19 -30.09
N ALA G 117 16.45 10.12 -30.78
CA ALA G 117 17.90 10.24 -30.74
C ALA G 117 18.30 11.54 -30.06
N PRO G 118 19.31 11.49 -29.18
CA PRO G 118 19.71 12.71 -28.45
C PRO G 118 20.40 13.68 -29.40
N SER G 119 19.98 14.93 -29.34
CA SER G 119 20.62 16.00 -30.10
C SER G 119 21.77 16.55 -29.26
N VAL G 120 23.00 16.30 -29.71
CA VAL G 120 24.19 16.55 -28.91
C VAL G 120 24.76 17.91 -29.29
N PHE G 121 25.10 18.71 -28.27
CA PHE G 121 25.74 20.00 -28.45
C PHE G 121 26.87 20.12 -27.44
N ILE G 122 27.65 21.19 -27.56
CA ILE G 122 28.75 21.46 -26.64
C ILE G 122 28.98 22.96 -26.61
N PHE G 123 29.32 23.47 -25.43
CA PHE G 123 29.45 24.90 -25.21
C PHE G 123 30.79 25.20 -24.56
N PRO G 124 31.60 26.08 -25.14
CA PRO G 124 32.87 26.46 -24.52
C PRO G 124 32.63 27.35 -23.31
N PRO G 125 33.57 27.39 -22.36
CA PRO G 125 33.40 28.29 -21.22
C PRO G 125 33.48 29.75 -21.64
N SER G 126 32.55 30.54 -21.11
CA SER G 126 32.51 31.96 -21.39
C SER G 126 33.75 32.66 -20.85
N ASP G 127 34.15 33.74 -21.53
CA ASP G 127 35.33 34.48 -21.12
C ASP G 127 35.10 35.24 -19.82
N GLU G 128 33.84 35.59 -19.53
CA GLU G 128 33.54 36.23 -18.25
C GLU G 128 33.77 35.28 -17.08
N GLN G 129 33.47 33.99 -17.27
CA GLN G 129 33.70 33.01 -16.24
C GLN G 129 35.19 32.77 -16.01
N LEU G 130 36.00 32.87 -17.07
CA LEU G 130 37.42 32.62 -16.95
C LEU G 130 38.10 33.67 -16.06
N LYS G 131 37.52 34.87 -15.96
CA LYS G 131 38.09 35.90 -15.11
C LYS G 131 37.95 35.57 -13.63
N SER G 132 37.04 34.66 -13.26
CA SER G 132 36.88 34.30 -11.87
C SER G 132 37.88 33.22 -11.44
N GLY G 133 38.35 32.40 -12.37
CA GLY G 133 39.31 31.35 -12.08
C GLY G 133 38.77 29.95 -12.24
N THR G 134 37.52 29.79 -12.67
CA THR G 134 36.89 28.49 -12.84
C THR G 134 36.37 28.38 -14.27
N ALA G 135 36.64 27.26 -14.92
CA ALA G 135 36.15 26.97 -16.26
C ALA G 135 35.13 25.84 -16.21
N SER G 136 34.04 26.01 -16.95
CA SER G 136 32.97 25.01 -16.99
C SER G 136 32.56 24.77 -18.43
N VAL G 137 32.59 23.51 -18.85
CA VAL G 137 32.17 23.11 -20.19
C VAL G 137 30.87 22.32 -20.06
N VAL G 138 29.88 22.66 -20.88
CA VAL G 138 28.56 22.07 -20.82
C VAL G 138 28.33 21.24 -22.07
N CYS G 139 27.75 20.05 -21.87
CA CYS G 139 27.38 19.15 -22.95
C CYS G 139 25.88 18.89 -22.85
N LEU G 140 25.15 19.21 -23.93
CA LEU G 140 23.70 19.16 -23.95
C LEU G 140 23.20 17.95 -24.73
N LEU G 141 22.21 17.26 -24.17
CA LEU G 141 21.50 16.15 -24.82
C LEU G 141 20.01 16.51 -24.81
N ASN G 142 19.52 17.08 -25.90
CA ASN G 142 18.17 17.63 -25.95
C ASN G 142 17.21 16.65 -26.60
N ASN G 143 16.09 16.39 -25.93
CA ASN G 143 14.97 15.58 -26.44
C ASN G 143 15.40 14.19 -26.88
N PHE G 144 15.28 13.21 -26.00
CA PHE G 144 15.64 11.83 -26.32
C PHE G 144 14.84 10.89 -25.43
N TYR G 145 14.72 9.64 -25.88
CA TYR G 145 14.04 8.57 -25.16
C TYR G 145 14.74 7.27 -25.55
N PRO G 146 15.01 6.37 -24.59
CA PRO G 146 14.66 6.46 -23.17
C PRO G 146 15.58 7.35 -22.33
N ARG G 147 15.45 7.22 -21.00
CA ARG G 147 16.18 8.05 -20.06
C ARG G 147 17.65 7.64 -19.96
N GLU G 148 17.98 6.42 -20.36
CA GLU G 148 19.34 5.90 -20.21
C GLU G 148 20.24 6.46 -21.32
N ALA G 149 21.34 7.09 -20.93
CA ALA G 149 22.32 7.61 -21.88
C ALA G 149 23.62 7.88 -21.13
N LYS G 150 24.73 7.36 -21.66
CA LYS G 150 26.03 7.49 -21.02
C LYS G 150 26.81 8.62 -21.67
N VAL G 151 27.41 9.46 -20.83
CA VAL G 151 28.21 10.60 -21.28
C VAL G 151 29.61 10.46 -20.69
N GLN G 152 30.63 10.60 -21.54
CA GLN G 152 32.02 10.51 -21.12
C GLN G 152 32.77 11.72 -21.65
N TRP G 153 33.50 12.39 -20.76
CA TRP G 153 34.32 13.54 -21.14
C TRP G 153 35.72 13.07 -21.51
N LYS G 154 36.30 13.71 -22.53
CA LYS G 154 37.65 13.40 -23.01
C LYS G 154 38.40 14.71 -23.21
N VAL G 155 39.48 14.88 -22.46
CA VAL G 155 40.34 16.07 -22.57
C VAL G 155 41.66 15.61 -23.17
N ASP G 156 41.88 15.95 -24.44
CA ASP G 156 43.05 15.50 -25.21
C ASP G 156 43.11 13.97 -25.26
N ASN G 157 41.97 13.36 -25.60
CA ASN G 157 41.84 11.90 -25.65
C ASN G 157 42.24 11.25 -24.34
N ALA G 158 41.87 11.90 -23.22
CA ALA G 158 42.10 11.37 -21.88
C ALA G 158 40.77 11.36 -21.15
N LEU G 159 40.29 10.18 -20.78
CA LEU G 159 38.98 10.04 -20.16
C LEU G 159 38.94 10.70 -18.79
N GLN G 160 37.97 11.58 -18.58
CA GLN G 160 37.77 12.27 -17.31
C GLN G 160 36.71 11.58 -16.48
N SER G 161 36.90 11.59 -15.17
CA SER G 161 35.97 10.95 -14.25
C SER G 161 36.12 11.59 -12.88
N GLY G 162 34.99 11.92 -12.25
CA GLY G 162 34.99 12.55 -10.94
C GLY G 162 35.09 14.06 -10.93
N ASN G 163 34.92 14.72 -12.09
CA ASN G 163 34.97 16.17 -12.16
C ASN G 163 33.83 16.73 -13.01
N SER G 164 32.75 15.97 -13.18
CA SER G 164 31.62 16.37 -14.00
C SER G 164 30.33 15.94 -13.32
N GLN G 165 29.35 16.84 -13.33
CA GLN G 165 28.03 16.58 -12.75
C GLN G 165 26.97 16.75 -13.80
N GLU G 166 26.06 15.77 -13.89
CA GLU G 166 25.00 15.77 -14.88
C GLU G 166 23.65 16.06 -14.24
N SER G 167 22.75 16.65 -15.01
CA SER G 167 21.41 16.98 -14.55
C SER G 167 20.42 16.63 -15.65
N VAL G 168 19.28 16.04 -15.26
CA VAL G 168 18.26 15.59 -16.20
C VAL G 168 16.93 16.24 -15.83
N THR G 169 16.26 16.83 -16.82
CA THR G 169 14.93 17.37 -16.60
C THR G 169 13.92 16.24 -16.47
N GLU G 170 12.72 16.60 -16.03
CA GLU G 170 11.65 15.64 -15.97
C GLU G 170 11.16 15.31 -17.39
N GLN G 171 10.48 14.18 -17.50
CA GLN G 171 9.98 13.73 -18.79
C GLN G 171 9.00 14.76 -19.35
N ASP G 172 9.29 15.24 -20.56
CA ASP G 172 8.51 16.32 -21.14
C ASP G 172 7.05 15.93 -21.28
N SER G 173 6.18 16.91 -21.14
CA SER G 173 4.74 16.70 -21.17
C SER G 173 4.15 16.78 -22.58
N LYS G 174 4.99 16.71 -23.61
CA LYS G 174 4.52 16.73 -24.99
C LYS G 174 5.14 15.62 -25.83
N ASP G 175 6.46 15.66 -26.01
CA ASP G 175 7.14 14.64 -26.78
C ASP G 175 7.57 13.45 -25.93
N SER G 176 7.39 13.53 -24.61
CA SER G 176 7.75 12.45 -23.69
C SER G 176 9.22 12.10 -23.79
N THR G 177 10.06 13.13 -23.90
CA THR G 177 11.51 12.96 -24.00
C THR G 177 12.20 13.76 -22.90
N TYR G 178 13.39 13.29 -22.51
CA TYR G 178 14.17 13.89 -21.45
C TYR G 178 15.20 14.87 -22.03
N SER G 179 16.01 15.45 -21.15
CA SER G 179 17.10 16.33 -21.55
C SER G 179 18.17 16.29 -20.46
N LEU G 180 19.43 16.26 -20.88
CA LEU G 180 20.55 16.12 -19.94
C LEU G 180 21.52 17.29 -20.11
N SER G 181 22.09 17.73 -18.99
CA SER G 181 23.03 18.86 -18.96
C SER G 181 24.20 18.49 -18.07
N SER G 182 25.30 18.05 -18.68
CA SER G 182 26.51 17.71 -17.97
C SER G 182 27.43 18.93 -17.89
N THR G 183 27.99 19.18 -16.71
CA THR G 183 28.85 20.34 -16.47
C THR G 183 30.22 19.84 -16.03
N LEU G 184 31.20 19.93 -16.93
CA LEU G 184 32.57 19.54 -16.62
C LEU G 184 33.30 20.75 -16.07
N THR G 185 33.74 20.66 -14.82
CA THR G 185 34.30 21.78 -14.09
C THR G 185 35.79 21.56 -13.84
N LEU G 186 36.62 22.40 -14.44
CA LEU G 186 38.06 22.46 -14.18
C LEU G 186 38.41 23.82 -13.60
N SER G 187 39.70 24.04 -13.39
CA SER G 187 40.22 25.31 -12.92
C SER G 187 40.72 26.15 -14.10
N LYS G 188 41.09 27.40 -13.80
CA LYS G 188 41.60 28.29 -14.84
C LYS G 188 42.93 27.77 -15.38
N ALA G 189 43.81 27.31 -14.51
CA ALA G 189 45.10 26.80 -14.95
C ALA G 189 44.96 25.51 -15.76
N ASP G 190 44.12 24.59 -15.27
CA ASP G 190 43.98 23.30 -15.94
C ASP G 190 43.29 23.41 -17.29
N TYR G 191 42.44 24.43 -17.48
CA TYR G 191 41.81 24.60 -18.78
C TYR G 191 42.82 25.11 -19.80
N GLU G 192 43.74 25.99 -19.39
CA GLU G 192 44.73 26.50 -20.32
C GLU G 192 45.78 25.47 -20.70
N LYS G 193 45.90 24.38 -19.93
CA LYS G 193 46.92 23.38 -20.20
C LYS G 193 46.53 22.41 -21.32
N HIS G 194 45.34 22.55 -21.90
CA HIS G 194 44.87 21.61 -22.91
C HIS G 194 44.20 22.38 -24.04
N LYS G 195 43.92 21.65 -25.12
CA LYS G 195 43.39 22.26 -26.34
C LYS G 195 42.12 21.57 -26.83
N VAL G 196 42.14 20.24 -26.85
CA VAL G 196 41.01 19.46 -27.38
C VAL G 196 40.10 19.06 -26.23
N TYR G 197 38.82 19.42 -26.33
CA TYR G 197 37.79 19.03 -25.38
C TYR G 197 36.65 18.39 -26.14
N ALA G 198 36.35 17.13 -25.80
CA ALA G 198 35.34 16.36 -26.51
C ALA G 198 34.34 15.75 -25.52
N CYS G 199 33.11 15.59 -25.98
CA CYS G 199 32.04 14.99 -25.20
C CYS G 199 31.45 13.83 -25.99
N GLU G 200 31.56 12.61 -25.44
CA GLU G 200 31.07 11.41 -26.10
C GLU G 200 29.70 11.05 -25.54
N VAL G 201 28.75 10.75 -26.43
CA VAL G 201 27.38 10.41 -26.06
C VAL G 201 27.06 9.04 -26.65
N THR G 202 26.73 8.10 -25.78
CA THR G 202 26.32 6.75 -26.20
C THR G 202 24.87 6.53 -25.82
N HIS G 203 23.99 6.52 -26.82
CA HIS G 203 22.57 6.27 -26.61
C HIS G 203 22.13 5.20 -27.60
N GLN G 204 21.13 4.41 -27.19
CA GLN G 204 20.66 3.33 -28.05
C GLN G 204 20.05 3.84 -29.34
N GLY G 205 19.57 5.08 -29.37
CA GLY G 205 19.03 5.68 -30.57
C GLY G 205 20.04 6.11 -31.60
N LEU G 206 21.33 6.00 -31.30
CA LEU G 206 22.39 6.34 -32.23
C LEU G 206 23.13 5.08 -32.66
N SER G 207 23.45 5.01 -33.95
CA SER G 207 24.15 3.85 -34.48
C SER G 207 25.52 3.68 -33.81
N SER G 208 26.21 4.77 -33.57
CA SER G 208 27.52 4.77 -32.94
C SER G 208 27.60 5.95 -31.97
N PRO G 209 28.43 5.83 -30.93
CA PRO G 209 28.60 6.95 -29.99
C PRO G 209 29.11 8.20 -30.71
N VAL G 210 28.29 9.23 -30.70
CA VAL G 210 28.63 10.49 -31.38
C VAL G 210 29.49 11.35 -30.46
N THR G 211 30.51 11.98 -31.04
CA THR G 211 31.45 12.82 -30.30
C THR G 211 31.40 14.24 -30.86
N LYS G 212 31.09 15.19 -29.99
CA LYS G 212 31.12 16.62 -30.32
C LYS G 212 32.27 17.25 -29.55
N SER G 213 33.08 18.06 -30.23
CA SER G 213 34.27 18.61 -29.63
C SER G 213 34.45 20.06 -30.05
N PHE G 214 35.43 20.71 -29.42
CA PHE G 214 35.82 22.07 -29.78
C PHE G 214 37.25 22.29 -29.35
N ASN G 215 37.96 23.15 -30.08
CA ASN G 215 39.34 23.50 -29.78
C ASN G 215 39.39 24.89 -29.17
N ARG G 216 40.24 25.05 -28.16
CA ARG G 216 40.33 26.31 -27.45
C ARG G 216 40.97 27.38 -28.33
N GLY G 217 40.35 28.56 -28.37
CA GLY G 217 40.85 29.66 -29.16
C GLY G 217 39.76 30.48 -29.81
N GLN H 1 -13.12 33.85 -7.76
CA GLN H 1 -13.21 32.82 -6.73
C GLN H 1 -12.15 33.01 -5.64
N VAL H 2 -12.17 32.13 -4.64
CA VAL H 2 -11.24 32.19 -3.52
C VAL H 2 -9.88 31.66 -3.93
N GLN H 3 -8.83 32.41 -3.60
CA GLN H 3 -7.45 32.00 -3.86
C GLN H 3 -6.70 31.93 -2.54
N LEU H 4 -5.84 30.93 -2.40
CA LEU H 4 -5.05 30.73 -1.19
C LEU H 4 -3.61 31.12 -1.49
N GLN H 5 -3.18 32.25 -0.95
CA GLN H 5 -1.85 32.80 -1.19
C GLN H 5 -0.98 32.52 0.03
N GLN H 6 0.04 31.69 -0.15
CA GLN H 6 0.89 31.27 0.95
C GLN H 6 2.06 32.25 1.11
N SER H 7 2.92 31.97 2.10
CA SER H 7 4.07 32.81 2.38
C SER H 7 5.17 32.58 1.32
N GLY H 8 6.18 33.43 1.36
CA GLY H 8 7.29 33.31 0.44
C GLY H 8 8.33 32.32 0.91
N ALA H 9 9.46 32.30 0.18
CA ALA H 9 10.54 31.39 0.52
C ALA H 9 11.16 31.77 1.86
N GLU H 10 11.93 30.83 2.41
CA GLU H 10 12.51 31.05 3.72
C GLU H 10 13.79 30.24 3.86
N LEU H 11 14.75 30.80 4.61
CA LEU H 11 15.97 30.10 5.00
C LEU H 11 16.22 30.41 6.48
N MET H 12 16.21 29.38 7.31
CA MET H 12 16.37 29.54 8.75
C MET H 12 17.37 28.52 9.27
N ASN H 13 18.18 28.96 10.24
CA ASN H 13 19.22 28.10 10.79
C ASN H 13 18.62 26.96 11.60
N PRO H 14 19.30 25.82 11.67
CA PRO H 14 18.76 24.67 12.40
C PRO H 14 18.63 24.97 13.89
N GLY H 15 17.73 24.23 14.55
CA GLY H 15 17.39 24.49 15.93
C GLY H 15 16.42 25.63 16.15
N ALA H 16 16.27 26.53 15.18
CA ALA H 16 15.40 27.69 15.32
C ALA H 16 13.94 27.37 14.98
N SER H 17 13.19 28.39 14.57
CA SER H 17 11.79 28.24 14.24
C SER H 17 11.43 29.20 13.11
N VAL H 18 10.25 28.97 12.51
CA VAL H 18 9.77 29.81 11.41
C VAL H 18 8.25 29.65 11.33
N LYS H 19 7.57 30.75 11.02
CA LYS H 19 6.13 30.78 10.88
C LYS H 19 5.76 31.32 9.50
N ILE H 20 5.04 30.51 8.72
CA ILE H 20 4.60 30.88 7.37
C ILE H 20 3.09 31.09 7.38
N SER H 21 2.61 31.92 6.46
CA SER H 21 1.23 32.32 6.41
C SER H 21 0.50 31.62 5.26
N CYS H 22 -0.83 31.81 5.23
CA CYS H 22 -1.74 31.25 4.22
C CYS H 22 -2.97 32.15 4.17
N LYS H 23 -2.80 33.33 3.58
CA LYS H 23 -3.88 34.31 3.53
C LYS H 23 -5.04 33.80 2.68
N SER H 24 -6.20 33.61 3.31
CA SER H 24 -7.40 33.07 2.66
C SER H 24 -8.52 34.08 2.78
N THR H 25 -8.93 34.67 1.65
CA THR H 25 -10.10 35.54 1.60
C THR H 25 -11.30 34.75 1.06
N GLY H 26 -12.36 35.45 0.69
CA GLY H 26 -13.51 34.82 0.06
C GLY H 26 -14.52 34.36 1.09
N TYR H 27 -14.98 33.11 0.93
CA TYR H 27 -16.07 32.58 1.72
C TYR H 27 -15.62 32.46 3.17
N LYS H 28 -16.30 33.19 4.07
CA LYS H 28 -15.93 33.24 5.48
C LYS H 28 -15.52 31.86 5.99
N PHE H 29 -14.24 31.73 6.35
CA PHE H 29 -13.66 30.48 6.82
C PHE H 29 -13.77 30.27 8.33
N SER H 30 -14.76 30.85 8.98
CA SER H 30 -14.82 30.66 10.42
C SER H 30 -15.47 29.33 10.79
N SER H 31 -15.85 28.53 9.78
CA SER H 31 -16.52 27.25 9.99
C SER H 31 -16.02 26.14 9.09
N TYR H 32 -15.09 26.41 8.18
CA TYR H 32 -14.56 25.39 7.28
C TYR H 32 -13.08 25.18 7.55
N TRP H 33 -12.68 23.92 7.70
CA TRP H 33 -11.32 23.57 8.03
C TRP H 33 -10.32 24.00 6.97
N ILE H 34 -9.12 24.37 7.45
CA ILE H 34 -7.95 24.63 6.62
C ILE H 34 -6.83 23.74 7.12
N GLU H 35 -6.25 22.94 6.22
CA GLU H 35 -5.25 21.95 6.57
C GLU H 35 -3.90 22.30 5.95
N TRP H 36 -2.86 21.60 6.41
CA TRP H 36 -1.49 21.80 5.95
C TRP H 36 -0.88 20.47 5.55
N VAL H 37 -0.15 20.47 4.43
CA VAL H 37 0.48 19.27 3.89
C VAL H 37 1.96 19.55 3.69
N LYS H 38 2.79 18.56 4.03
CA LYS H 38 4.23 18.65 3.90
C LYS H 38 4.73 17.69 2.82
N GLN H 39 5.62 18.18 1.96
CA GLN H 39 6.18 17.37 0.87
C GLN H 39 7.69 17.55 0.84
N ARG H 40 8.42 16.52 1.25
CA ARG H 40 9.86 16.52 1.04
C ARG H 40 10.13 16.48 -0.46
N PRO H 41 11.30 16.97 -0.89
CA PRO H 41 11.68 16.81 -2.30
C PRO H 41 11.74 15.36 -2.74
N GLY H 42 11.80 14.41 -1.81
CA GLY H 42 11.83 13.00 -2.16
C GLY H 42 10.47 12.42 -2.44
N HIS H 43 9.62 13.20 -3.12
CA HIS H 43 8.31 12.79 -3.62
C HIS H 43 7.38 12.25 -2.52
N GLY H 44 7.68 12.50 -1.26
CA GLY H 44 6.81 12.01 -0.20
C GLY H 44 5.78 13.04 0.21
N LEU H 45 4.50 12.70 0.07
CA LEU H 45 3.40 13.58 0.50
C LEU H 45 2.87 13.11 1.85
N GLU H 46 2.91 13.99 2.84
CA GLU H 46 2.50 13.68 4.21
C GLU H 46 1.51 14.73 4.71
N TRP H 47 0.39 14.27 5.25
CA TRP H 47 -0.61 15.16 5.81
C TRP H 47 -0.20 15.55 7.22
N MET H 48 -0.12 16.86 7.48
CA MET H 48 0.33 17.35 8.79
C MET H 48 -0.83 17.57 9.76
N GLY H 49 -1.60 18.63 9.57
CA GLY H 49 -2.69 18.90 10.49
C GLY H 49 -3.62 19.96 9.92
N GLU H 50 -4.65 20.28 10.70
CA GLU H 50 -5.65 21.27 10.33
C GLU H 50 -6.05 22.07 11.55
N ILE H 51 -6.89 23.08 11.33
CA ILE H 51 -7.39 23.93 12.42
C ILE H 51 -8.72 24.52 11.99
N LEU H 52 -9.69 24.54 12.91
CA LEU H 52 -10.97 25.18 12.67
C LEU H 52 -10.86 26.63 13.13
N PRO H 53 -10.87 27.60 12.21
CA PRO H 53 -10.48 28.96 12.63
C PRO H 53 -11.45 29.59 13.62
N GLY H 54 -12.76 29.54 13.37
CA GLY H 54 -13.72 30.19 14.26
C GLY H 54 -13.67 29.69 15.69
N SER H 55 -13.21 28.46 15.92
CA SER H 55 -13.09 27.93 17.28
C SER H 55 -11.66 27.81 17.78
N GLY H 56 -10.67 27.79 16.88
CA GLY H 56 -9.31 27.50 17.26
C GLY H 56 -9.02 26.04 17.53
N SER H 57 -10.03 25.18 17.53
CA SER H 57 -9.86 23.76 17.80
C SER H 57 -8.95 23.11 16.75
N THR H 58 -7.79 22.63 17.21
CA THR H 58 -6.79 22.03 16.33
C THR H 58 -6.98 20.52 16.20
N ASN H 59 -6.17 19.91 15.33
CA ASN H 59 -6.29 18.50 14.98
C ASN H 59 -4.99 18.06 14.34
N HIS H 60 -4.26 17.13 14.97
CA HIS H 60 -2.88 16.87 14.60
C HIS H 60 -2.65 15.42 14.18
N ASN H 61 -1.53 15.23 13.46
CA ASN H 61 -0.94 13.94 13.19
C ASN H 61 0.12 13.68 14.25
N GLU H 62 0.27 12.43 14.66
CA GLU H 62 1.18 12.13 15.76
C GLU H 62 2.64 12.40 15.41
N LYS H 63 2.99 12.46 14.13
CA LYS H 63 4.37 12.74 13.74
C LYS H 63 4.75 14.18 14.03
N PHE H 64 3.83 15.12 13.79
CA PHE H 64 4.07 16.54 13.99
C PHE H 64 3.38 17.09 15.22
N LYS H 65 3.01 16.23 16.17
CA LYS H 65 2.29 16.70 17.35
C LYS H 65 3.16 17.59 18.23
N GLY H 66 4.45 17.31 18.29
CA GLY H 66 5.38 18.14 19.05
C GLY H 66 6.32 18.91 18.14
N LYS H 67 5.86 19.21 16.93
CA LYS H 67 6.68 19.88 15.92
C LYS H 67 5.94 20.92 15.10
N ALA H 68 4.62 21.06 15.22
CA ALA H 68 3.86 22.01 14.42
C ALA H 68 2.78 22.65 15.26
N ILE H 69 2.65 23.97 15.15
CA ILE H 69 1.65 24.74 15.87
C ILE H 69 0.82 25.51 14.86
N PHE H 70 -0.50 25.34 14.92
CA PHE H 70 -1.44 25.98 14.00
C PHE H 70 -2.22 27.06 14.72
N THR H 71 -2.34 28.22 14.08
CA THR H 71 -3.14 29.32 14.59
C THR H 71 -3.90 29.94 13.43
N ALA H 72 -4.87 30.79 13.77
CA ALA H 72 -5.65 31.50 12.77
C ALA H 72 -6.36 32.66 13.44
N ASP H 73 -6.51 33.75 12.70
CA ASP H 73 -7.14 34.95 13.21
C ASP H 73 -8.40 35.26 12.40
N ALA H 74 -9.52 35.42 13.11
CA ALA H 74 -10.77 35.80 12.46
C ALA H 74 -10.87 37.29 12.21
N SER H 75 -10.03 38.10 12.87
CA SER H 75 -10.04 39.55 12.64
C SER H 75 -9.63 39.89 11.20
N SER H 76 -8.45 39.42 10.79
CA SER H 76 -8.10 39.45 9.38
C SER H 76 -8.58 38.14 8.76
N ASN H 77 -7.94 37.69 7.68
CA ASN H 77 -8.35 36.49 6.97
C ASN H 77 -7.12 35.63 6.66
N THR H 78 -6.39 35.24 7.70
CA THR H 78 -5.15 34.49 7.52
C THR H 78 -5.04 33.40 8.58
N ALA H 79 -4.38 32.31 8.20
CA ALA H 79 -4.02 31.24 9.12
C ALA H 79 -2.52 31.00 9.02
N TYR H 80 -1.92 30.57 10.14
CA TYR H 80 -0.47 30.44 10.24
C TYR H 80 -0.10 29.04 10.72
N MET H 81 1.16 28.70 10.51
CA MET H 81 1.75 27.46 11.02
C MET H 81 3.19 27.73 11.44
N GLU H 82 3.57 27.20 12.59
CA GLU H 82 4.90 27.40 13.14
C GLU H 82 5.59 26.06 13.34
N LEU H 83 6.89 26.02 13.02
CA LEU H 83 7.70 24.81 13.11
C LEU H 83 8.74 24.96 14.20
N SER H 84 8.81 23.99 15.11
CA SER H 84 9.71 24.03 16.26
C SER H 84 10.86 23.05 16.06
N SER H 85 12.03 23.44 16.54
CA SER H 85 13.24 22.62 16.50
C SER H 85 13.53 22.13 15.07
N LEU H 86 13.90 23.10 14.23
CA LEU H 86 14.17 22.81 12.84
C LEU H 86 15.40 21.93 12.69
N THR H 87 15.25 20.82 11.99
CA THR H 87 16.34 19.91 11.66
C THR H 87 16.44 19.79 10.14
N SER H 88 17.34 18.91 9.69
CA SER H 88 17.47 18.65 8.26
C SER H 88 16.26 17.90 7.72
N GLU H 89 15.50 17.21 8.59
CA GLU H 89 14.33 16.48 8.15
C GLU H 89 13.23 17.43 7.67
N ASP H 90 13.20 18.64 8.20
CA ASP H 90 12.14 19.60 7.94
C ASP H 90 12.36 20.44 6.70
N SER H 91 13.44 20.22 5.96
CA SER H 91 13.65 20.92 4.69
C SER H 91 12.71 20.34 3.65
N ALA H 92 11.61 21.04 3.36
CA ALA H 92 10.60 20.56 2.44
C ALA H 92 9.76 21.73 1.97
N VAL H 93 8.70 21.45 1.21
CA VAL H 93 7.71 22.43 0.80
C VAL H 93 6.41 22.16 1.54
N TYR H 94 5.77 23.21 2.03
CA TYR H 94 4.59 23.11 2.88
C TYR H 94 3.42 23.80 2.21
N TYR H 95 2.34 23.04 1.97
CA TYR H 95 1.12 23.56 1.35
C TYR H 95 0.01 23.71 2.39
N CYS H 96 -0.86 24.69 2.17
CA CYS H 96 -2.12 24.80 2.90
C CYS H 96 -3.27 24.56 1.94
N ALA H 97 -4.30 23.88 2.44
CA ALA H 97 -5.43 23.47 1.60
C ALA H 97 -6.73 23.69 2.36
N ARG H 98 -7.71 24.25 1.66
CA ARG H 98 -9.07 24.39 2.15
C ARG H 98 -10.00 23.61 1.25
N THR H 99 -11.10 23.13 1.81
CA THR H 99 -12.03 22.32 1.02
C THR H 99 -13.45 22.50 1.56
N ILE H 100 -14.40 22.65 0.64
CA ILE H 100 -15.79 22.94 0.97
C ILE H 100 -16.68 21.97 0.21
N SER H 101 -17.59 21.31 0.92
CA SER H 101 -18.40 20.25 0.33
C SER H 101 -19.72 20.77 -0.22
N THR H 102 -20.43 21.62 0.55
CA THR H 102 -21.75 22.11 0.20
C THR H 102 -22.70 20.97 -0.12
N ALA H 103 -23.75 21.26 -0.88
CA ALA H 103 -24.71 20.23 -1.28
C ALA H 103 -24.72 19.99 -2.78
N THR H 104 -24.65 21.04 -3.58
CA THR H 104 -24.53 20.93 -5.04
C THR H 104 -23.13 21.39 -5.42
N ASP H 105 -22.33 20.46 -5.95
CA ASP H 105 -20.96 20.70 -6.37
C ASP H 105 -20.07 21.00 -5.16
N TRP H 106 -18.77 21.12 -5.38
CA TRP H 106 -17.82 21.17 -4.26
C TRP H 106 -16.51 21.79 -4.74
N PHE H 107 -15.95 22.72 -3.96
CA PHE H 107 -14.70 23.38 -4.30
C PHE H 107 -13.61 23.00 -3.30
N ALA H 108 -12.37 22.98 -3.79
CA ALA H 108 -11.21 22.66 -2.95
C ALA H 108 -10.03 23.48 -3.45
N TYR H 109 -9.48 24.32 -2.57
CA TYR H 109 -8.42 25.26 -2.92
C TYR H 109 -7.10 24.88 -2.27
N TRP H 110 -6.00 25.28 -2.91
CA TRP H 110 -4.66 25.00 -2.43
C TRP H 110 -3.80 26.26 -2.51
N GLY H 111 -2.69 26.24 -1.76
CA GLY H 111 -1.72 27.30 -1.81
C GLY H 111 -0.55 26.94 -2.71
N GLN H 112 0.18 27.99 -3.15
CA GLN H 112 1.30 27.76 -4.05
C GLN H 112 2.41 26.94 -3.41
N GLY H 113 2.58 27.07 -2.12
CA GLY H 113 3.62 26.34 -1.43
C GLY H 113 4.72 27.26 -0.95
N THR H 114 5.29 26.93 0.20
CA THR H 114 6.38 27.69 0.79
C THR H 114 7.58 26.76 0.97
N LEU H 115 8.72 27.17 0.41
CA LEU H 115 9.94 26.38 0.50
C LEU H 115 10.67 26.74 1.79
N VAL H 116 10.96 25.73 2.60
CA VAL H 116 11.67 25.89 3.86
C VAL H 116 12.98 25.11 3.76
N THR H 117 14.10 25.83 3.82
CA THR H 117 15.42 25.23 3.74
C THR H 117 16.11 25.40 5.10
N VAL H 118 16.58 24.29 5.66
CA VAL H 118 17.24 24.29 6.96
C VAL H 118 18.72 24.04 6.72
N SER H 119 19.52 25.09 6.89
CA SER H 119 20.96 25.02 6.68
C SER H 119 21.61 26.16 7.46
N ALA H 120 22.92 26.28 7.30
CA ALA H 120 23.69 27.34 7.96
C ALA H 120 24.37 28.25 6.96
N ALA H 121 25.42 27.78 6.29
CA ALA H 121 26.17 28.61 5.34
C ALA H 121 25.51 28.61 3.97
N SER H 122 23.54 31.10 4.73
CA SER H 122 24.04 32.38 4.26
C SER H 122 23.67 32.59 2.79
N THR H 123 22.93 33.66 2.53
CA THR H 123 22.47 33.94 1.17
C THR H 123 23.61 34.45 0.31
N LYS H 124 23.73 33.92 -0.90
CA LYS H 124 24.78 34.30 -1.84
C LYS H 124 24.17 34.51 -3.22
N GLY H 125 24.56 35.62 -3.86
CA GLY H 125 24.05 35.94 -5.18
C GLY H 125 24.63 35.03 -6.24
N PRO H 126 23.87 34.80 -7.30
CA PRO H 126 24.32 33.90 -8.36
C PRO H 126 25.23 34.60 -9.36
N SER H 127 25.95 33.77 -10.12
CA SER H 127 26.80 34.23 -11.21
C SER H 127 26.21 33.68 -12.51
N VAL H 128 26.00 34.57 -13.48
CA VAL H 128 25.37 34.21 -14.75
C VAL H 128 26.41 34.31 -15.86
N PHE H 129 26.62 33.20 -16.58
CA PHE H 129 27.58 33.14 -17.67
C PHE H 129 26.87 32.61 -18.92
N PRO H 130 27.08 33.22 -20.08
CA PRO H 130 26.38 32.77 -21.29
C PRO H 130 26.98 31.51 -21.88
N LEU H 131 26.15 30.82 -22.65
CA LEU H 131 26.55 29.63 -23.41
C LEU H 131 26.45 29.99 -24.88
N ALA H 132 27.58 30.35 -25.48
CA ALA H 132 27.58 30.82 -26.86
C ALA H 132 27.30 29.66 -27.81
N PRO H 133 26.51 29.88 -28.86
CA PRO H 133 26.22 28.79 -29.80
C PRO H 133 27.40 28.48 -30.69
N SER H 134 27.41 27.25 -31.22
CA SER H 134 28.46 26.80 -32.12
C SER H 134 28.05 27.02 -33.58
N SER H 139 27.47 25.06 -36.14
CA SER H 139 26.45 24.15 -35.62
C SER H 139 25.74 23.44 -36.76
N GLY H 140 24.42 23.26 -36.62
CA GLY H 140 23.64 22.59 -37.65
C GLY H 140 22.43 23.39 -38.07
N GLY H 141 21.40 22.72 -38.60
CA GLY H 141 20.18 23.40 -38.96
C GLY H 141 19.48 24.06 -37.79
N THR H 142 19.82 23.67 -36.57
CA THR H 142 19.30 24.27 -35.35
C THR H 142 20.47 24.63 -34.45
N ALA H 143 20.42 25.82 -33.87
CA ALA H 143 21.45 26.29 -32.96
C ALA H 143 20.95 26.23 -31.52
N ALA H 144 21.83 25.82 -30.61
CA ALA H 144 21.51 25.72 -29.20
C ALA H 144 22.26 26.78 -28.42
N LEU H 145 21.59 27.41 -27.46
CA LEU H 145 22.20 28.46 -26.64
C LEU H 145 21.49 28.50 -25.30
N GLY H 146 22.19 28.96 -24.28
CA GLY H 146 21.59 29.01 -22.96
C GLY H 146 22.39 29.85 -22.00
N CYS H 147 21.98 29.80 -20.74
CA CYS H 147 22.63 30.52 -19.64
C CYS H 147 23.03 29.55 -18.55
N LEU H 148 24.07 29.91 -17.81
CA LEU H 148 24.60 29.09 -16.72
C LEU H 148 24.53 29.88 -15.43
N VAL H 149 23.70 29.41 -14.50
CA VAL H 149 23.55 30.03 -13.18
C VAL H 149 24.40 29.20 -12.22
N LYS H 150 25.59 29.71 -11.90
CA LYS H 150 26.56 28.99 -11.09
C LYS H 150 26.77 29.70 -9.75
N ASP H 151 27.01 28.89 -8.71
CA ASP H 151 27.37 29.36 -7.38
C ASP H 151 26.28 30.25 -6.77
N TYR H 152 25.25 29.63 -6.20
CA TYR H 152 24.20 30.38 -5.51
C TYR H 152 23.59 29.48 -4.44
N PHE H 153 22.94 30.13 -3.46
CA PHE H 153 22.32 29.43 -2.35
C PHE H 153 21.36 30.39 -1.66
N PRO H 154 20.15 29.95 -1.28
CA PRO H 154 19.62 28.61 -1.55
C PRO H 154 18.72 28.59 -2.78
N GLU H 155 18.03 27.47 -3.01
CA GLU H 155 17.04 27.40 -4.06
C GLU H 155 15.82 28.23 -3.67
N PRO H 156 15.01 28.64 -4.67
CA PRO H 156 15.15 28.39 -6.10
C PRO H 156 15.52 29.62 -6.91
N VAL H 157 15.60 29.44 -8.23
CA VAL H 157 15.78 30.52 -9.18
C VAL H 157 14.80 30.33 -10.32
N THR H 158 14.28 31.43 -10.85
CA THR H 158 13.32 31.42 -11.95
C THR H 158 13.99 32.00 -13.19
N VAL H 159 13.97 31.23 -14.27
CA VAL H 159 14.64 31.60 -15.52
C VAL H 159 13.59 31.73 -16.61
N SER H 160 13.50 32.91 -17.22
CA SER H 160 12.63 33.16 -18.35
C SER H 160 13.44 33.81 -19.48
N TRP H 161 12.96 33.62 -20.71
CA TRP H 161 13.66 34.11 -21.89
C TRP H 161 12.81 35.17 -22.58
N ASN H 162 13.43 36.30 -22.91
CA ASN H 162 12.74 37.43 -23.55
C ASN H 162 11.58 37.93 -22.69
N SER H 163 11.78 37.91 -21.37
CA SER H 163 10.75 38.31 -20.40
C SER H 163 9.47 37.50 -20.59
N GLY H 164 9.63 36.22 -20.91
CA GLY H 164 8.50 35.31 -21.11
C GLY H 164 8.02 35.17 -22.53
N ALA H 165 8.64 35.85 -23.49
CA ALA H 165 8.21 35.77 -24.88
C ALA H 165 8.67 34.49 -25.56
N LEU H 166 9.65 33.79 -24.98
CA LEU H 166 10.17 32.54 -25.54
C LEU H 166 10.00 31.43 -24.52
N THR H 167 9.20 30.42 -24.87
CA THR H 167 8.94 29.29 -23.98
C THR H 167 9.14 27.98 -24.71
N SER H 168 8.87 27.96 -26.00
CA SER H 168 8.96 26.72 -26.78
C SER H 168 10.42 26.32 -26.99
N GLY H 169 10.73 25.06 -26.69
CA GLY H 169 12.06 24.54 -26.83
C GLY H 169 13.00 24.81 -25.67
N VAL H 170 12.54 25.50 -24.64
CA VAL H 170 13.38 25.82 -23.49
C VAL H 170 13.38 24.66 -22.52
N HIS H 171 14.54 24.38 -21.92
CA HIS H 171 14.68 23.31 -20.93
C HIS H 171 15.57 23.82 -19.81
N THR H 172 14.95 24.15 -18.68
CA THR H 172 15.67 24.58 -17.48
C THR H 172 15.91 23.37 -16.59
N PHE H 173 17.17 23.01 -16.41
CA PHE H 173 17.49 21.80 -15.68
C PHE H 173 17.42 22.03 -14.17
N PRO H 174 17.01 21.02 -13.41
CA PRO H 174 17.02 21.16 -11.95
C PRO H 174 18.44 21.36 -11.45
N ALA H 175 18.55 22.07 -10.33
CA ALA H 175 19.87 22.39 -9.79
C ALA H 175 20.50 21.16 -9.15
N VAL H 176 21.80 21.01 -9.36
CA VAL H 176 22.61 19.99 -8.70
C VAL H 176 23.45 20.69 -7.64
N LEU H 177 23.66 20.00 -6.52
CA LEU H 177 24.39 20.57 -5.40
C LEU H 177 25.87 20.23 -5.55
N GLN H 178 26.68 21.26 -5.79
CA GLN H 178 28.11 21.07 -5.97
C GLN H 178 28.77 20.74 -4.64
N SER H 179 30.07 20.44 -4.69
CA SER H 179 30.82 20.15 -3.48
C SER H 179 31.02 21.39 -2.61
N SER H 180 30.87 22.58 -3.18
CA SER H 180 31.04 23.82 -2.44
C SER H 180 29.81 24.23 -1.65
N GLY H 181 28.73 23.45 -1.71
CA GLY H 181 27.53 23.83 -1.00
C GLY H 181 26.67 24.84 -1.72
N LEU H 182 26.95 25.13 -2.98
CA LEU H 182 26.19 26.07 -3.78
C LEU H 182 25.48 25.35 -4.92
N TYR H 183 24.29 25.85 -5.26
CA TYR H 183 23.54 25.26 -6.36
C TYR H 183 24.05 25.77 -7.70
N SER H 184 23.75 25.03 -8.76
CA SER H 184 24.19 25.39 -10.10
C SER H 184 23.32 24.67 -11.11
N LEU H 185 22.69 25.42 -12.02
CA LEU H 185 21.86 24.83 -13.05
C LEU H 185 22.12 25.56 -14.36
N SER H 186 21.49 25.05 -15.42
CA SER H 186 21.62 25.60 -16.76
C SER H 186 20.25 25.61 -17.43
N SER H 187 20.03 26.61 -18.28
CA SER H 187 18.77 26.75 -19.01
C SER H 187 19.10 27.07 -20.46
N VAL H 188 18.80 26.15 -21.36
CA VAL H 188 19.10 26.29 -22.77
C VAL H 188 17.80 26.37 -23.57
N VAL H 189 17.93 26.71 -24.85
CA VAL H 189 16.79 26.82 -25.76
C VAL H 189 17.27 26.63 -27.20
N THR H 190 16.60 25.75 -27.94
CA THR H 190 16.96 25.46 -29.33
C THR H 190 16.20 26.39 -30.26
N VAL H 191 16.94 27.20 -31.01
CA VAL H 191 16.34 28.16 -31.93
C VAL H 191 16.90 27.91 -33.33
N PRO H 192 16.17 28.31 -34.37
CA PRO H 192 16.69 28.12 -35.74
C PRO H 192 18.01 28.85 -35.95
N SER H 193 18.85 28.28 -36.81
CA SER H 193 20.18 28.84 -37.02
C SER H 193 20.14 30.15 -37.79
N SER H 194 19.15 30.33 -38.67
CA SER H 194 19.07 31.55 -39.46
C SER H 194 18.60 32.76 -38.65
N SER H 195 18.11 32.54 -37.43
CA SER H 195 17.61 33.61 -36.58
C SER H 195 18.67 34.13 -35.61
N LEU H 196 19.94 33.75 -35.77
CA LEU H 196 20.97 34.17 -34.83
C LEU H 196 21.40 35.62 -35.07
N GLY H 197 21.49 36.03 -36.34
CA GLY H 197 21.90 37.38 -36.65
C GLY H 197 20.81 38.41 -36.64
N THR H 198 19.56 37.97 -36.45
CA THR H 198 18.39 38.85 -36.49
C THR H 198 17.67 38.96 -35.16
N GLN H 199 17.61 37.89 -34.38
CA GLN H 199 16.89 37.86 -33.11
C GLN H 199 17.85 38.04 -31.93
N THR H 200 17.38 38.73 -30.90
CA THR H 200 18.15 38.91 -29.67
C THR H 200 17.59 37.97 -28.59
N TYR H 201 18.50 37.26 -27.91
CA TYR H 201 18.13 36.31 -26.88
C TYR H 201 18.68 36.78 -25.54
N ILE H 202 17.79 36.95 -24.55
CA ILE H 202 18.16 37.39 -23.22
C ILE H 202 17.47 36.49 -22.21
N CYS H 203 18.23 35.89 -21.30
CA CYS H 203 17.66 35.06 -20.24
C CYS H 203 17.47 35.91 -18.99
N ASN H 204 16.32 35.75 -18.35
CA ASN H 204 15.93 36.55 -17.19
C ASN H 204 16.02 35.66 -15.96
N VAL H 205 17.15 35.74 -15.25
CA VAL H 205 17.37 34.99 -14.02
C VAL H 205 16.88 35.81 -12.85
N ASN H 206 16.23 35.13 -11.89
CA ASN H 206 15.71 35.79 -10.69
C ASN H 206 15.95 34.88 -9.50
N HIS H 207 16.73 35.38 -8.54
CA HIS H 207 17.00 34.67 -7.29
C HIS H 207 16.42 35.54 -6.18
N LYS H 208 15.17 35.24 -5.80
CA LYS H 208 14.49 36.06 -4.80
C LYS H 208 15.13 36.06 -3.42
N PRO H 209 15.78 34.97 -2.94
CA PRO H 209 16.46 35.07 -1.64
C PRO H 209 17.51 36.18 -1.55
N SER H 210 18.18 36.53 -2.65
CA SER H 210 19.21 37.56 -2.64
C SER H 210 18.81 38.82 -3.40
N ASN H 211 17.56 38.90 -3.88
CA ASN H 211 17.06 40.06 -4.62
C ASN H 211 17.88 40.34 -5.88
N THR H 212 18.38 39.29 -6.52
CA THR H 212 19.17 39.40 -7.73
C THR H 212 18.29 39.15 -8.95
N LYS H 213 18.38 40.04 -9.93
CA LYS H 213 17.60 39.94 -11.18
C LYS H 213 18.55 40.27 -12.31
N VAL H 214 19.06 39.22 -12.98
CA VAL H 214 20.06 39.37 -14.03
C VAL H 214 19.40 39.13 -15.37
N ASP H 215 19.78 39.93 -16.36
CA ASP H 215 19.34 39.78 -17.75
C ASP H 215 20.59 39.71 -18.62
N LYS H 216 20.95 38.52 -19.06
CA LYS H 216 22.18 38.30 -19.81
C LYS H 216 21.84 38.09 -21.28
N LYS H 217 22.62 38.70 -22.17
CA LYS H 217 22.41 38.58 -23.60
C LYS H 217 23.33 37.50 -24.17
N VAL H 218 22.73 36.54 -24.88
CA VAL H 218 23.48 35.46 -25.52
C VAL H 218 23.73 35.82 -26.97
N GLU H 219 24.98 35.71 -27.40
CA GLU H 219 25.42 36.07 -28.75
C GLU H 219 26.57 35.16 -29.13
N PRO H 220 26.68 34.75 -30.40
CA PRO H 220 27.72 33.85 -30.90
C PRO H 220 29.15 34.35 -30.66
#